data_5LNN
# 
_entry.id   5LNN 
# 
_audit_conform.dict_name       mmcif_pdbx.dic 
_audit_conform.dict_version    5.383 
_audit_conform.dict_location   http://mmcif.pdb.org/dictionaries/ascii/mmcif_pdbx.dic 
# 
loop_
_database_2.database_id 
_database_2.database_code 
_database_2.pdbx_database_accession 
_database_2.pdbx_DOI 
PDB   5LNN         pdb_00005lnn 10.2210/pdb5lnn/pdb 
WWPDB D_1200001044 ?            ?                   
# 
loop_
_pdbx_audit_revision_history.ordinal 
_pdbx_audit_revision_history.data_content_type 
_pdbx_audit_revision_history.major_revision 
_pdbx_audit_revision_history.minor_revision 
_pdbx_audit_revision_history.revision_date 
1 'Structure model' 1 0 2017-09-13 
2 'Structure model' 1 1 2017-11-01 
3 'Structure model' 1 2 2019-07-17 
4 'Structure model' 1 3 2024-01-10 
# 
_pdbx_audit_revision_details.ordinal             1 
_pdbx_audit_revision_details.revision_ordinal    1 
_pdbx_audit_revision_details.data_content_type   'Structure model' 
_pdbx_audit_revision_details.provider            repository 
_pdbx_audit_revision_details.type                'Initial release' 
_pdbx_audit_revision_details.description         ? 
_pdbx_audit_revision_details.details             ? 
# 
loop_
_pdbx_audit_revision_group.ordinal 
_pdbx_audit_revision_group.revision_ordinal 
_pdbx_audit_revision_group.data_content_type 
_pdbx_audit_revision_group.group 
1 2 'Structure model' 'Database references'    
2 3 'Structure model' 'Data collection'        
3 4 'Structure model' 'Data collection'        
4 4 'Structure model' 'Database references'    
5 4 'Structure model' 'Refinement description' 
# 
loop_
_pdbx_audit_revision_category.ordinal 
_pdbx_audit_revision_category.revision_ordinal 
_pdbx_audit_revision_category.data_content_type 
_pdbx_audit_revision_category.category 
1 2 'Structure model' citation                      
2 3 'Structure model' diffrn_source                 
3 4 'Structure model' chem_comp_atom                
4 4 'Structure model' chem_comp_bond                
5 4 'Structure model' database_2                    
6 4 'Structure model' pdbx_initial_refinement_model 
# 
loop_
_pdbx_audit_revision_item.ordinal 
_pdbx_audit_revision_item.revision_ordinal 
_pdbx_audit_revision_item.data_content_type 
_pdbx_audit_revision_item.item 
1 2 'Structure model' '_citation.journal_volume'             
2 2 'Structure model' '_citation.page_first'                 
3 2 'Structure model' '_citation.page_last'                  
4 2 'Structure model' '_citation.title'                      
5 3 'Structure model' '_diffrn_source.pdbx_synchrotron_site' 
6 4 'Structure model' '_database_2.pdbx_DOI'                 
7 4 'Structure model' '_database_2.pdbx_database_accession'  
# 
_pdbx_database_status.status_code                     REL 
_pdbx_database_status.status_code_sf                  REL 
_pdbx_database_status.status_code_mr                  ? 
_pdbx_database_status.entry_id                        5LNN 
_pdbx_database_status.recvd_initial_deposition_date   2016-08-05 
_pdbx_database_status.SG_entry                        N 
_pdbx_database_status.deposit_site                    PDBE 
_pdbx_database_status.process_site                    PDBE 
_pdbx_database_status.status_code_cs                  ? 
_pdbx_database_status.methods_development_category    ? 
_pdbx_database_status.pdb_format_compatible           Y 
_pdbx_database_status.status_code_nmr_data            ? 
# 
loop_
_pdbx_database_related.db_name 
_pdbx_database_related.details 
_pdbx_database_related.db_id 
_pdbx_database_related.content_type 
PDB '3MMN contains the same wt protein in complex with Mg2+'           3MMN unspecified 
PDB '3MM4 contains the same wt protein without Mg2+'                   3MM4 unspecified 
PDB '5F0T contains the same wt protein in complex with Mg2+ and BeF3-' 5F0T unspecified 
# 
loop_
_audit_author.name 
_audit_author.pdbx_ordinal 
'Otrusinova, O.' 1  
'Demo, G.'       2  
'Kaderavek, P.'  3  
'Jansen, S.'     4  
'Jasenakova, Z.' 5  
'Pekarova, B.'   6  
'Janda, L.'      7  
'Wimmerova, M.'  8  
'Hejatko, J.'    9  
'Zidek, L.'      10 
# 
_citation.abstract                  ? 
_citation.abstract_id_CAS           ? 
_citation.book_id_ISBN              ? 
_citation.book_publisher            ? 
_citation.book_publisher_city       ? 
_citation.book_title                ? 
_citation.coordinate_linkage        ? 
_citation.country                   US 
_citation.database_id_Medline       ? 
_citation.details                   ? 
_citation.id                        primary 
_citation.journal_abbrev            'J. Biol. Chem.' 
_citation.journal_id_ASTM           JBCHA3 
_citation.journal_id_CSD            0071 
_citation.journal_id_ISSN           1083-351X 
_citation.journal_full              ? 
_citation.journal_issue             ? 
_citation.journal_volume            292 
_citation.language                  ? 
_citation.page_first                17525 
_citation.page_last                 17540 
_citation.title                     
;Conformational dynamics are a key factor in signaling mediated by the receiver domain of a sensor histidine kinase from Arabidopsis thaliana.
;
_citation.year                      2017 
_citation.database_id_CSD           ? 
_citation.pdbx_database_id_DOI      10.1074/jbc.M117.790212 
_citation.pdbx_database_id_PubMed   28860196 
_citation.unpublished_flag          ? 
# 
loop_
_citation_author.citation_id 
_citation_author.name 
_citation_author.ordinal 
_citation_author.identifier_ORCID 
primary 'Otrusinova, O.'  1  ? 
primary 'Demo, G.'        2  ? 
primary 'Padrta, P.'      3  ? 
primary 'Jasenakova, Z.'  4  ? 
primary 'Pekarova, B.'    5  ? 
primary 'Gelova, Z.'      6  ? 
primary 'Szmitkowska, A.' 7  ? 
primary 'Kaderavek, P.'   8  ? 
primary 'Jansen, S.'      9  ? 
primary 'Zachrdla, M.'    10 ? 
primary 'Klumpler, T.'    11 ? 
primary 'Marek, J.'       12 ? 
primary 'Hritz, J.'       13 ? 
primary 'Janda, L.'       14 ? 
primary 'Iwai, H.'        15 ? 
primary 'Wimmerova, M.'   16 ? 
primary 'Hejatko, J.'     17 ? 
primary 'Zidek, L.'       18 ? 
# 
loop_
_entity.id 
_entity.type 
_entity.src_method 
_entity.pdbx_description 
_entity.formula_weight 
_entity.pdbx_number_of_molecules 
_entity.pdbx_ec 
_entity.pdbx_mutation 
_entity.pdbx_fragment 
_entity.details 
1 polymer man 'Histidine kinase CKI1' 23181.869 1   2.7.13.3 ? 'UNP residues 944-1122' ? 
2 water   nat water                   18.015    137 ?        ? ?                       ? 
# 
_entity_name_com.entity_id   1 
_entity_name_com.name        'Protein CYTOKININ-INDEPENDENT 1' 
# 
_entity_poly.entity_id                      1 
_entity_poly.type                           'polypeptide(L)' 
_entity_poly.nstd_linkage                   no 
_entity_poly.nstd_monomer                   no 
_entity_poly.pdbx_seq_one_letter_code       
;GSSHHHHHHSSGLVPRGSHMASTDSESETRVKSVRTGRKPIGNPEDEQETSKPSDDEFLRGKRVLVVDDNFISRKVATGK
LKKMGVSEVEQCDSGKEALRLVTEGLTQREEQGSVDKLPFDYIFMACQMPEMDGYEATREIRKVEKSYGVRTPIIAVSGH
DPGSEEARETIQAGMDAFLDKSLNQLANVIREIESKRHLEHHHHHH
;
_entity_poly.pdbx_seq_one_letter_code_can   
;GSSHHHHHHSSGLVPRGSHMASTDSESETRVKSVRTGRKPIGNPEDEQETSKPSDDEFLRGKRVLVVDDNFISRKVATGK
LKKMGVSEVEQCDSGKEALRLVTEGLTQREEQGSVDKLPFDYIFMACQMPEMDGYEATREIRKVEKSYGVRTPIIAVSGH
DPGSEEARETIQAGMDAFLDKSLNQLANVIREIESKRHLEHHHHHH
;
_entity_poly.pdbx_strand_id                 A 
_entity_poly.pdbx_target_identifier         ? 
# 
_pdbx_entity_nonpoly.entity_id   2 
_pdbx_entity_nonpoly.name        water 
_pdbx_entity_nonpoly.comp_id     HOH 
# 
loop_
_entity_poly_seq.entity_id 
_entity_poly_seq.num 
_entity_poly_seq.mon_id 
_entity_poly_seq.hetero 
1 1   GLY n 
1 2   SER n 
1 3   SER n 
1 4   HIS n 
1 5   HIS n 
1 6   HIS n 
1 7   HIS n 
1 8   HIS n 
1 9   HIS n 
1 10  SER n 
1 11  SER n 
1 12  GLY n 
1 13  LEU n 
1 14  VAL n 
1 15  PRO n 
1 16  ARG n 
1 17  GLY n 
1 18  SER n 
1 19  HIS n 
1 20  MET n 
1 21  ALA n 
1 22  SER n 
1 23  THR n 
1 24  ASP n 
1 25  SER n 
1 26  GLU n 
1 27  SER n 
1 28  GLU n 
1 29  THR n 
1 30  ARG n 
1 31  VAL n 
1 32  LYS n 
1 33  SER n 
1 34  VAL n 
1 35  ARG n 
1 36  THR n 
1 37  GLY n 
1 38  ARG n 
1 39  LYS n 
1 40  PRO n 
1 41  ILE n 
1 42  GLY n 
1 43  ASN n 
1 44  PRO n 
1 45  GLU n 
1 46  ASP n 
1 47  GLU n 
1 48  GLN n 
1 49  GLU n 
1 50  THR n 
1 51  SER n 
1 52  LYS n 
1 53  PRO n 
1 54  SER n 
1 55  ASP n 
1 56  ASP n 
1 57  GLU n 
1 58  PHE n 
1 59  LEU n 
1 60  ARG n 
1 61  GLY n 
1 62  LYS n 
1 63  ARG n 
1 64  VAL n 
1 65  LEU n 
1 66  VAL n 
1 67  VAL n 
1 68  ASP n 
1 69  ASP n 
1 70  ASN n 
1 71  PHE n 
1 72  ILE n 
1 73  SER n 
1 74  ARG n 
1 75  LYS n 
1 76  VAL n 
1 77  ALA n 
1 78  THR n 
1 79  GLY n 
1 80  LYS n 
1 81  LEU n 
1 82  LYS n 
1 83  LYS n 
1 84  MET n 
1 85  GLY n 
1 86  VAL n 
1 87  SER n 
1 88  GLU n 
1 89  VAL n 
1 90  GLU n 
1 91  GLN n 
1 92  CYS n 
1 93  ASP n 
1 94  SER n 
1 95  GLY n 
1 96  LYS n 
1 97  GLU n 
1 98  ALA n 
1 99  LEU n 
1 100 ARG n 
1 101 LEU n 
1 102 VAL n 
1 103 THR n 
1 104 GLU n 
1 105 GLY n 
1 106 LEU n 
1 107 THR n 
1 108 GLN n 
1 109 ARG n 
1 110 GLU n 
1 111 GLU n 
1 112 GLN n 
1 113 GLY n 
1 114 SER n 
1 115 VAL n 
1 116 ASP n 
1 117 LYS n 
1 118 LEU n 
1 119 PRO n 
1 120 PHE n 
1 121 ASP n 
1 122 TYR n 
1 123 ILE n 
1 124 PHE n 
1 125 MET n 
1 126 ALA n 
1 127 CYS n 
1 128 GLN n 
1 129 MET n 
1 130 PRO n 
1 131 GLU n 
1 132 MET n 
1 133 ASP n 
1 134 GLY n 
1 135 TYR n 
1 136 GLU n 
1 137 ALA n 
1 138 THR n 
1 139 ARG n 
1 140 GLU n 
1 141 ILE n 
1 142 ARG n 
1 143 LYS n 
1 144 VAL n 
1 145 GLU n 
1 146 LYS n 
1 147 SER n 
1 148 TYR n 
1 149 GLY n 
1 150 VAL n 
1 151 ARG n 
1 152 THR n 
1 153 PRO n 
1 154 ILE n 
1 155 ILE n 
1 156 ALA n 
1 157 VAL n 
1 158 SER n 
1 159 GLY n 
1 160 HIS n 
1 161 ASP n 
1 162 PRO n 
1 163 GLY n 
1 164 SER n 
1 165 GLU n 
1 166 GLU n 
1 167 ALA n 
1 168 ARG n 
1 169 GLU n 
1 170 THR n 
1 171 ILE n 
1 172 GLN n 
1 173 ALA n 
1 174 GLY n 
1 175 MET n 
1 176 ASP n 
1 177 ALA n 
1 178 PHE n 
1 179 LEU n 
1 180 ASP n 
1 181 LYS n 
1 182 SER n 
1 183 LEU n 
1 184 ASN n 
1 185 GLN n 
1 186 LEU n 
1 187 ALA n 
1 188 ASN n 
1 189 VAL n 
1 190 ILE n 
1 191 ARG n 
1 192 GLU n 
1 193 ILE n 
1 194 GLU n 
1 195 SER n 
1 196 LYS n 
1 197 ARG n 
1 198 HIS n 
1 199 LEU n 
1 200 GLU n 
1 201 HIS n 
1 202 HIS n 
1 203 HIS n 
1 204 HIS n 
1 205 HIS n 
1 206 HIS n 
# 
_entity_src_gen.entity_id                          1 
_entity_src_gen.pdbx_src_id                        1 
_entity_src_gen.pdbx_alt_source_flag               sample 
_entity_src_gen.pdbx_seq_type                      'Biological sequence' 
_entity_src_gen.pdbx_beg_seq_num                   1 
_entity_src_gen.pdbx_end_seq_num                   206 
_entity_src_gen.gene_src_common_name               'Mouse-ear cress' 
_entity_src_gen.gene_src_genus                     ? 
_entity_src_gen.pdbx_gene_src_gene                 'CKI1, At2g47430, T30B22.27' 
_entity_src_gen.gene_src_species                   ? 
_entity_src_gen.gene_src_strain                    ? 
_entity_src_gen.gene_src_tissue                    ? 
_entity_src_gen.gene_src_tissue_fraction           ? 
_entity_src_gen.gene_src_details                   ? 
_entity_src_gen.pdbx_gene_src_fragment             ? 
_entity_src_gen.pdbx_gene_src_scientific_name      'Arabidopsis thaliana' 
_entity_src_gen.pdbx_gene_src_ncbi_taxonomy_id     3702 
_entity_src_gen.pdbx_gene_src_variant              ? 
_entity_src_gen.pdbx_gene_src_cell_line            ? 
_entity_src_gen.pdbx_gene_src_atcc                 ? 
_entity_src_gen.pdbx_gene_src_organ                ? 
_entity_src_gen.pdbx_gene_src_organelle            ? 
_entity_src_gen.pdbx_gene_src_cell                 ? 
_entity_src_gen.pdbx_gene_src_cellular_location    ? 
_entity_src_gen.host_org_common_name               ? 
_entity_src_gen.pdbx_host_org_scientific_name      
;Escherichia coli 'BL21-Gold(DE3)pLysS AG'
;
_entity_src_gen.pdbx_host_org_ncbi_taxonomy_id     866768 
_entity_src_gen.host_org_genus                     ? 
_entity_src_gen.pdbx_host_org_gene                 ? 
_entity_src_gen.pdbx_host_org_organ                ? 
_entity_src_gen.host_org_species                   ? 
_entity_src_gen.pdbx_host_org_tissue               ? 
_entity_src_gen.pdbx_host_org_tissue_fraction      ? 
_entity_src_gen.pdbx_host_org_strain               ? 
_entity_src_gen.pdbx_host_org_variant              ? 
_entity_src_gen.pdbx_host_org_cell_line            ? 
_entity_src_gen.pdbx_host_org_atcc                 ? 
_entity_src_gen.pdbx_host_org_culture_collection   ? 
_entity_src_gen.pdbx_host_org_cell                 ? 
_entity_src_gen.pdbx_host_org_organelle            ? 
_entity_src_gen.pdbx_host_org_cellular_location    ? 
_entity_src_gen.pdbx_host_org_vector_type          ? 
_entity_src_gen.pdbx_host_org_vector               ? 
_entity_src_gen.host_org_details                   ? 
_entity_src_gen.expression_system_id               ? 
_entity_src_gen.plasmid_name                       ? 
_entity_src_gen.plasmid_details                    ? 
_entity_src_gen.pdbx_description                   ? 
# 
loop_
_chem_comp.id 
_chem_comp.type 
_chem_comp.mon_nstd_flag 
_chem_comp.name 
_chem_comp.pdbx_synonyms 
_chem_comp.formula 
_chem_comp.formula_weight 
ALA 'L-peptide linking' y ALANINE         ? 'C3 H7 N O2'     89.093  
ARG 'L-peptide linking' y ARGININE        ? 'C6 H15 N4 O2 1' 175.209 
ASN 'L-peptide linking' y ASPARAGINE      ? 'C4 H8 N2 O3'    132.118 
ASP 'L-peptide linking' y 'ASPARTIC ACID' ? 'C4 H7 N O4'     133.103 
CYS 'L-peptide linking' y CYSTEINE        ? 'C3 H7 N O2 S'   121.158 
GLN 'L-peptide linking' y GLUTAMINE       ? 'C5 H10 N2 O3'   146.144 
GLU 'L-peptide linking' y 'GLUTAMIC ACID' ? 'C5 H9 N O4'     147.129 
GLY 'peptide linking'   y GLYCINE         ? 'C2 H5 N O2'     75.067  
HIS 'L-peptide linking' y HISTIDINE       ? 'C6 H10 N3 O2 1' 156.162 
HOH non-polymer         . WATER           ? 'H2 O'           18.015  
ILE 'L-peptide linking' y ISOLEUCINE      ? 'C6 H13 N O2'    131.173 
LEU 'L-peptide linking' y LEUCINE         ? 'C6 H13 N O2'    131.173 
LYS 'L-peptide linking' y LYSINE          ? 'C6 H15 N2 O2 1' 147.195 
MET 'L-peptide linking' y METHIONINE      ? 'C5 H11 N O2 S'  149.211 
PHE 'L-peptide linking' y PHENYLALANINE   ? 'C9 H11 N O2'    165.189 
PRO 'L-peptide linking' y PROLINE         ? 'C5 H9 N O2'     115.130 
SER 'L-peptide linking' y SERINE          ? 'C3 H7 N O3'     105.093 
THR 'L-peptide linking' y THREONINE       ? 'C4 H9 N O3'     119.119 
TYR 'L-peptide linking' y TYROSINE        ? 'C9 H11 N O3'    181.189 
VAL 'L-peptide linking' y VALINE          ? 'C5 H11 N O2'    117.146 
# 
loop_
_pdbx_poly_seq_scheme.asym_id 
_pdbx_poly_seq_scheme.entity_id 
_pdbx_poly_seq_scheme.seq_id 
_pdbx_poly_seq_scheme.mon_id 
_pdbx_poly_seq_scheme.ndb_seq_num 
_pdbx_poly_seq_scheme.pdb_seq_num 
_pdbx_poly_seq_scheme.auth_seq_num 
_pdbx_poly_seq_scheme.pdb_mon_id 
_pdbx_poly_seq_scheme.auth_mon_id 
_pdbx_poly_seq_scheme.pdb_strand_id 
_pdbx_poly_seq_scheme.pdb_ins_code 
_pdbx_poly_seq_scheme.hetero 
A 1 1   GLY 1   925  ?    ?   ?   A . n 
A 1 2   SER 2   926  ?    ?   ?   A . n 
A 1 3   SER 3   927  ?    ?   ?   A . n 
A 1 4   HIS 4   928  ?    ?   ?   A . n 
A 1 5   HIS 5   929  ?    ?   ?   A . n 
A 1 6   HIS 6   930  ?    ?   ?   A . n 
A 1 7   HIS 7   931  ?    ?   ?   A . n 
A 1 8   HIS 8   932  ?    ?   ?   A . n 
A 1 9   HIS 9   933  ?    ?   ?   A . n 
A 1 10  SER 10  934  ?    ?   ?   A . n 
A 1 11  SER 11  935  935  SER SER A . n 
A 1 12  GLY 12  936  936  GLY GLY A . n 
A 1 13  LEU 13  937  937  LEU LEU A . n 
A 1 14  VAL 14  938  938  VAL VAL A . n 
A 1 15  PRO 15  939  939  PRO PRO A . n 
A 1 16  ARG 16  940  940  ARG ARG A . n 
A 1 17  GLY 17  941  ?    ?   ?   A . n 
A 1 18  SER 18  942  ?    ?   ?   A . n 
A 1 19  HIS 19  943  ?    ?   ?   A . n 
A 1 20  MET 20  944  ?    ?   ?   A . n 
A 1 21  ALA 21  945  ?    ?   ?   A . n 
A 1 22  SER 22  946  ?    ?   ?   A . n 
A 1 23  THR 23  947  ?    ?   ?   A . n 
A 1 24  ASP 24  948  ?    ?   ?   A . n 
A 1 25  SER 25  949  ?    ?   ?   A . n 
A 1 26  GLU 26  950  ?    ?   ?   A . n 
A 1 27  SER 27  951  ?    ?   ?   A . n 
A 1 28  GLU 28  952  ?    ?   ?   A . n 
A 1 29  THR 29  953  ?    ?   ?   A . n 
A 1 30  ARG 30  954  ?    ?   ?   A . n 
A 1 31  VAL 31  955  ?    ?   ?   A . n 
A 1 32  LYS 32  956  ?    ?   ?   A . n 
A 1 33  SER 33  957  ?    ?   ?   A . n 
A 1 34  VAL 34  958  ?    ?   ?   A . n 
A 1 35  ARG 35  959  ?    ?   ?   A . n 
A 1 36  THR 36  960  ?    ?   ?   A . n 
A 1 37  GLY 37  961  ?    ?   ?   A . n 
A 1 38  ARG 38  962  ?    ?   ?   A . n 
A 1 39  LYS 39  963  ?    ?   ?   A . n 
A 1 40  PRO 40  964  ?    ?   ?   A . n 
A 1 41  ILE 41  965  ?    ?   ?   A . n 
A 1 42  GLY 42  966  ?    ?   ?   A . n 
A 1 43  ASN 43  967  ?    ?   ?   A . n 
A 1 44  PRO 44  968  ?    ?   ?   A . n 
A 1 45  GLU 45  969  ?    ?   ?   A . n 
A 1 46  ASP 46  970  ?    ?   ?   A . n 
A 1 47  GLU 47  971  ?    ?   ?   A . n 
A 1 48  GLN 48  972  ?    ?   ?   A . n 
A 1 49  GLU 49  973  ?    ?   ?   A . n 
A 1 50  THR 50  974  ?    ?   ?   A . n 
A 1 51  SER 51  975  ?    ?   ?   A . n 
A 1 52  LYS 52  976  ?    ?   ?   A . n 
A 1 53  PRO 53  977  ?    ?   ?   A . n 
A 1 54  SER 54  978  978  SER SER A . n 
A 1 55  ASP 55  979  979  ASP ASP A . n 
A 1 56  ASP 56  980  980  ASP ASP A . n 
A 1 57  GLU 57  981  981  GLU GLU A . n 
A 1 58  PHE 58  982  982  PHE PHE A . n 
A 1 59  LEU 59  983  983  LEU LEU A . n 
A 1 60  ARG 60  984  984  ARG ARG A . n 
A 1 61  GLY 61  985  985  GLY GLY A . n 
A 1 62  LYS 62  986  986  LYS LYS A . n 
A 1 63  ARG 63  987  987  ARG ARG A . n 
A 1 64  VAL 64  988  988  VAL VAL A . n 
A 1 65  LEU 65  989  989  LEU LEU A . n 
A 1 66  VAL 66  990  990  VAL VAL A . n 
A 1 67  VAL 67  991  991  VAL VAL A . n 
A 1 68  ASP 68  992  992  ASP ASP A . n 
A 1 69  ASP 69  993  993  ASP ASP A . n 
A 1 70  ASN 70  994  994  ASN ASN A . n 
A 1 71  PHE 71  995  995  PHE PHE A . n 
A 1 72  ILE 72  996  996  ILE ILE A . n 
A 1 73  SER 73  997  997  SER SER A . n 
A 1 74  ARG 74  998  998  ARG ARG A . n 
A 1 75  LYS 75  999  999  LYS LYS A . n 
A 1 76  VAL 76  1000 1000 VAL VAL A . n 
A 1 77  ALA 77  1001 1001 ALA ALA A . n 
A 1 78  THR 78  1002 1002 THR THR A . n 
A 1 79  GLY 79  1003 1003 GLY GLY A . n 
A 1 80  LYS 80  1004 1004 LYS LYS A . n 
A 1 81  LEU 81  1005 1005 LEU LEU A . n 
A 1 82  LYS 82  1006 1006 LYS LYS A . n 
A 1 83  LYS 83  1007 1007 LYS LYS A . n 
A 1 84  MET 84  1008 1008 MET MET A . n 
A 1 85  GLY 85  1009 1009 GLY GLY A . n 
A 1 86  VAL 86  1010 1010 VAL VAL A . n 
A 1 87  SER 87  1011 1011 SER SER A . n 
A 1 88  GLU 88  1012 1012 GLU GLU A . n 
A 1 89  VAL 89  1013 1013 VAL VAL A . n 
A 1 90  GLU 90  1014 1014 GLU GLU A . n 
A 1 91  GLN 91  1015 1015 GLN GLN A . n 
A 1 92  CYS 92  1016 1016 CYS CYS A . n 
A 1 93  ASP 93  1017 1017 ASP ASP A . n 
A 1 94  SER 94  1018 1018 SER SER A . n 
A 1 95  GLY 95  1019 1019 GLY GLY A . n 
A 1 96  LYS 96  1020 1020 LYS LYS A . n 
A 1 97  GLU 97  1021 1021 GLU GLU A . n 
A 1 98  ALA 98  1022 1022 ALA ALA A . n 
A 1 99  LEU 99  1023 1023 LEU LEU A . n 
A 1 100 ARG 100 1024 1024 ARG ARG A . n 
A 1 101 LEU 101 1025 1025 LEU LEU A . n 
A 1 102 VAL 102 1026 1026 VAL VAL A . n 
A 1 103 THR 103 1027 1027 THR THR A . n 
A 1 104 GLU 104 1028 1028 GLU GLU A . n 
A 1 105 GLY 105 1029 1029 GLY GLY A . n 
A 1 106 LEU 106 1030 1030 LEU LEU A . n 
A 1 107 THR 107 1031 1031 THR THR A . n 
A 1 108 GLN 108 1032 1032 GLN GLN A . n 
A 1 109 ARG 109 1033 1033 ARG ARG A . n 
A 1 110 GLU 110 1034 1034 GLU GLU A . n 
A 1 111 GLU 111 1035 1035 GLU GLU A . n 
A 1 112 GLN 112 1036 1036 GLN GLN A . n 
A 1 113 GLY 113 1037 1037 GLY GLY A . n 
A 1 114 SER 114 1038 1038 SER SER A . n 
A 1 115 VAL 115 1039 1039 VAL VAL A . n 
A 1 116 ASP 116 1040 1040 ASP ASP A . n 
A 1 117 LYS 117 1041 1041 LYS LYS A . n 
A 1 118 LEU 118 1042 1042 LEU LEU A . n 
A 1 119 PRO 119 1043 1043 PRO PRO A . n 
A 1 120 PHE 120 1044 1044 PHE PHE A . n 
A 1 121 ASP 121 1045 1045 ASP ASP A . n 
A 1 122 TYR 122 1046 1046 TYR TYR A . n 
A 1 123 ILE 123 1047 1047 ILE ILE A . n 
A 1 124 PHE 124 1048 1048 PHE PHE A . n 
A 1 125 MET 125 1049 1049 MET MET A . n 
A 1 126 ALA 126 1050 1050 ALA ALA A . n 
A 1 127 CYS 127 1051 1051 CYS CYS A . n 
A 1 128 GLN 128 1052 1052 GLN GLN A . n 
A 1 129 MET 129 1053 1053 MET MET A . n 
A 1 130 PRO 130 1054 1054 PRO PRO A . n 
A 1 131 GLU 131 1055 1055 GLU GLU A . n 
A 1 132 MET 132 1056 1056 MET MET A . n 
A 1 133 ASP 133 1057 1057 ASP ASP A . n 
A 1 134 GLY 134 1058 1058 GLY GLY A . n 
A 1 135 TYR 135 1059 1059 TYR TYR A . n 
A 1 136 GLU 136 1060 1060 GLU GLU A . n 
A 1 137 ALA 137 1061 1061 ALA ALA A . n 
A 1 138 THR 138 1062 1062 THR THR A . n 
A 1 139 ARG 139 1063 1063 ARG ARG A . n 
A 1 140 GLU 140 1064 1064 GLU GLU A . n 
A 1 141 ILE 141 1065 1065 ILE ILE A . n 
A 1 142 ARG 142 1066 1066 ARG ARG A . n 
A 1 143 LYS 143 1067 1067 LYS LYS A . n 
A 1 144 VAL 144 1068 1068 VAL VAL A . n 
A 1 145 GLU 145 1069 1069 GLU GLU A . n 
A 1 146 LYS 146 1070 1070 LYS LYS A . n 
A 1 147 SER 147 1071 1071 SER SER A . n 
A 1 148 TYR 148 1072 1072 TYR TYR A . n 
A 1 149 GLY 149 1073 1073 GLY GLY A . n 
A 1 150 VAL 150 1074 1074 VAL VAL A . n 
A 1 151 ARG 151 1075 1075 ARG ARG A . n 
A 1 152 THR 152 1076 1076 THR THR A . n 
A 1 153 PRO 153 1077 1077 PRO PRO A . n 
A 1 154 ILE 154 1078 1078 ILE ILE A . n 
A 1 155 ILE 155 1079 1079 ILE ILE A . n 
A 1 156 ALA 156 1080 1080 ALA ALA A . n 
A 1 157 VAL 157 1081 1081 VAL VAL A . n 
A 1 158 SER 158 1082 1082 SER SER A . n 
A 1 159 GLY 159 1083 1083 GLY GLY A . n 
A 1 160 HIS 160 1084 1084 HIS HIS A . n 
A 1 161 ASP 161 1085 1085 ASP ASP A . n 
A 1 162 PRO 162 1086 1086 PRO PRO A . n 
A 1 163 GLY 163 1087 1087 GLY GLY A . n 
A 1 164 SER 164 1088 1088 SER SER A . n 
A 1 165 GLU 165 1089 1089 GLU GLU A . n 
A 1 166 GLU 166 1090 1090 GLU GLU A . n 
A 1 167 ALA 167 1091 1091 ALA ALA A . n 
A 1 168 ARG 168 1092 1092 ARG ARG A . n 
A 1 169 GLU 169 1093 1093 GLU GLU A . n 
A 1 170 THR 170 1094 1094 THR THR A . n 
A 1 171 ILE 171 1095 1095 ILE ILE A . n 
A 1 172 GLN 172 1096 1096 GLN GLN A . n 
A 1 173 ALA 173 1097 1097 ALA ALA A . n 
A 1 174 GLY 174 1098 1098 GLY GLY A . n 
A 1 175 MET 175 1099 1099 MET MET A . n 
A 1 176 ASP 176 1100 1100 ASP ASP A . n 
A 1 177 ALA 177 1101 1101 ALA ALA A . n 
A 1 178 PHE 178 1102 1102 PHE PHE A . n 
A 1 179 LEU 179 1103 1103 LEU LEU A . n 
A 1 180 ASP 180 1104 1104 ASP ASP A . n 
A 1 181 LYS 181 1105 1105 LYS LYS A . n 
A 1 182 SER 182 1106 1106 SER SER A . n 
A 1 183 LEU 183 1107 1107 LEU LEU A . n 
A 1 184 ASN 184 1108 1108 ASN ASN A . n 
A 1 185 GLN 185 1109 1109 GLN GLN A . n 
A 1 186 LEU 186 1110 1110 LEU LEU A . n 
A 1 187 ALA 187 1111 1111 ALA ALA A . n 
A 1 188 ASN 188 1112 1112 ASN ASN A . n 
A 1 189 VAL 189 1113 1113 VAL VAL A . n 
A 1 190 ILE 190 1114 1114 ILE ILE A . n 
A 1 191 ARG 191 1115 1115 ARG ARG A . n 
A 1 192 GLU 192 1116 1116 GLU GLU A . n 
A 1 193 ILE 193 1117 1117 ILE ILE A . n 
A 1 194 GLU 194 1118 1118 GLU GLU A . n 
A 1 195 SER 195 1119 1119 SER SER A . n 
A 1 196 LYS 196 1120 1120 LYS LYS A . n 
A 1 197 ARG 197 1121 ?    ?   ?   A . n 
A 1 198 HIS 198 1122 ?    ?   ?   A . n 
A 1 199 LEU 199 1123 ?    ?   ?   A . n 
A 1 200 GLU 200 1124 ?    ?   ?   A . n 
A 1 201 HIS 201 1125 ?    ?   ?   A . n 
A 1 202 HIS 202 1126 ?    ?   ?   A . n 
A 1 203 HIS 203 1127 ?    ?   ?   A . n 
A 1 204 HIS 204 1128 ?    ?   ?   A . n 
A 1 205 HIS 205 1129 ?    ?   ?   A . n 
A 1 206 HIS 206 1130 ?    ?   ?   A . n 
# 
loop_
_pdbx_nonpoly_scheme.asym_id 
_pdbx_nonpoly_scheme.entity_id 
_pdbx_nonpoly_scheme.mon_id 
_pdbx_nonpoly_scheme.ndb_seq_num 
_pdbx_nonpoly_scheme.pdb_seq_num 
_pdbx_nonpoly_scheme.auth_seq_num 
_pdbx_nonpoly_scheme.pdb_mon_id 
_pdbx_nonpoly_scheme.auth_mon_id 
_pdbx_nonpoly_scheme.pdb_strand_id 
_pdbx_nonpoly_scheme.pdb_ins_code 
B 2 HOH 1   1201 93  HOH HOH A . 
B 2 HOH 2   1202 17  HOH HOH A . 
B 2 HOH 3   1203 118 HOH HOH A . 
B 2 HOH 4   1204 45  HOH HOH A . 
B 2 HOH 5   1205 14  HOH HOH A . 
B 2 HOH 6   1206 90  HOH HOH A . 
B 2 HOH 7   1207 124 HOH HOH A . 
B 2 HOH 8   1208 91  HOH HOH A . 
B 2 HOH 9   1209 37  HOH HOH A . 
B 2 HOH 10  1210 108 HOH HOH A . 
B 2 HOH 11  1211 12  HOH HOH A . 
B 2 HOH 12  1212 94  HOH HOH A . 
B 2 HOH 13  1213 15  HOH HOH A . 
B 2 HOH 14  1214 77  HOH HOH A . 
B 2 HOH 15  1215 83  HOH HOH A . 
B 2 HOH 16  1216 59  HOH HOH A . 
B 2 HOH 17  1217 135 HOH HOH A . 
B 2 HOH 18  1218 123 HOH HOH A . 
B 2 HOH 19  1219 69  HOH HOH A . 
B 2 HOH 20  1220 4   HOH HOH A . 
B 2 HOH 21  1221 35  HOH HOH A . 
B 2 HOH 22  1222 16  HOH HOH A . 
B 2 HOH 23  1223 105 HOH HOH A . 
B 2 HOH 24  1224 57  HOH HOH A . 
B 2 HOH 25  1225 63  HOH HOH A . 
B 2 HOH 26  1226 27  HOH HOH A . 
B 2 HOH 27  1227 68  HOH HOH A . 
B 2 HOH 28  1228 132 HOH HOH A . 
B 2 HOH 29  1229 7   HOH HOH A . 
B 2 HOH 30  1230 80  HOH HOH A . 
B 2 HOH 31  1231 10  HOH HOH A . 
B 2 HOH 32  1232 28  HOH HOH A . 
B 2 HOH 33  1233 48  HOH HOH A . 
B 2 HOH 34  1234 25  HOH HOH A . 
B 2 HOH 35  1235 46  HOH HOH A . 
B 2 HOH 36  1236 2   HOH HOH A . 
B 2 HOH 37  1237 88  HOH HOH A . 
B 2 HOH 38  1238 24  HOH HOH A . 
B 2 HOH 39  1239 74  HOH HOH A . 
B 2 HOH 40  1240 43  HOH HOH A . 
B 2 HOH 41  1241 137 HOH HOH A . 
B 2 HOH 42  1242 33  HOH HOH A . 
B 2 HOH 43  1243 106 HOH HOH A . 
B 2 HOH 44  1244 26  HOH HOH A . 
B 2 HOH 45  1245 82  HOH HOH A . 
B 2 HOH 46  1246 49  HOH HOH A . 
B 2 HOH 47  1247 67  HOH HOH A . 
B 2 HOH 48  1248 9   HOH HOH A . 
B 2 HOH 49  1249 102 HOH HOH A . 
B 2 HOH 50  1250 54  HOH HOH A . 
B 2 HOH 51  1251 51  HOH HOH A . 
B 2 HOH 52  1252 44  HOH HOH A . 
B 2 HOH 53  1253 56  HOH HOH A . 
B 2 HOH 54  1254 42  HOH HOH A . 
B 2 HOH 55  1255 52  HOH HOH A . 
B 2 HOH 56  1256 64  HOH HOH A . 
B 2 HOH 57  1257 100 HOH HOH A . 
B 2 HOH 58  1258 21  HOH HOH A . 
B 2 HOH 59  1259 76  HOH HOH A . 
B 2 HOH 60  1260 8   HOH HOH A . 
B 2 HOH 61  1261 79  HOH HOH A . 
B 2 HOH 62  1262 22  HOH HOH A . 
B 2 HOH 63  1263 30  HOH HOH A . 
B 2 HOH 64  1264 31  HOH HOH A . 
B 2 HOH 65  1265 136 HOH HOH A . 
B 2 HOH 66  1266 86  HOH HOH A . 
B 2 HOH 67  1267 41  HOH HOH A . 
B 2 HOH 68  1268 115 HOH HOH A . 
B 2 HOH 69  1269 32  HOH HOH A . 
B 2 HOH 70  1270 3   HOH HOH A . 
B 2 HOH 71  1271 61  HOH HOH A . 
B 2 HOH 72  1272 104 HOH HOH A . 
B 2 HOH 73  1273 101 HOH HOH A . 
B 2 HOH 74  1274 99  HOH HOH A . 
B 2 HOH 75  1275 39  HOH HOH A . 
B 2 HOH 76  1276 1   HOH HOH A . 
B 2 HOH 77  1277 29  HOH HOH A . 
B 2 HOH 78  1278 36  HOH HOH A . 
B 2 HOH 79  1279 97  HOH HOH A . 
B 2 HOH 80  1280 117 HOH HOH A . 
B 2 HOH 81  1281 20  HOH HOH A . 
B 2 HOH 82  1282 127 HOH HOH A . 
B 2 HOH 83  1283 53  HOH HOH A . 
B 2 HOH 84  1284 129 HOH HOH A . 
B 2 HOH 85  1285 38  HOH HOH A . 
B 2 HOH 86  1286 47  HOH HOH A . 
B 2 HOH 87  1287 19  HOH HOH A . 
B 2 HOH 88  1288 13  HOH HOH A . 
B 2 HOH 89  1289 85  HOH HOH A . 
B 2 HOH 90  1290 107 HOH HOH A . 
B 2 HOH 91  1291 73  HOH HOH A . 
B 2 HOH 92  1292 75  HOH HOH A . 
B 2 HOH 93  1293 65  HOH HOH A . 
B 2 HOH 94  1294 11  HOH HOH A . 
B 2 HOH 95  1295 84  HOH HOH A . 
B 2 HOH 96  1296 125 HOH HOH A . 
B 2 HOH 97  1297 87  HOH HOH A . 
B 2 HOH 98  1298 40  HOH HOH A . 
B 2 HOH 99  1299 92  HOH HOH A . 
B 2 HOH 100 1300 121 HOH HOH A . 
B 2 HOH 101 1301 5   HOH HOH A . 
B 2 HOH 102 1302 6   HOH HOH A . 
B 2 HOH 103 1303 23  HOH HOH A . 
B 2 HOH 104 1304 110 HOH HOH A . 
B 2 HOH 105 1305 34  HOH HOH A . 
B 2 HOH 106 1306 55  HOH HOH A . 
B 2 HOH 107 1307 18  HOH HOH A . 
B 2 HOH 108 1308 50  HOH HOH A . 
B 2 HOH 109 1309 62  HOH HOH A . 
B 2 HOH 110 1310 89  HOH HOH A . 
B 2 HOH 111 1311 70  HOH HOH A . 
B 2 HOH 112 1312 126 HOH HOH A . 
B 2 HOH 113 1313 133 HOH HOH A . 
B 2 HOH 114 1314 113 HOH HOH A . 
B 2 HOH 115 1315 103 HOH HOH A . 
B 2 HOH 116 1316 60  HOH HOH A . 
B 2 HOH 117 1317 130 HOH HOH A . 
B 2 HOH 118 1318 72  HOH HOH A . 
B 2 HOH 119 1319 78  HOH HOH A . 
B 2 HOH 120 1320 109 HOH HOH A . 
B 2 HOH 121 1321 66  HOH HOH A . 
B 2 HOH 122 1322 134 HOH HOH A . 
B 2 HOH 123 1323 71  HOH HOH A . 
B 2 HOH 124 1324 116 HOH HOH A . 
B 2 HOH 125 1325 111 HOH HOH A . 
B 2 HOH 126 1326 112 HOH HOH A . 
B 2 HOH 127 1327 131 HOH HOH A . 
B 2 HOH 128 1328 120 HOH HOH A . 
B 2 HOH 129 1329 122 HOH HOH A . 
B 2 HOH 130 1330 96  HOH HOH A . 
B 2 HOH 131 1331 98  HOH HOH A . 
B 2 HOH 132 1332 119 HOH HOH A . 
B 2 HOH 133 1333 95  HOH HOH A . 
B 2 HOH 134 1334 114 HOH HOH A . 
B 2 HOH 135 1335 128 HOH HOH A . 
B 2 HOH 136 1336 81  HOH HOH A . 
B 2 HOH 137 1337 58  HOH HOH A . 
# 
loop_
_software.citation_id 
_software.classification 
_software.compiler_name 
_software.compiler_version 
_software.contact_author 
_software.contact_author_email 
_software.date 
_software.description 
_software.dependencies 
_software.hardware 
_software.language 
_software.location 
_software.mods 
_software.name 
_software.os 
_software.os_version 
_software.type 
_software.version 
_software.pdbx_ordinal 
? refinement       ? ? ? ? ? ? ? ? ? ? ? REFMAC ? ? ? 5.8.0135 1 
? 'data reduction' ? ? ? ? ? ? ? ? ? ? ? XDS    ? ? ? .        2 
? 'data scaling'   ? ? ? ? ? ? ? ? ? ? ? SCALA  ? ? ? .        3 
? phasing          ? ? ? ? ? ? ? ? ? ? ? MOLREP ? ? ? .        4 
# 
_cell.angle_alpha                  90.00 
_cell.angle_alpha_esd              ? 
_cell.angle_beta                   90.00 
_cell.angle_beta_esd               ? 
_cell.angle_gamma                  90.00 
_cell.angle_gamma_esd              ? 
_cell.entry_id                     5LNN 
_cell.details                      ? 
_cell.formula_units_Z              ? 
_cell.length_a                     53.176 
_cell.length_a_esd                 ? 
_cell.length_b                     101.005 
_cell.length_b_esd                 ? 
_cell.length_c                     79.464 
_cell.length_c_esd                 ? 
_cell.volume                       ? 
_cell.volume_esd                   ? 
_cell.Z_PDB                        8 
_cell.reciprocal_angle_alpha       ? 
_cell.reciprocal_angle_beta        ? 
_cell.reciprocal_angle_gamma       ? 
_cell.reciprocal_angle_alpha_esd   ? 
_cell.reciprocal_angle_beta_esd    ? 
_cell.reciprocal_angle_gamma_esd   ? 
_cell.reciprocal_length_a          ? 
_cell.reciprocal_length_b          ? 
_cell.reciprocal_length_c          ? 
_cell.reciprocal_length_a_esd      ? 
_cell.reciprocal_length_b_esd      ? 
_cell.reciprocal_length_c_esd      ? 
_cell.pdbx_unique_axis             ? 
# 
_symmetry.entry_id                         5LNN 
_symmetry.cell_setting                     ? 
_symmetry.Int_Tables_number                20 
_symmetry.space_group_name_Hall            ? 
_symmetry.space_group_name_H-M             'C 2 2 21' 
_symmetry.pdbx_full_space_group_name_H-M   ? 
# 
_exptl.absorpt_coefficient_mu     ? 
_exptl.absorpt_correction_T_max   ? 
_exptl.absorpt_correction_T_min   ? 
_exptl.absorpt_correction_type    ? 
_exptl.absorpt_process_details    ? 
_exptl.entry_id                   5LNN 
_exptl.crystals_number            1 
_exptl.details                    ? 
_exptl.method                     'X-RAY DIFFRACTION' 
_exptl.method_details             ? 
# 
_exptl_crystal.colour                      ? 
_exptl_crystal.density_diffrn              ? 
_exptl_crystal.density_Matthews            2.43 
_exptl_crystal.density_method              ? 
_exptl_crystal.density_percent_sol         49.45 
_exptl_crystal.description                 ? 
_exptl_crystal.F_000                       ? 
_exptl_crystal.id                          1 
_exptl_crystal.preparation                 ? 
_exptl_crystal.size_max                    ? 
_exptl_crystal.size_mid                    ? 
_exptl_crystal.size_min                    ? 
_exptl_crystal.size_rad                    ? 
_exptl_crystal.colour_lustre               ? 
_exptl_crystal.colour_modifier             ? 
_exptl_crystal.colour_primary              ? 
_exptl_crystal.density_meas                ? 
_exptl_crystal.density_meas_esd            ? 
_exptl_crystal.density_meas_gt             ? 
_exptl_crystal.density_meas_lt             ? 
_exptl_crystal.density_meas_temp           ? 
_exptl_crystal.density_meas_temp_esd       ? 
_exptl_crystal.density_meas_temp_gt        ? 
_exptl_crystal.density_meas_temp_lt        ? 
_exptl_crystal.pdbx_crystal_image_url      ? 
_exptl_crystal.pdbx_crystal_image_format   ? 
_exptl_crystal.pdbx_mosaicity              ? 
_exptl_crystal.pdbx_mosaicity_esd          ? 
# 
_exptl_crystal_grow.apparatus       ? 
_exptl_crystal_grow.atmosphere      ? 
_exptl_crystal_grow.crystal_id      1 
_exptl_crystal_grow.details         ? 
_exptl_crystal_grow.method          'VAPOR DIFFUSION, HANGING DROP' 
_exptl_crystal_grow.method_ref      ? 
_exptl_crystal_grow.pH              5.05 
_exptl_crystal_grow.pressure        ? 
_exptl_crystal_grow.pressure_esd    ? 
_exptl_crystal_grow.seeding         ? 
_exptl_crystal_grow.seeding_ref     ? 
_exptl_crystal_grow.temp            290.15 
_exptl_crystal_grow.temp_details    ? 
_exptl_crystal_grow.temp_esd        ? 
_exptl_crystal_grow.time            ? 
_exptl_crystal_grow.pdbx_details    '2.54 M (NH4)2(SO4), 0.1 M MES pH 5.05' 
_exptl_crystal_grow.pdbx_pH_range   ? 
# 
_diffrn.ambient_environment    ? 
_diffrn.ambient_temp           100 
_diffrn.ambient_temp_details   ? 
_diffrn.ambient_temp_esd       ? 
_diffrn.crystal_id             1 
_diffrn.crystal_support        ? 
_diffrn.crystal_treatment      ? 
_diffrn.details                ? 
_diffrn.id                     1 
_diffrn.ambient_pressure       ? 
_diffrn.ambient_pressure_esd   ? 
_diffrn.ambient_pressure_gt    ? 
_diffrn.ambient_pressure_lt    ? 
_diffrn.ambient_temp_gt        ? 
_diffrn.ambient_temp_lt        ? 
# 
_diffrn_detector.details                      ? 
_diffrn_detector.detector                     CCD 
_diffrn_detector.diffrn_id                    1 
_diffrn_detector.type                         'MARMOSAIC 225 mm CCD' 
_diffrn_detector.area_resol_mean              ? 
_diffrn_detector.dtime                        ? 
_diffrn_detector.pdbx_frames_total            ? 
_diffrn_detector.pdbx_collection_time_total   ? 
_diffrn_detector.pdbx_collection_date         2009-11-05 
# 
_diffrn_radiation.collimation                      ? 
_diffrn_radiation.diffrn_id                        1 
_diffrn_radiation.filter_edge                      ? 
_diffrn_radiation.inhomogeneity                    ? 
_diffrn_radiation.monochromator                    'Si(111)' 
_diffrn_radiation.polarisn_norm                    ? 
_diffrn_radiation.polarisn_ratio                   ? 
_diffrn_radiation.probe                            ? 
_diffrn_radiation.type                             ? 
_diffrn_radiation.xray_symbol                      ? 
_diffrn_radiation.wavelength_id                    1 
_diffrn_radiation.pdbx_monochromatic_or_laue_m_l   M 
_diffrn_radiation.pdbx_wavelength_list             ? 
_diffrn_radiation.pdbx_wavelength                  ? 
_diffrn_radiation.pdbx_diffrn_protocol             'SINGLE WAVELENGTH' 
_diffrn_radiation.pdbx_analyzer                    ? 
_diffrn_radiation.pdbx_scattering_type             x-ray 
# 
_diffrn_radiation_wavelength.id           1 
_diffrn_radiation_wavelength.wavelength   0.975220 
_diffrn_radiation_wavelength.wt           1.0 
# 
_diffrn_source.current                     ? 
_diffrn_source.details                     ? 
_diffrn_source.diffrn_id                   1 
_diffrn_source.power                       ? 
_diffrn_source.size                        ? 
_diffrn_source.source                      SYNCHROTRON 
_diffrn_source.target                      ? 
_diffrn_source.type                        'EMBL/DESY, HAMBURG BEAMLINE X12' 
_diffrn_source.voltage                     ? 
_diffrn_source.take-off_angle              ? 
_diffrn_source.pdbx_wavelength_list        0.975220 
_diffrn_source.pdbx_wavelength             ? 
_diffrn_source.pdbx_synchrotron_beamline   X12 
_diffrn_source.pdbx_synchrotron_site       'EMBL/DESY, HAMBURG' 
# 
_reflns.B_iso_Wilson_estimate            ? 
_reflns.entry_id                         5LNN 
_reflns.data_reduction_details           ? 
_reflns.data_reduction_method            ? 
_reflns.d_resolution_high                1.60 
_reflns.d_resolution_low                 47.05 
_reflns.details                          ? 
_reflns.limit_h_max                      ? 
_reflns.limit_h_min                      ? 
_reflns.limit_k_max                      ? 
_reflns.limit_k_min                      ? 
_reflns.limit_l_max                      ? 
_reflns.limit_l_min                      ? 
_reflns.number_all                       ? 
_reflns.number_obs                       28315 
_reflns.observed_criterion               ? 
_reflns.observed_criterion_F_max         ? 
_reflns.observed_criterion_F_min         ? 
_reflns.observed_criterion_I_max         ? 
_reflns.observed_criterion_I_min         ? 
_reflns.observed_criterion_sigma_F       ? 
_reflns.observed_criterion_sigma_I       ? 
_reflns.percent_possible_obs             98.9 
_reflns.R_free_details                   ? 
_reflns.Rmerge_F_all                     ? 
_reflns.Rmerge_F_obs                     ? 
_reflns.Friedel_coverage                 ? 
_reflns.number_gt                        ? 
_reflns.threshold_expression             ? 
_reflns.pdbx_redundancy                  6.4 
_reflns.pdbx_Rmerge_I_obs                0.023 
_reflns.pdbx_Rmerge_I_all                ? 
_reflns.pdbx_Rsym_value                  ? 
_reflns.pdbx_netI_over_av_sigmaI         ? 
_reflns.pdbx_netI_over_sigmaI            37.9 
_reflns.pdbx_res_netI_over_av_sigmaI_2   ? 
_reflns.pdbx_res_netI_over_sigmaI_2      ? 
_reflns.pdbx_chi_squared                 ? 
_reflns.pdbx_scaling_rejects             ? 
_reflns.pdbx_d_res_high_opt              ? 
_reflns.pdbx_d_res_low_opt               ? 
_reflns.pdbx_d_res_opt_method            ? 
_reflns.phase_calculation_details        ? 
_reflns.pdbx_Rrim_I_all                  ? 
_reflns.pdbx_Rpim_I_all                  ? 
_reflns.pdbx_d_opt                       ? 
_reflns.pdbx_number_measured_all         ? 
_reflns.pdbx_diffrn_id                   1 
_reflns.pdbx_ordinal                     1 
_reflns.pdbx_CC_half                     ? 
_reflns.pdbx_R_split                     ? 
# 
_reflns_shell.d_res_high                  1.60 
_reflns_shell.d_res_low                   1.69 
_reflns_shell.meanI_over_sigI_all         ? 
_reflns_shell.meanI_over_sigI_obs         5.4 
_reflns_shell.number_measured_all         ? 
_reflns_shell.number_measured_obs         ? 
_reflns_shell.number_possible             ? 
_reflns_shell.number_unique_all           ? 
_reflns_shell.number_unique_obs           ? 
_reflns_shell.percent_possible_all        95.3 
_reflns_shell.percent_possible_obs        ? 
_reflns_shell.Rmerge_F_all                ? 
_reflns_shell.Rmerge_F_obs                ? 
_reflns_shell.Rmerge_I_all                ? 
_reflns_shell.Rmerge_I_obs                0.175 
_reflns_shell.meanI_over_sigI_gt          ? 
_reflns_shell.meanI_over_uI_all           ? 
_reflns_shell.meanI_over_uI_gt            ? 
_reflns_shell.number_measured_gt          ? 
_reflns_shell.number_unique_gt            ? 
_reflns_shell.percent_possible_gt         ? 
_reflns_shell.Rmerge_F_gt                 ? 
_reflns_shell.Rmerge_I_gt                 ? 
_reflns_shell.pdbx_redundancy             3.6 
_reflns_shell.pdbx_Rsym_value             ? 
_reflns_shell.pdbx_chi_squared            ? 
_reflns_shell.pdbx_netI_over_sigmaI_all   ? 
_reflns_shell.pdbx_netI_over_sigmaI_obs   ? 
_reflns_shell.pdbx_Rrim_I_all             ? 
_reflns_shell.pdbx_Rpim_I_all             ? 
_reflns_shell.pdbx_rejects                ? 
_reflns_shell.pdbx_ordinal                1 
_reflns_shell.pdbx_diffrn_id              1 
_reflns_shell.pdbx_CC_half                ? 
_reflns_shell.pdbx_R_split                ? 
# 
_refine.aniso_B[1][1]                            2.24 
_refine.aniso_B[1][2]                            0.00 
_refine.aniso_B[1][3]                            -0.00 
_refine.aniso_B[2][2]                            -0.52 
_refine.aniso_B[2][3]                            0.00 
_refine.aniso_B[3][3]                            -1.72 
_refine.B_iso_max                                ? 
_refine.B_iso_mean                               32.103 
_refine.B_iso_min                                ? 
_refine.correlation_coeff_Fo_to_Fc               0.962 
_refine.correlation_coeff_Fo_to_Fc_free          0.943 
_refine.details                                  'HYDROGENS HAVE BEEN ADDED IN THE RIDING POSITIONS' 
_refine.diff_density_max                         ? 
_refine.diff_density_max_esd                     ? 
_refine.diff_density_min                         ? 
_refine.diff_density_min_esd                     ? 
_refine.diff_density_rms                         ? 
_refine.diff_density_rms_esd                     ? 
_refine.entry_id                                 5LNN 
_refine.pdbx_refine_id                           'X-RAY DIFFRACTION' 
_refine.ls_abs_structure_details                 ? 
_refine.ls_abs_structure_Flack                   ? 
_refine.ls_abs_structure_Flack_esd               ? 
_refine.ls_abs_structure_Rogers                  ? 
_refine.ls_abs_structure_Rogers_esd              ? 
_refine.ls_d_res_high                            1.60 
_refine.ls_d_res_low                             42.51 
_refine.ls_extinction_coef                       ? 
_refine.ls_extinction_coef_esd                   ? 
_refine.ls_extinction_expression                 ? 
_refine.ls_extinction_method                     ? 
_refine.ls_goodness_of_fit_all                   ? 
_refine.ls_goodness_of_fit_all_esd               ? 
_refine.ls_goodness_of_fit_obs                   ? 
_refine.ls_goodness_of_fit_obs_esd               ? 
_refine.ls_hydrogen_treatment                    ? 
_refine.ls_matrix_type                           ? 
_refine.ls_number_constraints                    ? 
_refine.ls_number_parameters                     ? 
_refine.ls_number_reflns_all                     ? 
_refine.ls_number_reflns_obs                     26733 
_refine.ls_number_reflns_R_free                  1423 
_refine.ls_number_reflns_R_work                  ? 
_refine.ls_number_restraints                     ? 
_refine.ls_percent_reflns_obs                    98.38 
_refine.ls_percent_reflns_R_free                 5.1 
_refine.ls_R_factor_all                          ? 
_refine.ls_R_factor_obs                          0.19418 
_refine.ls_R_factor_R_free                       0.22806 
_refine.ls_R_factor_R_free_error                 ? 
_refine.ls_R_factor_R_free_error_details         ? 
_refine.ls_R_factor_R_work                       0.19240 
_refine.ls_R_Fsqd_factor_obs                     ? 
_refine.ls_R_I_factor_obs                        ? 
_refine.ls_redundancy_reflns_all                 ? 
_refine.ls_redundancy_reflns_obs                 ? 
_refine.ls_restrained_S_all                      ? 
_refine.ls_restrained_S_obs                      ? 
_refine.ls_shift_over_esd_max                    ? 
_refine.ls_shift_over_esd_mean                   ? 
_refine.ls_structure_factor_coef                 ? 
_refine.ls_weighting_details                     ? 
_refine.ls_weighting_scheme                      ? 
_refine.ls_wR_factor_all                         ? 
_refine.ls_wR_factor_obs                         ? 
_refine.ls_wR_factor_R_free                      ? 
_refine.ls_wR_factor_R_work                      ? 
_refine.occupancy_max                            ? 
_refine.occupancy_min                            ? 
_refine.solvent_model_details                    ? 
_refine.solvent_model_param_bsol                 ? 
_refine.solvent_model_param_ksol                 ? 
_refine.ls_R_factor_gt                           ? 
_refine.ls_goodness_of_fit_gt                    ? 
_refine.ls_goodness_of_fit_ref                   ? 
_refine.ls_shift_over_su_max                     ? 
_refine.ls_shift_over_su_max_lt                  ? 
_refine.ls_shift_over_su_mean                    ? 
_refine.ls_shift_over_su_mean_lt                 ? 
_refine.pdbx_ls_sigma_I                          ? 
_refine.pdbx_ls_sigma_F                          ? 
_refine.pdbx_ls_sigma_Fsqd                       ? 
_refine.pdbx_data_cutoff_high_absF               ? 
_refine.pdbx_data_cutoff_high_rms_absF           ? 
_refine.pdbx_data_cutoff_low_absF                ? 
_refine.pdbx_isotropic_thermal_model             ? 
_refine.pdbx_ls_cross_valid_method               THROUGHOUT 
_refine.pdbx_method_to_determine_struct          'MOLECULAR REPLACEMENT' 
_refine.pdbx_starting_model                      3MM4 
_refine.pdbx_stereochemistry_target_values       ? 
_refine.pdbx_R_Free_selection_details            RANDOM 
_refine.pdbx_stereochem_target_val_spec_case     ? 
_refine.pdbx_overall_ESU_R                       0.079 
_refine.pdbx_overall_ESU_R_Free                  0.084 
_refine.pdbx_solvent_vdw_probe_radii             1.20 
_refine.pdbx_solvent_ion_probe_radii             0.80 
_refine.pdbx_solvent_shrinkage_radii             0.80 
_refine.pdbx_real_space_R                        ? 
_refine.pdbx_density_correlation                 ? 
_refine.pdbx_pd_number_of_powder_patterns        ? 
_refine.pdbx_pd_number_of_points                 ? 
_refine.pdbx_pd_meas_number_of_points            ? 
_refine.pdbx_pd_proc_ls_prof_R_factor            ? 
_refine.pdbx_pd_proc_ls_prof_wR_factor           ? 
_refine.pdbx_pd_Marquardt_correlation_coeff      ? 
_refine.pdbx_pd_Fsqrd_R_factor                   ? 
_refine.pdbx_pd_ls_matrix_band_width             ? 
_refine.pdbx_overall_phase_error                 ? 
_refine.pdbx_overall_SU_R_free_Cruickshank_DPI   ? 
_refine.pdbx_overall_SU_R_free_Blow_DPI          ? 
_refine.pdbx_overall_SU_R_Blow_DPI               ? 
_refine.pdbx_TLS_residual_ADP_flag               ? 
_refine.pdbx_diffrn_id                           1 
_refine.overall_SU_B                             1.582 
_refine.overall_SU_ML                            0.056 
_refine.overall_SU_R_Cruickshank_DPI             ? 
_refine.overall_SU_R_free                        ? 
_refine.overall_FOM_free_R_set                   ? 
_refine.overall_FOM_work_R_set                   ? 
_refine.pdbx_average_fsc_overall                 ? 
_refine.pdbx_average_fsc_work                    ? 
_refine.pdbx_average_fsc_free                    ? 
# 
_refine_hist.pdbx_refine_id                   'X-RAY DIFFRACTION' 
_refine_hist.cycle_id                         1 
_refine_hist.pdbx_number_atoms_protein        1162 
_refine_hist.pdbx_number_atoms_nucleic_acid   0 
_refine_hist.pdbx_number_atoms_ligand         0 
_refine_hist.number_atoms_solvent             137 
_refine_hist.number_atoms_total               1299 
_refine_hist.d_res_high                       1.60 
_refine_hist.d_res_low                        42.51 
# 
loop_
_refine_ls_restr.pdbx_refine_id 
_refine_ls_restr.criterion 
_refine_ls_restr.dev_ideal 
_refine_ls_restr.dev_ideal_target 
_refine_ls_restr.number 
_refine_ls_restr.rejects 
_refine_ls_restr.type 
_refine_ls_restr.weight 
_refine_ls_restr.pdbx_restraint_function 
'X-RAY DIFFRACTION' ? 0.026  0.019  1227 ? r_bond_refined_d             ? ? 
'X-RAY DIFFRACTION' ? 0.002  0.020  1196 ? r_bond_other_d               ? ? 
'X-RAY DIFFRACTION' ? 2.377  1.984  1653 ? r_angle_refined_deg          ? ? 
'X-RAY DIFFRACTION' ? 1.134  3.000  2771 ? r_angle_other_deg            ? ? 
'X-RAY DIFFRACTION' ? 5.939  5.000  159  ? r_dihedral_angle_1_deg       ? ? 
'X-RAY DIFFRACTION' ? 40.180 24.746 59   ? r_dihedral_angle_2_deg       ? ? 
'X-RAY DIFFRACTION' ? 15.820 15.000 241  ? r_dihedral_angle_3_deg       ? ? 
'X-RAY DIFFRACTION' ? 13.859 15.000 11   ? r_dihedral_angle_4_deg       ? ? 
'X-RAY DIFFRACTION' ? 0.148  0.200  183  ? r_chiral_restr               ? ? 
'X-RAY DIFFRACTION' ? 0.013  0.020  1407 ? r_gen_planes_refined         ? ? 
'X-RAY DIFFRACTION' ? 0.002  0.020  258  ? r_gen_planes_other           ? ? 
'X-RAY DIFFRACTION' ? ?      ?      ?    ? r_nbd_refined                ? ? 
'X-RAY DIFFRACTION' ? ?      ?      ?    ? r_nbd_other                  ? ? 
'X-RAY DIFFRACTION' ? ?      ?      ?    ? r_nbtor_refined              ? ? 
'X-RAY DIFFRACTION' ? ?      ?      ?    ? r_nbtor_other                ? ? 
'X-RAY DIFFRACTION' ? ?      ?      ?    ? r_xyhbond_nbd_refined        ? ? 
'X-RAY DIFFRACTION' ? ?      ?      ?    ? r_xyhbond_nbd_other          ? ? 
'X-RAY DIFFRACTION' ? ?      ?      ?    ? r_metal_ion_refined          ? ? 
'X-RAY DIFFRACTION' ? ?      ?      ?    ? r_metal_ion_other            ? ? 
'X-RAY DIFFRACTION' ? ?      ?      ?    ? r_symmetry_vdw_refined       ? ? 
'X-RAY DIFFRACTION' ? ?      ?      ?    ? r_symmetry_vdw_other         ? ? 
'X-RAY DIFFRACTION' ? ?      ?      ?    ? r_symmetry_hbond_refined     ? ? 
'X-RAY DIFFRACTION' ? ?      ?      ?    ? r_symmetry_hbond_other       ? ? 
'X-RAY DIFFRACTION' ? ?      ?      ?    ? r_symmetry_metal_ion_refined ? ? 
'X-RAY DIFFRACTION' ? ?      ?      ?    ? r_symmetry_metal_ion_other   ? ? 
'X-RAY DIFFRACTION' ? 3.129  2.777  621  ? r_mcbond_it                  ? ? 
'X-RAY DIFFRACTION' ? 3.117  2.772  620  ? r_mcbond_other               ? ? 
'X-RAY DIFFRACTION' ? 4.224  4.134  782  ? r_mcangle_it                 ? ? 
'X-RAY DIFFRACTION' ? 4.222  4.139  783  ? r_mcangle_other              ? ? 
'X-RAY DIFFRACTION' ? 5.099  3.379  606  ? r_scbond_it                  ? ? 
'X-RAY DIFFRACTION' ? 5.095  3.387  607  ? r_scbond_other               ? ? 
'X-RAY DIFFRACTION' ? ?      ?      ?    ? r_scangle_it                 ? ? 
'X-RAY DIFFRACTION' ? 7.513  4.841  871  ? r_scangle_other              ? ? 
'X-RAY DIFFRACTION' ? 8.645  23.859 1503 ? r_long_range_B_refined       ? ? 
'X-RAY DIFFRACTION' ? 8.503  23.057 1438 ? r_long_range_B_other         ? ? 
'X-RAY DIFFRACTION' ? ?      ?      ?    ? r_rigid_bond_restr           ? ? 
'X-RAY DIFFRACTION' ? ?      ?      ?    ? r_sphericity_free            ? ? 
'X-RAY DIFFRACTION' ? ?      ?      ?    ? r_sphericity_bonded          ? ? 
# 
_refine_ls_shell.pdbx_refine_id                   'X-RAY DIFFRACTION' 
_refine_ls_shell.d_res_high                       1.600 
_refine_ls_shell.d_res_low                        1.642 
_refine_ls_shell.number_reflns_all                ? 
_refine_ls_shell.number_reflns_obs                ? 
_refine_ls_shell.number_reflns_R_free             102 
_refine_ls_shell.number_reflns_R_work             1805 
_refine_ls_shell.percent_reflns_obs               92.26 
_refine_ls_shell.percent_reflns_R_free            ? 
_refine_ls_shell.R_factor_all                     ? 
_refine_ls_shell.R_factor_obs                     ? 
_refine_ls_shell.R_factor_R_free                  0.241 
_refine_ls_shell.R_factor_R_free_error            ? 
_refine_ls_shell.R_factor_R_work                  0.225 
_refine_ls_shell.redundancy_reflns_all            ? 
_refine_ls_shell.redundancy_reflns_obs            ? 
_refine_ls_shell.wR_factor_all                    ? 
_refine_ls_shell.wR_factor_obs                    ? 
_refine_ls_shell.wR_factor_R_free                 ? 
_refine_ls_shell.wR_factor_R_work                 ? 
_refine_ls_shell.pdbx_total_number_of_bins_used   20 
_refine_ls_shell.pdbx_phase_error                 ? 
_refine_ls_shell.pdbx_fsc_work                    ? 
_refine_ls_shell.pdbx_fsc_free                    ? 
# 
_struct.entry_id                     5LNN 
_struct.title                        
'Crystal structure of D1050A mutant of the receiver domain of the histidine kinase CKI1 from Arabidopsis thaliana' 
_struct.pdbx_model_details           ? 
_struct.pdbx_formula_weight          ? 
_struct.pdbx_formula_weight_method   ? 
_struct.pdbx_model_type_details      ? 
_struct.pdbx_CASP_flag               N 
# 
_struct_keywords.entry_id        5LNN 
_struct_keywords.text            'receiver domain, mutant, histidine kinase CKI1, (alpha/beta)5 fold, TRANSFERASE' 
_struct_keywords.pdbx_keywords   TRANSFERASE 
# 
loop_
_struct_asym.id 
_struct_asym.pdbx_blank_PDB_chainid_flag 
_struct_asym.pdbx_modified 
_struct_asym.entity_id 
_struct_asym.details 
A N N 1 ? 
B N N 2 ? 
# 
_struct_ref.id                         1 
_struct_ref.db_name                    UNP 
_struct_ref.db_code                    CKI1_ARATH 
_struct_ref.pdbx_db_accession          O22267 
_struct_ref.pdbx_db_isoform            ? 
_struct_ref.entity_id                  1 
_struct_ref.pdbx_seq_one_letter_code   
;MASTDSESETRVKSVRTGRKPIGNPEDEQETSKPSDDEFLRGKRVLVVDDNFISRKVATGKLKKMGVSEVEQCDSGKEAL
RLVTEGLTQREEQGSVDKLPFDYIFMDCQMPEMDGYEATREIRKVEKSYGVRTPIIAVSGHDPGSEEARETIQAGMDAFL
DKSLNQLANVIREIESKRH
;
_struct_ref.pdbx_align_begin           944 
# 
_struct_ref_seq.align_id                      1 
_struct_ref_seq.ref_id                        1 
_struct_ref_seq.pdbx_PDB_id_code              5LNN 
_struct_ref_seq.pdbx_strand_id                A 
_struct_ref_seq.seq_align_beg                 20 
_struct_ref_seq.pdbx_seq_align_beg_ins_code   ? 
_struct_ref_seq.seq_align_end                 198 
_struct_ref_seq.pdbx_seq_align_end_ins_code   ? 
_struct_ref_seq.pdbx_db_accession             O22267 
_struct_ref_seq.db_align_beg                  944 
_struct_ref_seq.pdbx_db_align_beg_ins_code    ? 
_struct_ref_seq.db_align_end                  1122 
_struct_ref_seq.pdbx_db_align_end_ins_code    ? 
_struct_ref_seq.pdbx_auth_seq_align_beg       944 
_struct_ref_seq.pdbx_auth_seq_align_end       1122 
# 
loop_
_struct_ref_seq_dif.align_id 
_struct_ref_seq_dif.pdbx_pdb_id_code 
_struct_ref_seq_dif.mon_id 
_struct_ref_seq_dif.pdbx_pdb_strand_id 
_struct_ref_seq_dif.seq_num 
_struct_ref_seq_dif.pdbx_pdb_ins_code 
_struct_ref_seq_dif.pdbx_seq_db_name 
_struct_ref_seq_dif.pdbx_seq_db_accession_code 
_struct_ref_seq_dif.db_mon_id 
_struct_ref_seq_dif.pdbx_seq_db_seq_num 
_struct_ref_seq_dif.details 
_struct_ref_seq_dif.pdbx_auth_seq_num 
_struct_ref_seq_dif.pdbx_ordinal 
1 5LNN GLY A 1   ? UNP O22267 ?   ?    'expression tag'      925  1  
1 5LNN SER A 2   ? UNP O22267 ?   ?    'expression tag'      926  2  
1 5LNN SER A 3   ? UNP O22267 ?   ?    'expression tag'      927  3  
1 5LNN HIS A 4   ? UNP O22267 ?   ?    'expression tag'      928  4  
1 5LNN HIS A 5   ? UNP O22267 ?   ?    'expression tag'      929  5  
1 5LNN HIS A 6   ? UNP O22267 ?   ?    'expression tag'      930  6  
1 5LNN HIS A 7   ? UNP O22267 ?   ?    'expression tag'      931  7  
1 5LNN HIS A 8   ? UNP O22267 ?   ?    'expression tag'      932  8  
1 5LNN HIS A 9   ? UNP O22267 ?   ?    'expression tag'      933  9  
1 5LNN SER A 10  ? UNP O22267 ?   ?    'expression tag'      934  10 
1 5LNN SER A 11  ? UNP O22267 ?   ?    'expression tag'      935  11 
1 5LNN GLY A 12  ? UNP O22267 ?   ?    'expression tag'      936  12 
1 5LNN LEU A 13  ? UNP O22267 ?   ?    'expression tag'      937  13 
1 5LNN VAL A 14  ? UNP O22267 ?   ?    'expression tag'      938  14 
1 5LNN PRO A 15  ? UNP O22267 ?   ?    'expression tag'      939  15 
1 5LNN ARG A 16  ? UNP O22267 ?   ?    'expression tag'      940  16 
1 5LNN GLY A 17  ? UNP O22267 ?   ?    'expression tag'      941  17 
1 5LNN SER A 18  ? UNP O22267 ?   ?    'expression tag'      942  18 
1 5LNN HIS A 19  ? UNP O22267 ?   ?    'expression tag'      943  19 
1 5LNN ALA A 126 ? UNP O22267 ASP 1050 'engineered mutation' 1050 20 
1 5LNN LEU A 199 ? UNP O22267 ?   ?    'expression tag'      1123 21 
1 5LNN GLU A 200 ? UNP O22267 ?   ?    'expression tag'      1124 22 
1 5LNN HIS A 201 ? UNP O22267 ?   ?    'expression tag'      1125 23 
1 5LNN HIS A 202 ? UNP O22267 ?   ?    'expression tag'      1126 24 
1 5LNN HIS A 203 ? UNP O22267 ?   ?    'expression tag'      1127 25 
1 5LNN HIS A 204 ? UNP O22267 ?   ?    'expression tag'      1128 26 
1 5LNN HIS A 205 ? UNP O22267 ?   ?    'expression tag'      1129 27 
1 5LNN HIS A 206 ? UNP O22267 ?   ?    'expression tag'      1130 28 
# 
_pdbx_struct_assembly.id                   1 
_pdbx_struct_assembly.details              author_and_software_defined_assembly 
_pdbx_struct_assembly.method_details       PISA 
_pdbx_struct_assembly.oligomeric_details   monomeric 
_pdbx_struct_assembly.oligomeric_count     1 
# 
loop_
_pdbx_struct_assembly_prop.biol_id 
_pdbx_struct_assembly_prop.type 
_pdbx_struct_assembly_prop.value 
_pdbx_struct_assembly_prop.details 
1 'ABSA (A^2)' 0    ? 
1 MORE         0    ? 
1 'SSA (A^2)'  7790 ? 
# 
_pdbx_struct_assembly_gen.assembly_id       1 
_pdbx_struct_assembly_gen.oper_expression   1 
_pdbx_struct_assembly_gen.asym_id_list      A,B 
# 
_pdbx_struct_oper_list.id                   1 
_pdbx_struct_oper_list.type                 'identity operation' 
_pdbx_struct_oper_list.name                 1_555 
_pdbx_struct_oper_list.symmetry_operation   x,y,z 
_pdbx_struct_oper_list.matrix[1][1]         1.0000000000 
_pdbx_struct_oper_list.matrix[1][2]         0.0000000000 
_pdbx_struct_oper_list.matrix[1][3]         0.0000000000 
_pdbx_struct_oper_list.vector[1]            0.0000000000 
_pdbx_struct_oper_list.matrix[2][1]         0.0000000000 
_pdbx_struct_oper_list.matrix[2][2]         1.0000000000 
_pdbx_struct_oper_list.matrix[2][3]         0.0000000000 
_pdbx_struct_oper_list.vector[2]            0.0000000000 
_pdbx_struct_oper_list.matrix[3][1]         0.0000000000 
_pdbx_struct_oper_list.matrix[3][2]         0.0000000000 
_pdbx_struct_oper_list.matrix[3][3]         1.0000000000 
_pdbx_struct_oper_list.vector[3]            0.0000000000 
# 
loop_
_struct_conf.conf_type_id 
_struct_conf.id 
_struct_conf.pdbx_PDB_helix_id 
_struct_conf.beg_label_comp_id 
_struct_conf.beg_label_asym_id 
_struct_conf.beg_label_seq_id 
_struct_conf.pdbx_beg_PDB_ins_code 
_struct_conf.end_label_comp_id 
_struct_conf.end_label_asym_id 
_struct_conf.end_label_seq_id 
_struct_conf.pdbx_end_PDB_ins_code 
_struct_conf.beg_auth_comp_id 
_struct_conf.beg_auth_asym_id 
_struct_conf.beg_auth_seq_id 
_struct_conf.end_auth_comp_id 
_struct_conf.end_auth_asym_id 
_struct_conf.end_auth_seq_id 
_struct_conf.pdbx_PDB_helix_class 
_struct_conf.details 
_struct_conf.pdbx_PDB_helix_length 
HELX_P HELX_P1 AA1 ASN A 70  ? MET A 84  ? ASN A 994  MET A 1008 1 ? 15 
HELX_P HELX_P2 AA2 SER A 94  ? GLY A 113 ? SER A 1018 GLY A 1037 1 ? 20 
HELX_P HELX_P3 AA3 ASP A 133 ? SER A 147 ? ASP A 1057 SER A 1071 1 ? 15 
HELX_P HELX_P4 AA4 GLY A 163 ? GLY A 174 ? GLY A 1087 GLY A 1098 1 ? 12 
HELX_P HELX_P5 AA5 GLN A 185 ? LYS A 196 ? GLN A 1109 LYS A 1120 1 ? 12 
# 
_struct_conf_type.id          HELX_P 
_struct_conf_type.criteria    ? 
_struct_conf_type.reference   ? 
# 
_struct_sheet.id               AA1 
_struct_sheet.type             ? 
_struct_sheet.number_strands   6 
_struct_sheet.details          ? 
# 
loop_
_struct_sheet_order.sheet_id 
_struct_sheet_order.range_id_1 
_struct_sheet_order.range_id_2 
_struct_sheet_order.offset 
_struct_sheet_order.sense 
AA1 1 2 ? anti-parallel 
AA1 2 3 ? parallel      
AA1 3 4 ? parallel      
AA1 4 5 ? parallel      
AA1 5 6 ? parallel      
# 
loop_
_struct_sheet_range.sheet_id 
_struct_sheet_range.id 
_struct_sheet_range.beg_label_comp_id 
_struct_sheet_range.beg_label_asym_id 
_struct_sheet_range.beg_label_seq_id 
_struct_sheet_range.pdbx_beg_PDB_ins_code 
_struct_sheet_range.end_label_comp_id 
_struct_sheet_range.end_label_asym_id 
_struct_sheet_range.end_label_seq_id 
_struct_sheet_range.pdbx_end_PDB_ins_code 
_struct_sheet_range.beg_auth_comp_id 
_struct_sheet_range.beg_auth_asym_id 
_struct_sheet_range.beg_auth_seq_id 
_struct_sheet_range.end_auth_comp_id 
_struct_sheet_range.end_auth_asym_id 
_struct_sheet_range.end_auth_seq_id 
AA1 1 GLY A 12  ? LEU A 13  ? GLY A 936  LEU A 937  
AA1 2 ALA A 177 ? ASP A 180 ? ALA A 1101 ASP A 1104 
AA1 3 ILE A 154 ? SER A 158 ? ILE A 1078 SER A 1082 
AA1 4 TYR A 122 ? ALA A 126 ? TYR A 1046 ALA A 1050 
AA1 5 ARG A 63  ? VAL A 67  ? ARG A 987  VAL A 991  
AA1 6 GLU A 88  ? CYS A 92  ? GLU A 1012 CYS A 1016 
# 
loop_
_pdbx_struct_sheet_hbond.sheet_id 
_pdbx_struct_sheet_hbond.range_id_1 
_pdbx_struct_sheet_hbond.range_id_2 
_pdbx_struct_sheet_hbond.range_1_label_atom_id 
_pdbx_struct_sheet_hbond.range_1_label_comp_id 
_pdbx_struct_sheet_hbond.range_1_label_asym_id 
_pdbx_struct_sheet_hbond.range_1_label_seq_id 
_pdbx_struct_sheet_hbond.range_1_PDB_ins_code 
_pdbx_struct_sheet_hbond.range_1_auth_atom_id 
_pdbx_struct_sheet_hbond.range_1_auth_comp_id 
_pdbx_struct_sheet_hbond.range_1_auth_asym_id 
_pdbx_struct_sheet_hbond.range_1_auth_seq_id 
_pdbx_struct_sheet_hbond.range_2_label_atom_id 
_pdbx_struct_sheet_hbond.range_2_label_comp_id 
_pdbx_struct_sheet_hbond.range_2_label_asym_id 
_pdbx_struct_sheet_hbond.range_2_label_seq_id 
_pdbx_struct_sheet_hbond.range_2_PDB_ins_code 
_pdbx_struct_sheet_hbond.range_2_auth_atom_id 
_pdbx_struct_sheet_hbond.range_2_auth_comp_id 
_pdbx_struct_sheet_hbond.range_2_auth_asym_id 
_pdbx_struct_sheet_hbond.range_2_auth_seq_id 
AA1 1 2 N GLY A 12  ? N GLY A 936  O PHE A 178 ? O PHE A 1102 
AA1 2 3 O ALA A 177 ? O ALA A 1101 N ALA A 156 ? N ALA A 1080 
AA1 3 4 O ILE A 155 ? O ILE A 1079 N ILE A 123 ? N ILE A 1047 
AA1 4 5 O PHE A 124 ? O PHE A 1048 N VAL A 67  ? N VAL A 991  
AA1 5 6 N VAL A 64  ? N VAL A 988  O GLU A 90  ? O GLU A 1014 
# 
_pdbx_validate_rmsd_bond.id                        1 
_pdbx_validate_rmsd_bond.PDB_model_num             1 
_pdbx_validate_rmsd_bond.auth_atom_id_1            CB 
_pdbx_validate_rmsd_bond.auth_asym_id_1            A 
_pdbx_validate_rmsd_bond.auth_comp_id_1            SER 
_pdbx_validate_rmsd_bond.auth_seq_id_1             1071 
_pdbx_validate_rmsd_bond.PDB_ins_code_1            ? 
_pdbx_validate_rmsd_bond.label_alt_id_1            ? 
_pdbx_validate_rmsd_bond.auth_atom_id_2            OG 
_pdbx_validate_rmsd_bond.auth_asym_id_2            A 
_pdbx_validate_rmsd_bond.auth_comp_id_2            SER 
_pdbx_validate_rmsd_bond.auth_seq_id_2             1071 
_pdbx_validate_rmsd_bond.PDB_ins_code_2            ? 
_pdbx_validate_rmsd_bond.label_alt_id_2            ? 
_pdbx_validate_rmsd_bond.bond_value                1.334 
_pdbx_validate_rmsd_bond.bond_target_value         1.418 
_pdbx_validate_rmsd_bond.bond_deviation            -0.084 
_pdbx_validate_rmsd_bond.bond_standard_deviation   0.013 
_pdbx_validate_rmsd_bond.linker_flag               N 
# 
loop_
_pdbx_validate_rmsd_angle.id 
_pdbx_validate_rmsd_angle.PDB_model_num 
_pdbx_validate_rmsd_angle.auth_atom_id_1 
_pdbx_validate_rmsd_angle.auth_asym_id_1 
_pdbx_validate_rmsd_angle.auth_comp_id_1 
_pdbx_validate_rmsd_angle.auth_seq_id_1 
_pdbx_validate_rmsd_angle.PDB_ins_code_1 
_pdbx_validate_rmsd_angle.label_alt_id_1 
_pdbx_validate_rmsd_angle.auth_atom_id_2 
_pdbx_validate_rmsd_angle.auth_asym_id_2 
_pdbx_validate_rmsd_angle.auth_comp_id_2 
_pdbx_validate_rmsd_angle.auth_seq_id_2 
_pdbx_validate_rmsd_angle.PDB_ins_code_2 
_pdbx_validate_rmsd_angle.label_alt_id_2 
_pdbx_validate_rmsd_angle.auth_atom_id_3 
_pdbx_validate_rmsd_angle.auth_asym_id_3 
_pdbx_validate_rmsd_angle.auth_comp_id_3 
_pdbx_validate_rmsd_angle.auth_seq_id_3 
_pdbx_validate_rmsd_angle.PDB_ins_code_3 
_pdbx_validate_rmsd_angle.label_alt_id_3 
_pdbx_validate_rmsd_angle.angle_value 
_pdbx_validate_rmsd_angle.angle_target_value 
_pdbx_validate_rmsd_angle.angle_deviation 
_pdbx_validate_rmsd_angle.angle_standard_deviation 
_pdbx_validate_rmsd_angle.linker_flag 
1 1 NE A ARG 998  ? ? CZ A ARG 998  ? ? NH1 A ARG 998  ? ? 116.06 120.30 -4.24 0.50 N 
2 1 NE A ARG 998  ? ? CZ A ARG 998  ? ? NH2 A ARG 998  ? ? 126.63 120.30 6.33  0.50 N 
3 1 CB A ASP 1017 ? ? CG A ASP 1017 ? ? OD1 A ASP 1017 ? ? 125.02 118.30 6.72  0.90 N 
4 1 CB A TYR 1046 ? ? CG A TYR 1046 ? ? CD2 A TYR 1046 ? ? 117.17 121.00 -3.83 0.60 N 
5 1 CB A ASP 1057 ? ? CG A ASP 1057 ? ? OD1 A ASP 1057 ? ? 127.46 118.30 9.16  0.90 N 
6 1 NE A ARG 1075 ? ? CZ A ARG 1075 ? ? NH2 A ARG 1075 ? ? 116.98 120.30 -3.32 0.50 N 
7 1 CB A ASP 1100 ? ? CG A ASP 1100 ? ? OD1 A ASP 1100 ? ? 124.34 118.30 6.04  0.90 N 
# 
_pdbx_validate_torsion.id              1 
_pdbx_validate_torsion.PDB_model_num   1 
_pdbx_validate_torsion.auth_comp_id    GLU 
_pdbx_validate_torsion.auth_asym_id    A 
_pdbx_validate_torsion.auth_seq_id     1055 
_pdbx_validate_torsion.PDB_ins_code    ? 
_pdbx_validate_torsion.label_alt_id    ? 
_pdbx_validate_torsion.phi             89.45 
_pdbx_validate_torsion.psi             -54.01 
# 
loop_
_pdbx_unobs_or_zero_occ_residues.id 
_pdbx_unobs_or_zero_occ_residues.PDB_model_num 
_pdbx_unobs_or_zero_occ_residues.polymer_flag 
_pdbx_unobs_or_zero_occ_residues.occupancy_flag 
_pdbx_unobs_or_zero_occ_residues.auth_asym_id 
_pdbx_unobs_or_zero_occ_residues.auth_comp_id 
_pdbx_unobs_or_zero_occ_residues.auth_seq_id 
_pdbx_unobs_or_zero_occ_residues.PDB_ins_code 
_pdbx_unobs_or_zero_occ_residues.label_asym_id 
_pdbx_unobs_or_zero_occ_residues.label_comp_id 
_pdbx_unobs_or_zero_occ_residues.label_seq_id 
1  1 Y 1 A GLY 925  ? A GLY 1   
2  1 Y 1 A SER 926  ? A SER 2   
3  1 Y 1 A SER 927  ? A SER 3   
4  1 Y 1 A HIS 928  ? A HIS 4   
5  1 Y 1 A HIS 929  ? A HIS 5   
6  1 Y 1 A HIS 930  ? A HIS 6   
7  1 Y 1 A HIS 931  ? A HIS 7   
8  1 Y 1 A HIS 932  ? A HIS 8   
9  1 Y 1 A HIS 933  ? A HIS 9   
10 1 Y 1 A SER 934  ? A SER 10  
11 1 Y 1 A GLY 941  ? A GLY 17  
12 1 Y 1 A SER 942  ? A SER 18  
13 1 Y 1 A HIS 943  ? A HIS 19  
14 1 Y 1 A MET 944  ? A MET 20  
15 1 Y 1 A ALA 945  ? A ALA 21  
16 1 Y 1 A SER 946  ? A SER 22  
17 1 Y 1 A THR 947  ? A THR 23  
18 1 Y 1 A ASP 948  ? A ASP 24  
19 1 Y 1 A SER 949  ? A SER 25  
20 1 Y 1 A GLU 950  ? A GLU 26  
21 1 Y 1 A SER 951  ? A SER 27  
22 1 Y 1 A GLU 952  ? A GLU 28  
23 1 Y 1 A THR 953  ? A THR 29  
24 1 Y 1 A ARG 954  ? A ARG 30  
25 1 Y 1 A VAL 955  ? A VAL 31  
26 1 Y 1 A LYS 956  ? A LYS 32  
27 1 Y 1 A SER 957  ? A SER 33  
28 1 Y 1 A VAL 958  ? A VAL 34  
29 1 Y 1 A ARG 959  ? A ARG 35  
30 1 Y 1 A THR 960  ? A THR 36  
31 1 Y 1 A GLY 961  ? A GLY 37  
32 1 Y 1 A ARG 962  ? A ARG 38  
33 1 Y 1 A LYS 963  ? A LYS 39  
34 1 Y 1 A PRO 964  ? A PRO 40  
35 1 Y 1 A ILE 965  ? A ILE 41  
36 1 Y 1 A GLY 966  ? A GLY 42  
37 1 Y 1 A ASN 967  ? A ASN 43  
38 1 Y 1 A PRO 968  ? A PRO 44  
39 1 Y 1 A GLU 969  ? A GLU 45  
40 1 Y 1 A ASP 970  ? A ASP 46  
41 1 Y 1 A GLU 971  ? A GLU 47  
42 1 Y 1 A GLN 972  ? A GLN 48  
43 1 Y 1 A GLU 973  ? A GLU 49  
44 1 Y 1 A THR 974  ? A THR 50  
45 1 Y 1 A SER 975  ? A SER 51  
46 1 Y 1 A LYS 976  ? A LYS 52  
47 1 Y 1 A PRO 977  ? A PRO 53  
48 1 Y 1 A ARG 1121 ? A ARG 197 
49 1 Y 1 A HIS 1122 ? A HIS 198 
50 1 Y 1 A LEU 1123 ? A LEU 199 
51 1 Y 1 A GLU 1124 ? A GLU 200 
52 1 Y 1 A HIS 1125 ? A HIS 201 
53 1 Y 1 A HIS 1126 ? A HIS 202 
54 1 Y 1 A HIS 1127 ? A HIS 203 
55 1 Y 1 A HIS 1128 ? A HIS 204 
56 1 Y 1 A HIS 1129 ? A HIS 205 
57 1 Y 1 A HIS 1130 ? A HIS 206 
# 
loop_
_chem_comp_atom.comp_id 
_chem_comp_atom.atom_id 
_chem_comp_atom.type_symbol 
_chem_comp_atom.pdbx_aromatic_flag 
_chem_comp_atom.pdbx_stereo_config 
_chem_comp_atom.pdbx_ordinal 
ALA N    N N N 1   
ALA CA   C N S 2   
ALA C    C N N 3   
ALA O    O N N 4   
ALA CB   C N N 5   
ALA OXT  O N N 6   
ALA H    H N N 7   
ALA H2   H N N 8   
ALA HA   H N N 9   
ALA HB1  H N N 10  
ALA HB2  H N N 11  
ALA HB3  H N N 12  
ALA HXT  H N N 13  
ARG N    N N N 14  
ARG CA   C N S 15  
ARG C    C N N 16  
ARG O    O N N 17  
ARG CB   C N N 18  
ARG CG   C N N 19  
ARG CD   C N N 20  
ARG NE   N N N 21  
ARG CZ   C N N 22  
ARG NH1  N N N 23  
ARG NH2  N N N 24  
ARG OXT  O N N 25  
ARG H    H N N 26  
ARG H2   H N N 27  
ARG HA   H N N 28  
ARG HB2  H N N 29  
ARG HB3  H N N 30  
ARG HG2  H N N 31  
ARG HG3  H N N 32  
ARG HD2  H N N 33  
ARG HD3  H N N 34  
ARG HE   H N N 35  
ARG HH11 H N N 36  
ARG HH12 H N N 37  
ARG HH21 H N N 38  
ARG HH22 H N N 39  
ARG HXT  H N N 40  
ASN N    N N N 41  
ASN CA   C N S 42  
ASN C    C N N 43  
ASN O    O N N 44  
ASN CB   C N N 45  
ASN CG   C N N 46  
ASN OD1  O N N 47  
ASN ND2  N N N 48  
ASN OXT  O N N 49  
ASN H    H N N 50  
ASN H2   H N N 51  
ASN HA   H N N 52  
ASN HB2  H N N 53  
ASN HB3  H N N 54  
ASN HD21 H N N 55  
ASN HD22 H N N 56  
ASN HXT  H N N 57  
ASP N    N N N 58  
ASP CA   C N S 59  
ASP C    C N N 60  
ASP O    O N N 61  
ASP CB   C N N 62  
ASP CG   C N N 63  
ASP OD1  O N N 64  
ASP OD2  O N N 65  
ASP OXT  O N N 66  
ASP H    H N N 67  
ASP H2   H N N 68  
ASP HA   H N N 69  
ASP HB2  H N N 70  
ASP HB3  H N N 71  
ASP HD2  H N N 72  
ASP HXT  H N N 73  
CYS N    N N N 74  
CYS CA   C N R 75  
CYS C    C N N 76  
CYS O    O N N 77  
CYS CB   C N N 78  
CYS SG   S N N 79  
CYS OXT  O N N 80  
CYS H    H N N 81  
CYS H2   H N N 82  
CYS HA   H N N 83  
CYS HB2  H N N 84  
CYS HB3  H N N 85  
CYS HG   H N N 86  
CYS HXT  H N N 87  
GLN N    N N N 88  
GLN CA   C N S 89  
GLN C    C N N 90  
GLN O    O N N 91  
GLN CB   C N N 92  
GLN CG   C N N 93  
GLN CD   C N N 94  
GLN OE1  O N N 95  
GLN NE2  N N N 96  
GLN OXT  O N N 97  
GLN H    H N N 98  
GLN H2   H N N 99  
GLN HA   H N N 100 
GLN HB2  H N N 101 
GLN HB3  H N N 102 
GLN HG2  H N N 103 
GLN HG3  H N N 104 
GLN HE21 H N N 105 
GLN HE22 H N N 106 
GLN HXT  H N N 107 
GLU N    N N N 108 
GLU CA   C N S 109 
GLU C    C N N 110 
GLU O    O N N 111 
GLU CB   C N N 112 
GLU CG   C N N 113 
GLU CD   C N N 114 
GLU OE1  O N N 115 
GLU OE2  O N N 116 
GLU OXT  O N N 117 
GLU H    H N N 118 
GLU H2   H N N 119 
GLU HA   H N N 120 
GLU HB2  H N N 121 
GLU HB3  H N N 122 
GLU HG2  H N N 123 
GLU HG3  H N N 124 
GLU HE2  H N N 125 
GLU HXT  H N N 126 
GLY N    N N N 127 
GLY CA   C N N 128 
GLY C    C N N 129 
GLY O    O N N 130 
GLY OXT  O N N 131 
GLY H    H N N 132 
GLY H2   H N N 133 
GLY HA2  H N N 134 
GLY HA3  H N N 135 
GLY HXT  H N N 136 
HIS N    N N N 137 
HIS CA   C N S 138 
HIS C    C N N 139 
HIS O    O N N 140 
HIS CB   C N N 141 
HIS CG   C Y N 142 
HIS ND1  N Y N 143 
HIS CD2  C Y N 144 
HIS CE1  C Y N 145 
HIS NE2  N Y N 146 
HIS OXT  O N N 147 
HIS H    H N N 148 
HIS H2   H N N 149 
HIS HA   H N N 150 
HIS HB2  H N N 151 
HIS HB3  H N N 152 
HIS HD1  H N N 153 
HIS HD2  H N N 154 
HIS HE1  H N N 155 
HIS HE2  H N N 156 
HIS HXT  H N N 157 
HOH O    O N N 158 
HOH H1   H N N 159 
HOH H2   H N N 160 
ILE N    N N N 161 
ILE CA   C N S 162 
ILE C    C N N 163 
ILE O    O N N 164 
ILE CB   C N S 165 
ILE CG1  C N N 166 
ILE CG2  C N N 167 
ILE CD1  C N N 168 
ILE OXT  O N N 169 
ILE H    H N N 170 
ILE H2   H N N 171 
ILE HA   H N N 172 
ILE HB   H N N 173 
ILE HG12 H N N 174 
ILE HG13 H N N 175 
ILE HG21 H N N 176 
ILE HG22 H N N 177 
ILE HG23 H N N 178 
ILE HD11 H N N 179 
ILE HD12 H N N 180 
ILE HD13 H N N 181 
ILE HXT  H N N 182 
LEU N    N N N 183 
LEU CA   C N S 184 
LEU C    C N N 185 
LEU O    O N N 186 
LEU CB   C N N 187 
LEU CG   C N N 188 
LEU CD1  C N N 189 
LEU CD2  C N N 190 
LEU OXT  O N N 191 
LEU H    H N N 192 
LEU H2   H N N 193 
LEU HA   H N N 194 
LEU HB2  H N N 195 
LEU HB3  H N N 196 
LEU HG   H N N 197 
LEU HD11 H N N 198 
LEU HD12 H N N 199 
LEU HD13 H N N 200 
LEU HD21 H N N 201 
LEU HD22 H N N 202 
LEU HD23 H N N 203 
LEU HXT  H N N 204 
LYS N    N N N 205 
LYS CA   C N S 206 
LYS C    C N N 207 
LYS O    O N N 208 
LYS CB   C N N 209 
LYS CG   C N N 210 
LYS CD   C N N 211 
LYS CE   C N N 212 
LYS NZ   N N N 213 
LYS OXT  O N N 214 
LYS H    H N N 215 
LYS H2   H N N 216 
LYS HA   H N N 217 
LYS HB2  H N N 218 
LYS HB3  H N N 219 
LYS HG2  H N N 220 
LYS HG3  H N N 221 
LYS HD2  H N N 222 
LYS HD3  H N N 223 
LYS HE2  H N N 224 
LYS HE3  H N N 225 
LYS HZ1  H N N 226 
LYS HZ2  H N N 227 
LYS HZ3  H N N 228 
LYS HXT  H N N 229 
MET N    N N N 230 
MET CA   C N S 231 
MET C    C N N 232 
MET O    O N N 233 
MET CB   C N N 234 
MET CG   C N N 235 
MET SD   S N N 236 
MET CE   C N N 237 
MET OXT  O N N 238 
MET H    H N N 239 
MET H2   H N N 240 
MET HA   H N N 241 
MET HB2  H N N 242 
MET HB3  H N N 243 
MET HG2  H N N 244 
MET HG3  H N N 245 
MET HE1  H N N 246 
MET HE2  H N N 247 
MET HE3  H N N 248 
MET HXT  H N N 249 
PHE N    N N N 250 
PHE CA   C N S 251 
PHE C    C N N 252 
PHE O    O N N 253 
PHE CB   C N N 254 
PHE CG   C Y N 255 
PHE CD1  C Y N 256 
PHE CD2  C Y N 257 
PHE CE1  C Y N 258 
PHE CE2  C Y N 259 
PHE CZ   C Y N 260 
PHE OXT  O N N 261 
PHE H    H N N 262 
PHE H2   H N N 263 
PHE HA   H N N 264 
PHE HB2  H N N 265 
PHE HB3  H N N 266 
PHE HD1  H N N 267 
PHE HD2  H N N 268 
PHE HE1  H N N 269 
PHE HE2  H N N 270 
PHE HZ   H N N 271 
PHE HXT  H N N 272 
PRO N    N N N 273 
PRO CA   C N S 274 
PRO C    C N N 275 
PRO O    O N N 276 
PRO CB   C N N 277 
PRO CG   C N N 278 
PRO CD   C N N 279 
PRO OXT  O N N 280 
PRO H    H N N 281 
PRO HA   H N N 282 
PRO HB2  H N N 283 
PRO HB3  H N N 284 
PRO HG2  H N N 285 
PRO HG3  H N N 286 
PRO HD2  H N N 287 
PRO HD3  H N N 288 
PRO HXT  H N N 289 
SER N    N N N 290 
SER CA   C N S 291 
SER C    C N N 292 
SER O    O N N 293 
SER CB   C N N 294 
SER OG   O N N 295 
SER OXT  O N N 296 
SER H    H N N 297 
SER H2   H N N 298 
SER HA   H N N 299 
SER HB2  H N N 300 
SER HB3  H N N 301 
SER HG   H N N 302 
SER HXT  H N N 303 
THR N    N N N 304 
THR CA   C N S 305 
THR C    C N N 306 
THR O    O N N 307 
THR CB   C N R 308 
THR OG1  O N N 309 
THR CG2  C N N 310 
THR OXT  O N N 311 
THR H    H N N 312 
THR H2   H N N 313 
THR HA   H N N 314 
THR HB   H N N 315 
THR HG1  H N N 316 
THR HG21 H N N 317 
THR HG22 H N N 318 
THR HG23 H N N 319 
THR HXT  H N N 320 
TYR N    N N N 321 
TYR CA   C N S 322 
TYR C    C N N 323 
TYR O    O N N 324 
TYR CB   C N N 325 
TYR CG   C Y N 326 
TYR CD1  C Y N 327 
TYR CD2  C Y N 328 
TYR CE1  C Y N 329 
TYR CE2  C Y N 330 
TYR CZ   C Y N 331 
TYR OH   O N N 332 
TYR OXT  O N N 333 
TYR H    H N N 334 
TYR H2   H N N 335 
TYR HA   H N N 336 
TYR HB2  H N N 337 
TYR HB3  H N N 338 
TYR HD1  H N N 339 
TYR HD2  H N N 340 
TYR HE1  H N N 341 
TYR HE2  H N N 342 
TYR HH   H N N 343 
TYR HXT  H N N 344 
VAL N    N N N 345 
VAL CA   C N S 346 
VAL C    C N N 347 
VAL O    O N N 348 
VAL CB   C N N 349 
VAL CG1  C N N 350 
VAL CG2  C N N 351 
VAL OXT  O N N 352 
VAL H    H N N 353 
VAL H2   H N N 354 
VAL HA   H N N 355 
VAL HB   H N N 356 
VAL HG11 H N N 357 
VAL HG12 H N N 358 
VAL HG13 H N N 359 
VAL HG21 H N N 360 
VAL HG22 H N N 361 
VAL HG23 H N N 362 
VAL HXT  H N N 363 
# 
loop_
_chem_comp_bond.comp_id 
_chem_comp_bond.atom_id_1 
_chem_comp_bond.atom_id_2 
_chem_comp_bond.value_order 
_chem_comp_bond.pdbx_aromatic_flag 
_chem_comp_bond.pdbx_stereo_config 
_chem_comp_bond.pdbx_ordinal 
ALA N   CA   sing N N 1   
ALA N   H    sing N N 2   
ALA N   H2   sing N N 3   
ALA CA  C    sing N N 4   
ALA CA  CB   sing N N 5   
ALA CA  HA   sing N N 6   
ALA C   O    doub N N 7   
ALA C   OXT  sing N N 8   
ALA CB  HB1  sing N N 9   
ALA CB  HB2  sing N N 10  
ALA CB  HB3  sing N N 11  
ALA OXT HXT  sing N N 12  
ARG N   CA   sing N N 13  
ARG N   H    sing N N 14  
ARG N   H2   sing N N 15  
ARG CA  C    sing N N 16  
ARG CA  CB   sing N N 17  
ARG CA  HA   sing N N 18  
ARG C   O    doub N N 19  
ARG C   OXT  sing N N 20  
ARG CB  CG   sing N N 21  
ARG CB  HB2  sing N N 22  
ARG CB  HB3  sing N N 23  
ARG CG  CD   sing N N 24  
ARG CG  HG2  sing N N 25  
ARG CG  HG3  sing N N 26  
ARG CD  NE   sing N N 27  
ARG CD  HD2  sing N N 28  
ARG CD  HD3  sing N N 29  
ARG NE  CZ   sing N N 30  
ARG NE  HE   sing N N 31  
ARG CZ  NH1  sing N N 32  
ARG CZ  NH2  doub N N 33  
ARG NH1 HH11 sing N N 34  
ARG NH1 HH12 sing N N 35  
ARG NH2 HH21 sing N N 36  
ARG NH2 HH22 sing N N 37  
ARG OXT HXT  sing N N 38  
ASN N   CA   sing N N 39  
ASN N   H    sing N N 40  
ASN N   H2   sing N N 41  
ASN CA  C    sing N N 42  
ASN CA  CB   sing N N 43  
ASN CA  HA   sing N N 44  
ASN C   O    doub N N 45  
ASN C   OXT  sing N N 46  
ASN CB  CG   sing N N 47  
ASN CB  HB2  sing N N 48  
ASN CB  HB3  sing N N 49  
ASN CG  OD1  doub N N 50  
ASN CG  ND2  sing N N 51  
ASN ND2 HD21 sing N N 52  
ASN ND2 HD22 sing N N 53  
ASN OXT HXT  sing N N 54  
ASP N   CA   sing N N 55  
ASP N   H    sing N N 56  
ASP N   H2   sing N N 57  
ASP CA  C    sing N N 58  
ASP CA  CB   sing N N 59  
ASP CA  HA   sing N N 60  
ASP C   O    doub N N 61  
ASP C   OXT  sing N N 62  
ASP CB  CG   sing N N 63  
ASP CB  HB2  sing N N 64  
ASP CB  HB3  sing N N 65  
ASP CG  OD1  doub N N 66  
ASP CG  OD2  sing N N 67  
ASP OD2 HD2  sing N N 68  
ASP OXT HXT  sing N N 69  
CYS N   CA   sing N N 70  
CYS N   H    sing N N 71  
CYS N   H2   sing N N 72  
CYS CA  C    sing N N 73  
CYS CA  CB   sing N N 74  
CYS CA  HA   sing N N 75  
CYS C   O    doub N N 76  
CYS C   OXT  sing N N 77  
CYS CB  SG   sing N N 78  
CYS CB  HB2  sing N N 79  
CYS CB  HB3  sing N N 80  
CYS SG  HG   sing N N 81  
CYS OXT HXT  sing N N 82  
GLN N   CA   sing N N 83  
GLN N   H    sing N N 84  
GLN N   H2   sing N N 85  
GLN CA  C    sing N N 86  
GLN CA  CB   sing N N 87  
GLN CA  HA   sing N N 88  
GLN C   O    doub N N 89  
GLN C   OXT  sing N N 90  
GLN CB  CG   sing N N 91  
GLN CB  HB2  sing N N 92  
GLN CB  HB3  sing N N 93  
GLN CG  CD   sing N N 94  
GLN CG  HG2  sing N N 95  
GLN CG  HG3  sing N N 96  
GLN CD  OE1  doub N N 97  
GLN CD  NE2  sing N N 98  
GLN NE2 HE21 sing N N 99  
GLN NE2 HE22 sing N N 100 
GLN OXT HXT  sing N N 101 
GLU N   CA   sing N N 102 
GLU N   H    sing N N 103 
GLU N   H2   sing N N 104 
GLU CA  C    sing N N 105 
GLU CA  CB   sing N N 106 
GLU CA  HA   sing N N 107 
GLU C   O    doub N N 108 
GLU C   OXT  sing N N 109 
GLU CB  CG   sing N N 110 
GLU CB  HB2  sing N N 111 
GLU CB  HB3  sing N N 112 
GLU CG  CD   sing N N 113 
GLU CG  HG2  sing N N 114 
GLU CG  HG3  sing N N 115 
GLU CD  OE1  doub N N 116 
GLU CD  OE2  sing N N 117 
GLU OE2 HE2  sing N N 118 
GLU OXT HXT  sing N N 119 
GLY N   CA   sing N N 120 
GLY N   H    sing N N 121 
GLY N   H2   sing N N 122 
GLY CA  C    sing N N 123 
GLY CA  HA2  sing N N 124 
GLY CA  HA3  sing N N 125 
GLY C   O    doub N N 126 
GLY C   OXT  sing N N 127 
GLY OXT HXT  sing N N 128 
HIS N   CA   sing N N 129 
HIS N   H    sing N N 130 
HIS N   H2   sing N N 131 
HIS CA  C    sing N N 132 
HIS CA  CB   sing N N 133 
HIS CA  HA   sing N N 134 
HIS C   O    doub N N 135 
HIS C   OXT  sing N N 136 
HIS CB  CG   sing N N 137 
HIS CB  HB2  sing N N 138 
HIS CB  HB3  sing N N 139 
HIS CG  ND1  sing Y N 140 
HIS CG  CD2  doub Y N 141 
HIS ND1 CE1  doub Y N 142 
HIS ND1 HD1  sing N N 143 
HIS CD2 NE2  sing Y N 144 
HIS CD2 HD2  sing N N 145 
HIS CE1 NE2  sing Y N 146 
HIS CE1 HE1  sing N N 147 
HIS NE2 HE2  sing N N 148 
HIS OXT HXT  sing N N 149 
HOH O   H1   sing N N 150 
HOH O   H2   sing N N 151 
ILE N   CA   sing N N 152 
ILE N   H    sing N N 153 
ILE N   H2   sing N N 154 
ILE CA  C    sing N N 155 
ILE CA  CB   sing N N 156 
ILE CA  HA   sing N N 157 
ILE C   O    doub N N 158 
ILE C   OXT  sing N N 159 
ILE CB  CG1  sing N N 160 
ILE CB  CG2  sing N N 161 
ILE CB  HB   sing N N 162 
ILE CG1 CD1  sing N N 163 
ILE CG1 HG12 sing N N 164 
ILE CG1 HG13 sing N N 165 
ILE CG2 HG21 sing N N 166 
ILE CG2 HG22 sing N N 167 
ILE CG2 HG23 sing N N 168 
ILE CD1 HD11 sing N N 169 
ILE CD1 HD12 sing N N 170 
ILE CD1 HD13 sing N N 171 
ILE OXT HXT  sing N N 172 
LEU N   CA   sing N N 173 
LEU N   H    sing N N 174 
LEU N   H2   sing N N 175 
LEU CA  C    sing N N 176 
LEU CA  CB   sing N N 177 
LEU CA  HA   sing N N 178 
LEU C   O    doub N N 179 
LEU C   OXT  sing N N 180 
LEU CB  CG   sing N N 181 
LEU CB  HB2  sing N N 182 
LEU CB  HB3  sing N N 183 
LEU CG  CD1  sing N N 184 
LEU CG  CD2  sing N N 185 
LEU CG  HG   sing N N 186 
LEU CD1 HD11 sing N N 187 
LEU CD1 HD12 sing N N 188 
LEU CD1 HD13 sing N N 189 
LEU CD2 HD21 sing N N 190 
LEU CD2 HD22 sing N N 191 
LEU CD2 HD23 sing N N 192 
LEU OXT HXT  sing N N 193 
LYS N   CA   sing N N 194 
LYS N   H    sing N N 195 
LYS N   H2   sing N N 196 
LYS CA  C    sing N N 197 
LYS CA  CB   sing N N 198 
LYS CA  HA   sing N N 199 
LYS C   O    doub N N 200 
LYS C   OXT  sing N N 201 
LYS CB  CG   sing N N 202 
LYS CB  HB2  sing N N 203 
LYS CB  HB3  sing N N 204 
LYS CG  CD   sing N N 205 
LYS CG  HG2  sing N N 206 
LYS CG  HG3  sing N N 207 
LYS CD  CE   sing N N 208 
LYS CD  HD2  sing N N 209 
LYS CD  HD3  sing N N 210 
LYS CE  NZ   sing N N 211 
LYS CE  HE2  sing N N 212 
LYS CE  HE3  sing N N 213 
LYS NZ  HZ1  sing N N 214 
LYS NZ  HZ2  sing N N 215 
LYS NZ  HZ3  sing N N 216 
LYS OXT HXT  sing N N 217 
MET N   CA   sing N N 218 
MET N   H    sing N N 219 
MET N   H2   sing N N 220 
MET CA  C    sing N N 221 
MET CA  CB   sing N N 222 
MET CA  HA   sing N N 223 
MET C   O    doub N N 224 
MET C   OXT  sing N N 225 
MET CB  CG   sing N N 226 
MET CB  HB2  sing N N 227 
MET CB  HB3  sing N N 228 
MET CG  SD   sing N N 229 
MET CG  HG2  sing N N 230 
MET CG  HG3  sing N N 231 
MET SD  CE   sing N N 232 
MET CE  HE1  sing N N 233 
MET CE  HE2  sing N N 234 
MET CE  HE3  sing N N 235 
MET OXT HXT  sing N N 236 
PHE N   CA   sing N N 237 
PHE N   H    sing N N 238 
PHE N   H2   sing N N 239 
PHE CA  C    sing N N 240 
PHE CA  CB   sing N N 241 
PHE CA  HA   sing N N 242 
PHE C   O    doub N N 243 
PHE C   OXT  sing N N 244 
PHE CB  CG   sing N N 245 
PHE CB  HB2  sing N N 246 
PHE CB  HB3  sing N N 247 
PHE CG  CD1  doub Y N 248 
PHE CG  CD2  sing Y N 249 
PHE CD1 CE1  sing Y N 250 
PHE CD1 HD1  sing N N 251 
PHE CD2 CE2  doub Y N 252 
PHE CD2 HD2  sing N N 253 
PHE CE1 CZ   doub Y N 254 
PHE CE1 HE1  sing N N 255 
PHE CE2 CZ   sing Y N 256 
PHE CE2 HE2  sing N N 257 
PHE CZ  HZ   sing N N 258 
PHE OXT HXT  sing N N 259 
PRO N   CA   sing N N 260 
PRO N   CD   sing N N 261 
PRO N   H    sing N N 262 
PRO CA  C    sing N N 263 
PRO CA  CB   sing N N 264 
PRO CA  HA   sing N N 265 
PRO C   O    doub N N 266 
PRO C   OXT  sing N N 267 
PRO CB  CG   sing N N 268 
PRO CB  HB2  sing N N 269 
PRO CB  HB3  sing N N 270 
PRO CG  CD   sing N N 271 
PRO CG  HG2  sing N N 272 
PRO CG  HG3  sing N N 273 
PRO CD  HD2  sing N N 274 
PRO CD  HD3  sing N N 275 
PRO OXT HXT  sing N N 276 
SER N   CA   sing N N 277 
SER N   H    sing N N 278 
SER N   H2   sing N N 279 
SER CA  C    sing N N 280 
SER CA  CB   sing N N 281 
SER CA  HA   sing N N 282 
SER C   O    doub N N 283 
SER C   OXT  sing N N 284 
SER CB  OG   sing N N 285 
SER CB  HB2  sing N N 286 
SER CB  HB3  sing N N 287 
SER OG  HG   sing N N 288 
SER OXT HXT  sing N N 289 
THR N   CA   sing N N 290 
THR N   H    sing N N 291 
THR N   H2   sing N N 292 
THR CA  C    sing N N 293 
THR CA  CB   sing N N 294 
THR CA  HA   sing N N 295 
THR C   O    doub N N 296 
THR C   OXT  sing N N 297 
THR CB  OG1  sing N N 298 
THR CB  CG2  sing N N 299 
THR CB  HB   sing N N 300 
THR OG1 HG1  sing N N 301 
THR CG2 HG21 sing N N 302 
THR CG2 HG22 sing N N 303 
THR CG2 HG23 sing N N 304 
THR OXT HXT  sing N N 305 
TYR N   CA   sing N N 306 
TYR N   H    sing N N 307 
TYR N   H2   sing N N 308 
TYR CA  C    sing N N 309 
TYR CA  CB   sing N N 310 
TYR CA  HA   sing N N 311 
TYR C   O    doub N N 312 
TYR C   OXT  sing N N 313 
TYR CB  CG   sing N N 314 
TYR CB  HB2  sing N N 315 
TYR CB  HB3  sing N N 316 
TYR CG  CD1  doub Y N 317 
TYR CG  CD2  sing Y N 318 
TYR CD1 CE1  sing Y N 319 
TYR CD1 HD1  sing N N 320 
TYR CD2 CE2  doub Y N 321 
TYR CD2 HD2  sing N N 322 
TYR CE1 CZ   doub Y N 323 
TYR CE1 HE1  sing N N 324 
TYR CE2 CZ   sing Y N 325 
TYR CE2 HE2  sing N N 326 
TYR CZ  OH   sing N N 327 
TYR OH  HH   sing N N 328 
TYR OXT HXT  sing N N 329 
VAL N   CA   sing N N 330 
VAL N   H    sing N N 331 
VAL N   H2   sing N N 332 
VAL CA  C    sing N N 333 
VAL CA  CB   sing N N 334 
VAL CA  HA   sing N N 335 
VAL C   O    doub N N 336 
VAL C   OXT  sing N N 337 
VAL CB  CG1  sing N N 338 
VAL CB  CG2  sing N N 339 
VAL CB  HB   sing N N 340 
VAL CG1 HG11 sing N N 341 
VAL CG1 HG12 sing N N 342 
VAL CG1 HG13 sing N N 343 
VAL CG2 HG21 sing N N 344 
VAL CG2 HG22 sing N N 345 
VAL CG2 HG23 sing N N 346 
VAL OXT HXT  sing N N 347 
# 
_pdbx_audit_support.funding_organization   'Czech Science Foundation' 
_pdbx_audit_support.country                'Czech Republic' 
_pdbx_audit_support.grant_number           GAP305/11/0756 
_pdbx_audit_support.ordinal                1 
# 
_pdbx_initial_refinement_model.id               1 
_pdbx_initial_refinement_model.entity_id_list   ? 
_pdbx_initial_refinement_model.type             'experimental model' 
_pdbx_initial_refinement_model.source_name      PDB 
_pdbx_initial_refinement_model.accession_code   3MM4 
_pdbx_initial_refinement_model.details          ? 
# 
_atom_sites.entry_id                    5LNN 
_atom_sites.fract_transf_matrix[1][1]   -0.00308900 
_atom_sites.fract_transf_matrix[1][2]   -0.00356297 
_atom_sites.fract_transf_matrix[1][3]   0.01820416 
_atom_sites.fract_transf_matrix[2][1]   -0.00837725 
_atom_sites.fract_transf_matrix[2][2]   -0.00472699 
_atom_sites.fract_transf_matrix[2][3]   -0.00234669 
_atom_sites.fract_transf_matrix[3][1]   0.00638108 
_atom_sites.fract_transf_matrix[3][2]   -0.01079709 
_atom_sites.fract_transf_matrix[3][3]   -0.00103045 
_atom_sites.fract_transf_vector[1]      -0.463407 
_atom_sites.fract_transf_vector[2]      -0.148513 
_atom_sites.fract_transf_vector[3]      -0.055317 
# 
loop_
_atom_type.symbol 
C 
N 
O 
S 
# 
loop_
_atom_site.group_PDB 
_atom_site.id 
_atom_site.type_symbol 
_atom_site.label_atom_id 
_atom_site.label_alt_id 
_atom_site.label_comp_id 
_atom_site.label_asym_id 
_atom_site.label_entity_id 
_atom_site.label_seq_id 
_atom_site.pdbx_PDB_ins_code 
_atom_site.Cartn_x 
_atom_site.Cartn_y 
_atom_site.Cartn_z 
_atom_site.occupancy 
_atom_site.B_iso_or_equiv 
_atom_site.pdbx_formal_charge 
_atom_site.auth_seq_id 
_atom_site.auth_comp_id 
_atom_site.auth_asym_id 
_atom_site.auth_atom_id 
_atom_site.pdbx_PDB_model_num 
ATOM   1    N N   . SER A 1 11  ? 13.480  -5.594  5.574   1.00 43.46 ? 935  SER A N   1 
ATOM   2    C CA  . SER A 1 11  ? 11.970  -5.656  5.811   1.00 38.32 ? 935  SER A CA  1 
ATOM   3    C C   . SER A 1 11  ? 11.506  -6.060  7.174   1.00 39.12 ? 935  SER A C   1 
ATOM   4    O O   . SER A 1 11  ? 12.183  -6.740  7.863   1.00 41.86 ? 935  SER A O   1 
ATOM   5    C CB  . SER A 1 11  ? 11.322  -6.653  4.865   1.00 37.66 ? 935  SER A CB  1 
ATOM   6    O OG  . SER A 1 11  ? 11.654  -7.983  5.250   1.00 39.82 ? 935  SER A OG  1 
ATOM   7    N N   . GLY A 1 12  ? 10.283  -5.723  7.521   1.00 32.68 ? 936  GLY A N   1 
ATOM   8    C CA  . GLY A 1 12  ? 9.587   -6.306  8.637   1.00 33.19 ? 936  GLY A CA  1 
ATOM   9    C C   . GLY A 1 12  ? 8.339   -5.599  8.971   1.00 33.31 ? 936  GLY A C   1 
ATOM   10   O O   . GLY A 1 12  ? 7.946   -4.667  8.220   1.00 30.86 ? 936  GLY A O   1 
ATOM   11   N N   . LEU A 1 13  ? 7.653   -6.141  9.949   1.00 31.81 ? 937  LEU A N   1 
ATOM   12   C CA  . LEU A 1 13  ? 6.358   -5.682  10.387  1.00 30.28 ? 937  LEU A CA  1 
ATOM   13   C C   . LEU A 1 13  ? 6.417   -4.527  11.368  1.00 33.58 ? 937  LEU A C   1 
ATOM   14   O O   . LEU A 1 13  ? 7.331   -4.436  12.148  1.00 32.01 ? 937  LEU A O   1 
ATOM   15   C CB  . LEU A 1 13  ? 5.512   -6.801  11.027  1.00 38.08 ? 937  LEU A CB  1 
ATOM   16   C CG  . LEU A 1 13  ? 4.591   -7.597  10.120  1.00 47.22 ? 937  LEU A CG  1 
ATOM   17   C CD1 . LEU A 1 13  ? 5.284   -8.011  8.818   1.00 47.22 ? 937  LEU A CD1 1 
ATOM   18   C CD2 . LEU A 1 13  ? 3.976   -8.739  10.944  1.00 49.47 ? 937  LEU A CD2 1 
ATOM   19   N N   . VAL A 1 14  ? 5.396   -3.691  11.376  1.00 29.91 ? 938  VAL A N   1 
ATOM   20   C CA  . VAL A 1 14  ? 5.309   -2.518  12.193  1.00 36.82 ? 938  VAL A CA  1 
ATOM   21   C C   . VAL A 1 14  ? 4.338   -2.922  13.248  1.00 45.97 ? 938  VAL A C   1 
ATOM   22   O O   . VAL A 1 14  ? 3.251   -3.457  12.959  1.00 39.36 ? 938  VAL A O   1 
ATOM   23   C CB  . VAL A 1 14  ? 4.775   -1.310  11.357  1.00 37.62 ? 938  VAL A CB  1 
ATOM   24   C CG1 . VAL A 1 14  ? 4.528   -0.100  12.250  1.00 43.29 ? 938  VAL A CG1 1 
ATOM   25   C CG2 . VAL A 1 14  ? 5.713   -0.995  10.217  1.00 39.30 ? 938  VAL A CG2 1 
ATOM   26   N N   . PRO A 1 15  ? 4.717   -2.738  14.529  1.00 49.56 ? 939  PRO A N   1 
ATOM   27   C CA  . PRO A 1 15  ? 3.691   -2.905  15.569  1.00 53.20 ? 939  PRO A CA  1 
ATOM   28   C C   . PRO A 1 15  ? 2.708   -1.692  15.609  1.00 52.73 ? 939  PRO A C   1 
ATOM   29   O O   . PRO A 1 15  ? 2.958   -0.631  14.954  1.00 52.90 ? 939  PRO A O   1 
ATOM   30   C CB  . PRO A 1 15  ? 4.529   -3.022  16.846  1.00 61.55 ? 939  PRO A CB  1 
ATOM   31   C CG  . PRO A 1 15  ? 5.778   -2.217  16.549  1.00 61.30 ? 939  PRO A CG  1 
ATOM   32   C CD  . PRO A 1 15  ? 6.027   -2.301  15.068  1.00 52.90 ? 939  PRO A CD  1 
ATOM   33   N N   . ARG A 1 16  ? 1.610   -1.856  16.339  1.00 70.80 ? 940  ARG A N   1 
ATOM   34   C CA  . ARG A 1 16  ? 0.598   -0.782  16.521  1.00 73.62 ? 940  ARG A CA  1 
ATOM   35   C C   . ARG A 1 16  ? 1.040   0.321   17.498  1.00 71.66 ? 940  ARG A C   1 
ATOM   36   O O   . ARG A 1 16  ? 0.408   1.384   17.565  1.00 71.23 ? 940  ARG A O   1 
ATOM   37   C CB  . ARG A 1 16  ? -0.747  -1.381  16.980  1.00 71.70 ? 940  ARG A CB  1 
ATOM   38   C CG  . ARG A 1 16  ? -1.271  -2.471  16.066  1.00 72.05 ? 940  ARG A CG  1 
ATOM   39   C CD  . ARG A 1 16  ? -1.196  -2.071  14.588  1.00 75.28 ? 940  ARG A CD  1 
ATOM   40   N NE  . ARG A 1 16  ? -2.229  -2.761  13.810  1.00 74.27 ? 940  ARG A NE  1 
ATOM   41   C CZ  . ARG A 1 16  ? -3.502  -2.376  13.723  1.00 68.02 ? 940  ARG A CZ  1 
ATOM   42   N NH1 . ARG A 1 16  ? -3.942  -1.259  14.334  1.00 61.47 ? 940  ARG A NH1 1 
ATOM   43   N NH2 . ARG A 1 16  ? -4.353  -3.120  13.021  1.00 63.28 ? 940  ARG A NH2 1 
ATOM   44   N N   . SER A 1 54  ? 7.453   -21.590 -7.845  1.00 62.57 ? 978  SER A N   1 
ATOM   45   C CA  . SER A 1 54  ? 6.951   -20.407 -8.500  1.00 63.24 ? 978  SER A CA  1 
ATOM   46   C C   . SER A 1 54  ? 5.889   -19.701 -7.646  1.00 64.73 ? 978  SER A C   1 
ATOM   47   O O   . SER A 1 54  ? 5.147   -20.334 -6.880  1.00 54.16 ? 978  SER A O   1 
ATOM   48   C CB  . SER A 1 54  ? 6.374   -20.783 -9.858  1.00 63.19 ? 978  SER A CB  1 
ATOM   49   O OG  . SER A 1 54  ? 6.262   -19.642 -10.685 1.00 67.67 ? 978  SER A OG  1 
ATOM   50   N N   . ASP A 1 55  ? 5.822   -18.382 -7.773  1.00 65.62 ? 979  ASP A N   1 
ATOM   51   C CA  . ASP A 1 55  ? 4.806   -17.595 -7.089  1.00 61.43 ? 979  ASP A CA  1 
ATOM   52   C C   . ASP A 1 55  ? 3.895   -16.839 -8.066  1.00 59.56 ? 979  ASP A C   1 
ATOM   53   O O   . ASP A 1 55  ? 3.272   -15.841 -7.706  1.00 55.15 ? 979  ASP A O   1 
ATOM   54   C CB  . ASP A 1 55  ? 5.447   -16.677 -6.047  1.00 63.70 ? 979  ASP A CB  1 
ATOM   55   C CG  . ASP A 1 55  ? 6.434   -15.702 -6.631  1.00 71.38 ? 979  ASP A CG  1 
ATOM   56   O OD1 . ASP A 1 55  ? 6.692   -15.745 -7.858  1.00 71.95 ? 979  ASP A OD1 1 
ATOM   57   O OD2 . ASP A 1 55  ? 6.964   -14.889 -5.836  1.00 85.99 ? 979  ASP A OD2 1 
ATOM   58   N N   . ASP A 1 56  ? 3.733   -17.349 -9.274  1.00 47.69 ? 980  ASP A N   1 
ATOM   59   C CA  . ASP A 1 56  ? 2.888   -16.646 -10.274 1.00 50.00 ? 980  ASP A CA  1 
ATOM   60   C C   . ASP A 1 56  ? 1.387   -16.642 -9.960  1.00 43.61 ? 980  ASP A C   1 
ATOM   61   O O   . ASP A 1 56  ? 0.492   -16.088 -10.710 1.00 38.48 ? 980  ASP A O   1 
ATOM   62   C CB  . ASP A 1 56  ? 3.194   -17.182 -11.693 1.00 53.45 ? 980  ASP A CB  1 
ATOM   63   C CG  . ASP A 1 56  ? 2.821   -18.644 -11.881 1.00 59.81 ? 980  ASP A CG  1 
ATOM   64   O OD1 . ASP A 1 56  ? 3.144   -19.440 -10.969 1.00 48.07 ? 980  ASP A OD1 1 
ATOM   65   O OD2 . ASP A 1 56  ? 2.245   -18.977 -12.954 1.00 61.62 ? 980  ASP A OD2 1 
ATOM   66   N N   . GLU A 1 57  ? 1.041   -17.305 -8.843  1.00 36.39 ? 981  GLU A N   1 
ATOM   67   C CA  . GLU A 1 57  ? -0.286  -17.216 -8.364  1.00 40.82 ? 981  GLU A CA  1 
ATOM   68   C C   . GLU A 1 57  ? -0.344  -16.726 -6.915  1.00 28.28 ? 981  GLU A C   1 
ATOM   69   O O   . GLU A 1 57  ? -1.470  -16.820 -6.405  1.00 28.69 ? 981  GLU A O   1 
ATOM   70   C CB  . GLU A 1 57  ? -0.964  -18.579 -8.447  1.00 47.29 ? 981  GLU A CB  1 
ATOM   71   C CG  . GLU A 1 57  ? -1.136  -19.089 -9.860  1.00 59.90 ? 981  GLU A CG  1 
ATOM   72   C CD  . GLU A 1 57  ? -2.594  -19.153 -10.189 1.00 69.73 ? 981  GLU A CD  1 
ATOM   73   O OE1 . GLU A 1 57  ? -2.961  -18.268 -11.010 1.00 62.30 ? 981  GLU A OE1 1 
ATOM   74   O OE2 . GLU A 1 57  ? -3.331  -20.033 -9.572  1.00 58.61 ? 981  GLU A OE2 1 
ATOM   75   N N   . PHE A 1 58  ? 0.781   -16.327 -6.309  1.00 29.12 ? 982  PHE A N   1 
ATOM   76   C CA  . PHE A 1 58  ? 0.816   -15.982 -4.863  1.00 24.97 ? 982  PHE A CA  1 
ATOM   77   C C   . PHE A 1 58  ? -0.255  -14.887 -4.557  1.00 24.46 ? 982  PHE A C   1 
ATOM   78   O O   . PHE A 1 58  ? -1.076  -15.078 -3.668  1.00 23.80 ? 982  PHE A O   1 
ATOM   79   C CB  . PHE A 1 58  ? 2.133   -15.509 -4.349  1.00 31.17 ? 982  PHE A CB  1 
ATOM   80   C CG  . PHE A 1 58  ? 2.135   -15.057 -2.924  1.00 27.76 ? 982  PHE A CG  1 
ATOM   81   C CD1 . PHE A 1 58  ? 1.720   -15.860 -1.912  1.00 29.13 ? 982  PHE A CD1 1 
ATOM   82   C CD2 . PHE A 1 58  ? 2.551   -13.711 -2.583  1.00 29.94 ? 982  PHE A CD2 1 
ATOM   83   C CE1 . PHE A 1 58  ? 1.709   -15.406 -0.585  1.00 28.75 ? 982  PHE A CE1 1 
ATOM   84   C CE2 . PHE A 1 58  ? 2.519   -13.270 -1.299  1.00 30.22 ? 982  PHE A CE2 1 
ATOM   85   C CZ  . PHE A 1 58  ? 2.123   -14.097 -0.282  1.00 30.57 ? 982  PHE A CZ  1 
ATOM   86   N N   . LEU A 1 59  ? -0.300  -13.914 -5.419  1.00 28.58 ? 983  LEU A N   1 
ATOM   87   C CA  . LEU A 1 59  ? -1.302  -12.798 -5.262  1.00 25.51 ? 983  LEU A CA  1 
ATOM   88   C C   . LEU A 1 59  ? -2.424  -12.855 -6.197  1.00 24.41 ? 983  LEU A C   1 
ATOM   89   O O   . LEU A 1 59  ? -3.244  -11.882 -6.409  1.00 25.90 ? 983  LEU A O   1 
ATOM   90   C CB  . LEU A 1 59  ? -0.540  -11.441 -5.452  1.00 24.86 ? 983  LEU A CB  1 
ATOM   91   C CG  . LEU A 1 59  ? 0.441   -11.115 -4.397  1.00 26.03 ? 983  LEU A CG  1 
ATOM   92   C CD1 . LEU A 1 59  ? 1.145   -9.802  -4.767  1.00 31.93 ? 983  LEU A CD1 1 
ATOM   93   C CD2 . LEU A 1 59  ? -0.124  -11.031 -3.003  1.00 31.03 ? 983  LEU A CD2 1 
ATOM   94   N N   . ARG A 1 60  ? -2.739  -14.028 -6.839  1.00 23.43 ? 984  ARG A N   1 
ATOM   95   C CA  . ARG A 1 60  ? -4.015  -14.039 -7.560  1.00 25.00 ? 984  ARG A CA  1 
ATOM   96   C C   . ARG A 1 60  ? -5.234  -13.735 -6.788  1.00 27.35 ? 984  ARG A C   1 
ATOM   97   O O   . ARG A 1 60  ? -5.348  -14.147 -5.682  1.00 28.43 ? 984  ARG A O   1 
ATOM   98   C CB  . ARG A 1 60  ? -4.175  -15.520 -8.156  1.00 35.24 ? 984  ARG A CB  1 
ATOM   99   C CG  . ARG A 1 60  ? -4.966  -15.459 -9.440  1.00 43.56 ? 984  ARG A CG  1 
ATOM   100  C CD  . ARG A 1 60  ? -5.205  -16.845 -9.988  1.00 57.60 ? 984  ARG A CD  1 
ATOM   101  N NE  . ARG A 1 60  ? -5.237  -16.936 -11.445 1.00 64.40 ? 984  ARG A NE  1 
ATOM   102  C CZ  . ARG A 1 60  ? -5.539  -18.062 -12.103 1.00 74.09 ? 984  ARG A CZ  1 
ATOM   103  N NH1 . ARG A 1 60  ? -5.802  -19.187 -11.434 1.00 70.91 ? 984  ARG A NH1 1 
ATOM   104  N NH2 . ARG A 1 60  ? -5.547  -18.079 -13.433 1.00 83.52 ? 984  ARG A NH2 1 
ATOM   105  N N   . GLY A 1 61  ? -6.189  -12.968 -7.368  1.00 27.89 ? 985  GLY A N   1 
ATOM   106  C CA  . GLY A 1 61  ? -7.356  -12.515 -6.703  1.00 33.69 ? 985  GLY A CA  1 
ATOM   107  C C   . GLY A 1 61  ? -7.147  -11.137 -6.015  1.00 29.01 ? 985  GLY A C   1 
ATOM   108  O O   . GLY A 1 61  ? -8.112  -10.735 -5.340  1.00 30.58 ? 985  GLY A O   1 
ATOM   109  N N   . LYS A 1 62  ? -5.877  -10.683 -5.932  1.00 30.12 ? 986  LYS A N   1 
ATOM   110  C CA  . LYS A 1 62  ? -5.613  -9.460  -5.126  1.00 25.58 ? 986  LYS A CA  1 
ATOM   111  C C   . LYS A 1 62  ? -5.503  -8.280  -5.994  1.00 27.44 ? 986  LYS A C   1 
ATOM   112  O O   . LYS A 1 62  ? -5.133  -8.366  -7.149  1.00 27.32 ? 986  LYS A O   1 
ATOM   113  C CB  . LYS A 1 62  ? -4.321  -9.676  -4.333  1.00 27.71 ? 986  LYS A CB  1 
ATOM   114  C CG  . LYS A 1 62  ? -4.427  -10.842 -3.398  1.00 28.96 ? 986  LYS A CG  1 
ATOM   115  C CD  . LYS A 1 62  ? -5.562  -10.644 -2.426  1.00 34.17 ? 986  LYS A CD  1 
ATOM   116  C CE  . LYS A 1 62  ? -5.574  -11.595 -1.351  1.00 34.85 ? 986  LYS A CE  1 
ATOM   117  N NZ  . LYS A 1 62  ? -6.886  -11.499 -0.662  1.00 33.67 ? 986  LYS A NZ  1 
ATOM   118  N N   . ARG A 1 63  ? -5.898  -7.123  -5.437  1.00 23.72 ? 987  ARG A N   1 
ATOM   119  C CA  . ARG A 1 63  ? -5.844  -5.862  -6.151  1.00 21.96 ? 987  ARG A CA  1 
ATOM   120  C C   . ARG A 1 63  ? -4.924  -4.933  -5.328  1.00 19.52 ? 987  ARG A C   1 
ATOM   121  O O   . ARG A 1 63  ? -5.023  -4.925  -4.093  1.00 23.55 ? 987  ARG A O   1 
ATOM   122  C CB  . ARG A 1 63  ? -7.249  -5.197  -6.369  1.00 26.58 ? 987  ARG A CB  1 
ATOM   123  C CG  . ARG A 1 63  ? -7.300  -3.836  -7.170  0.49 29.98 ? 987  ARG A CG  1 
ATOM   124  C CD  . ARG A 1 63  ? -8.691  -3.306  -7.641  0.49 34.34 ? 987  ARG A CD  1 
ATOM   125  N NE  . ARG A 1 63  ? -8.678  -2.100  -8.495  0.49 36.01 ? 987  ARG A NE  1 
ATOM   126  C CZ  . ARG A 1 63  ? -9.228  -0.906  -8.195  0.49 35.48 ? 987  ARG A CZ  1 
ATOM   127  N NH1 . ARG A 1 63  ? -9.839  -0.694  -7.028  0.49 29.09 ? 987  ARG A NH1 1 
ATOM   128  N NH2 . ARG A 1 63  ? -9.167  0.103   -9.073  0.49 32.52 ? 987  ARG A NH2 1 
ATOM   129  N N   . VAL A 1 64  ? -3.940  -4.303  -5.991  1.00 20.95 ? 988  VAL A N   1 
ATOM   130  C CA  A VAL A 1 64  ? -2.928  -3.582  -5.280  0.50 19.87 ? 988  VAL A CA  1 
ATOM   131  C CA  B VAL A 1 64  ? -2.963  -3.559  -5.257  0.50 21.14 ? 988  VAL A CA  1 
ATOM   132  C C   . VAL A 1 64  ? -2.793  -2.205  -5.859  1.00 19.83 ? 988  VAL A C   1 
ATOM   133  O O   . VAL A 1 64  ? -2.996  -2.009  -7.045  1.00 21.73 ? 988  VAL A O   1 
ATOM   134  C CB  A VAL A 1 64  ? -1.591  -4.367  -5.382  0.50 19.22 ? 988  VAL A CB  1 
ATOM   135  C CB  B VAL A 1 64  ? -1.615  -4.325  -5.202  0.50 22.75 ? 988  VAL A CB  1 
ATOM   136  C CG1 A VAL A 1 64  ? -0.447  -3.575  -4.759  0.50 17.90 ? 988  VAL A CG1 1 
ATOM   137  C CG1 B VAL A 1 64  ? -1.856  -5.736  -4.659  0.50 23.53 ? 988  VAL A CG1 1 
ATOM   138  C CG2 A VAL A 1 64  ? -1.749  -5.720  -4.699  0.50 20.38 ? 988  VAL A CG2 1 
ATOM   139  C CG2 B VAL A 1 64  ? -0.917  -4.334  -6.556  0.50 24.31 ? 988  VAL A CG2 1 
ATOM   140  N N   . LEU A 1 65  ? -2.420  -1.257  -5.017  1.00 17.20 ? 989  LEU A N   1 
ATOM   141  C CA  . LEU A 1 65  ? -2.000  0.101   -5.457  1.00 17.39 ? 989  LEU A CA  1 
ATOM   142  C C   . LEU A 1 65  ? -0.542  0.281   -5.187  1.00 18.75 ? 989  LEU A C   1 
ATOM   143  O O   . LEU A 1 65  ? -0.125  0.073   -4.049  1.00 18.38 ? 989  LEU A O   1 
ATOM   144  C CB  . LEU A 1 65  ? -2.825  1.128   -4.670  1.00 17.14 ? 989  LEU A CB  1 
ATOM   145  C CG  . LEU A 1 65  ? -2.567  2.608   -4.976  1.00 18.44 ? 989  LEU A CG  1 
ATOM   146  C CD1 . LEU A 1 65  ? -2.886  2.991   -6.417  1.00 21.48 ? 989  LEU A CD1 1 
ATOM   147  C CD2 . LEU A 1 65  ? -3.261  3.517   -3.967  1.00 21.43 ? 989  LEU A CD2 1 
ATOM   148  N N   . VAL A 1 66  ? 0.197   0.833   -6.165  1.00 18.81 ? 990  VAL A N   1 
ATOM   149  C CA  . VAL A 1 66  ? 1.595   1.242   -5.987  1.00 19.76 ? 990  VAL A CA  1 
ATOM   150  C C   . VAL A 1 66  ? 1.683   2.736   -6.046  1.00 18.28 ? 990  VAL A C   1 
ATOM   151  O O   . VAL A 1 66  ? 1.168   3.320   -6.988  1.00 21.87 ? 990  VAL A O   1 
ATOM   152  C CB  . VAL A 1 66  ? 2.446   0.594   -7.028  1.00 20.23 ? 990  VAL A CB  1 
ATOM   153  C CG1 . VAL A 1 66  ? 3.869   1.099   -6.903  1.00 21.59 ? 990  VAL A CG1 1 
ATOM   154  C CG2 . VAL A 1 66  ? 2.441   -0.932  -6.902  1.00 22.22 ? 990  VAL A CG2 1 
ATOM   155  N N   . VAL A 1 67  ? 2.246   3.346   -5.029  1.00 16.78 ? 991  VAL A N   1 
ATOM   156  C CA  . VAL A 1 67  ? 2.366   4.821   -4.926  1.00 16.61 ? 991  VAL A CA  1 
ATOM   157  C C   . VAL A 1 67  ? 3.870   5.124   -4.921  1.00 20.95 ? 991  VAL A C   1 
ATOM   158  O O   . VAL A 1 67  ? 4.543   4.775   -3.958  1.00 21.78 ? 991  VAL A O   1 
ATOM   159  C CB  . VAL A 1 67  ? 1.746   5.397   -3.654  1.00 17.81 ? 991  VAL A CB  1 
ATOM   160  C CG1 . VAL A 1 67  ? 1.690   6.883   -3.680  1.00 17.93 ? 991  VAL A CG1 1 
ATOM   161  C CG2 . VAL A 1 67  ? 0.298   4.870   -3.439  1.00 16.59 ? 991  VAL A CG2 1 
ATOM   162  N N   . ASP A 1 68  ? 4.341   5.812   -5.986  1.00 21.78 ? 992  ASP A N   1 
ATOM   163  C CA  . ASP A 1 68  ? 5.797   6.160   -6.022  1.00 23.93 ? 992  ASP A CA  1 
ATOM   164  C C   . ASP A 1 68  ? 5.977   7.239   -7.030  1.00 22.11 ? 992  ASP A C   1 
ATOM   165  O O   . ASP A 1 68  ? 5.431   7.128   -8.139  1.00 23.05 ? 992  ASP A O   1 
ATOM   166  C CB  . ASP A 1 68  ? 6.571   4.903   -6.408  1.00 24.48 ? 992  ASP A CB  1 
ATOM   167  C CG  . ASP A 1 68  ? 8.102   5.100   -6.144  1.00 31.97 ? 992  ASP A CG  1 
ATOM   168  O OD1 . ASP A 1 68  ? 8.545   6.223   -5.974  1.00 34.21 ? 992  ASP A OD1 1 
ATOM   169  O OD2 . ASP A 1 68  ? 8.768   4.119   -5.797  1.00 38.37 ? 992  ASP A OD2 1 
ATOM   170  N N   . ASP A 1 69  ? 6.643   8.289   -6.569  1.00 27.01 ? 993  ASP A N   1 
ATOM   171  C CA  . ASP A 1 69  ? 6.913   9.375   -7.477  1.00 26.47 ? 993  ASP A CA  1 
ATOM   172  C C   . ASP A 1 69  ? 7.984   9.082   -8.508  1.00 30.12 ? 993  ASP A C   1 
ATOM   173  O O   . ASP A 1 69  ? 8.014   9.766   -9.533  1.00 28.16 ? 993  ASP A O   1 
ATOM   174  C CB  . ASP A 1 69  ? 7.241   10.616  -6.713  1.00 32.05 ? 993  ASP A CB  1 
ATOM   175  C CG  . ASP A 1 69  ? 8.453   10.442  -5.807  1.00 32.99 ? 993  ASP A CG  1 
ATOM   176  O OD1 . ASP A 1 69  ? 8.640   9.392   -5.164  1.00 37.92 ? 993  ASP A OD1 1 
ATOM   177  O OD2 . ASP A 1 69  ? 9.341   11.324  -5.867  1.00 45.52 ? 993  ASP A OD2 1 
ATOM   178  N N   . ASN A 1 70  ? 8.802   8.078   -8.262  1.00 26.79 ? 994  ASN A N   1 
ATOM   179  C CA  . ASN A 1 70  ? 9.814   7.679   -9.251  1.00 29.39 ? 994  ASN A CA  1 
ATOM   180  C C   . ASN A 1 70  ? 9.222   6.673   -10.185 1.00 26.85 ? 994  ASN A C   1 
ATOM   181  O O   . ASN A 1 70  ? 8.788   5.553   -9.811  1.00 27.95 ? 994  ASN A O   1 
ATOM   182  C CB  . ASN A 1 70  ? 10.981  7.134   -8.479  1.00 26.94 ? 994  ASN A CB  1 
ATOM   183  C CG  . ASN A 1 70  ? 12.166  6.750   -9.366  1.00 30.63 ? 994  ASN A CG  1 
ATOM   184  O OD1 . ASN A 1 70  ? 12.207  5.700   -9.974  1.00 33.40 ? 994  ASN A OD1 1 
ATOM   185  N ND2 . ASN A 1 70  ? 13.055  7.685   -9.517  1.00 35.96 ? 994  ASN A ND2 1 
ATOM   186  N N   . PHE A 1 71  ? 9.212   7.028   -11.441 1.00 26.88 ? 995  PHE A N   1 
ATOM   187  C CA  . PHE A 1 71  ? 8.716   6.287   -12.453 1.00 23.50 ? 995  PHE A CA  1 
ATOM   188  C C   . PHE A 1 71  ? 9.312   4.891   -12.546 1.00 26.50 ? 995  PHE A C   1 
ATOM   189  O O   . PHE A 1 71  ? 8.598   3.860   -12.722 1.00 29.62 ? 995  PHE A O   1 
ATOM   190  C CB  . PHE A 1 71  ? 8.885   7.046   -13.727 1.00 30.76 ? 995  PHE A CB  1 
ATOM   191  C CG  . PHE A 1 71  ? 8.256   6.387   -14.912 1.00 34.32 ? 995  PHE A CG  1 
ATOM   192  C CD1 . PHE A 1 71  ? 8.934   5.418   -15.629 1.00 30.30 ? 995  PHE A CD1 1 
ATOM   193  C CD2 . PHE A 1 71  ? 7.015   6.741   -15.353 1.00 43.37 ? 995  PHE A CD2 1 
ATOM   194  C CE1 . PHE A 1 71  ? 8.375   4.779   -16.712 1.00 36.02 ? 995  PHE A CE1 1 
ATOM   195  C CE2 . PHE A 1 71  ? 6.451   6.102   -16.454 1.00 46.32 ? 995  PHE A CE2 1 
ATOM   196  C CZ  . PHE A 1 71  ? 7.128   5.118   -17.135 1.00 42.31 ? 995  PHE A CZ  1 
ATOM   197  N N   . ILE A 1 72  ? 10.641  4.835   -12.557 1.00 26.58 ? 996  ILE A N   1 
ATOM   198  C CA  . ILE A 1 72  ? 11.229  3.491   -12.705 1.00 31.02 ? 996  ILE A CA  1 
ATOM   199  C C   . ILE A 1 72  ? 10.896  2.569   -11.530 1.00 26.81 ? 996  ILE A C   1 
ATOM   200  O O   . ILE A 1 72  ? 10.551  1.442   -11.772 1.00 31.21 ? 996  ILE A O   1 
ATOM   201  C CB  . ILE A 1 72  ? 12.733  3.667   -12.904 1.00 31.56 ? 996  ILE A CB  1 
ATOM   202  C CG1 . ILE A 1 72  ? 12.872  4.337   -14.283 1.00 36.15 ? 996  ILE A CG1 1 
ATOM   203  C CG2 . ILE A 1 72  ? 13.601  2.491   -12.498 1.00 30.46 ? 996  ILE A CG2 1 
ATOM   204  C CD1 . ILE A 1 72  ? 13.165  3.473   -15.444 1.00 32.05 ? 996  ILE A CD1 1 
ATOM   205  N N   . SER A 1 73  ? 11.053  3.042   -10.317 1.00 31.00 ? 997  SER A N   1 
ATOM   206  C CA  . SER A 1 73  ? 10.718  2.151   -9.198  1.00 34.08 ? 997  SER A CA  1 
ATOM   207  C C   . SER A 1 73  ? 9.251   1.806   -9.189  1.00 35.62 ? 997  SER A C   1 
ATOM   208  O O   . SER A 1 73  ? 8.899   0.665   -8.854  1.00 29.46 ? 997  SER A O   1 
ATOM   209  C CB  . SER A 1 73  ? 11.242  2.564   -7.833  1.00 36.33 ? 997  SER A CB  1 
ATOM   210  O OG  . SER A 1 73  ? 11.111  3.895   -7.534  1.00 42.63 ? 997  SER A OG  1 
ATOM   211  N N   . ARG A 1 74  ? 8.411   2.740   -9.594  1.00 31.08 ? 998  ARG A N   1 
ATOM   212  C CA  . ARG A 1 74  ? 6.952   2.388   -9.733  1.00 30.10 ? 998  ARG A CA  1 
ATOM   213  C C   . ARG A 1 74  ? 6.645   1.198   -10.690 1.00 28.83 ? 998  ARG A C   1 
ATOM   214  O O   . ARG A 1 74  ? 5.887   0.241   -10.404 1.00 30.09 ? 998  ARG A O   1 
ATOM   215  C CB  . ARG A 1 74  ? 6.177   3.626   -10.153 1.00 31.39 ? 998  ARG A CB  1 
ATOM   216  C CG  . ARG A 1 74  ? 4.673   3.418   -9.941  1.00 33.11 ? 998  ARG A CG  1 
ATOM   217  C CD  . ARG A 1 74  ? 3.902   4.666   -10.203 1.00 28.44 ? 998  ARG A CD  1 
ATOM   218  N NE  . ARG A 1 74  ? 4.027   5.164   -11.540 1.00 33.68 ? 998  ARG A NE  1 
ATOM   219  C CZ  . ARG A 1 74  ? 4.634   6.317   -11.874 1.00 32.38 ? 998  ARG A CZ  1 
ATOM   220  N NH1 . ARG A 1 74  ? 4.600   6.634   -13.120 1.00 37.78 ? 998  ARG A NH1 1 
ATOM   221  N NH2 . ARG A 1 74  ? 5.343   7.121   -11.052 1.00 29.18 ? 998  ARG A NH2 1 
ATOM   222  N N   . LYS A 1 75  ? 7.350   1.126   -11.818 1.00 29.22 ? 999  LYS A N   1 
ATOM   223  C CA  . LYS A 1 75  ? 7.200   0.092   -12.808 1.00 29.95 ? 999  LYS A CA  1 
ATOM   224  C C   . LYS A 1 75  ? 7.877   -1.186  -12.370 1.00 27.15 ? 999  LYS A C   1 
ATOM   225  O O   . LYS A 1 75  ? 7.359   -2.246  -12.725 1.00 28.54 ? 999  LYS A O   1 
ATOM   226  C CB  . LYS A 1 75  ? 7.798   0.540   -14.153 1.00 37.31 ? 999  LYS A CB  1 
ATOM   227  C CG  . LYS A 1 75  ? 7.116   1.717   -14.790 1.00 38.54 ? 999  LYS A CG  1 
ATOM   228  C CD  . LYS A 1 75  ? 5.650   1.435   -15.001 1.00 44.59 ? 999  LYS A CD  1 
ATOM   229  C CE  . LYS A 1 75  ? 5.066   2.422   -15.955 1.00 50.38 ? 999  LYS A CE  1 
ATOM   230  N NZ  . LYS A 1 75  ? 3.659   2.695   -15.637 1.00 53.51 ? 999  LYS A NZ  1 
ATOM   231  N N   . VAL A 1 76  ? 8.966   -1.093  -11.630 1.00 30.99 ? 1000 VAL A N   1 
ATOM   232  C CA  . VAL A 1 76  ? 9.629   -2.287  -11.017 1.00 35.64 ? 1000 VAL A CA  1 
ATOM   233  C C   . VAL A 1 76  ? 8.718   -2.913  -9.968  1.00 36.63 ? 1000 VAL A C   1 
ATOM   234  O O   . VAL A 1 76  ? 8.588   -4.153  -9.938  1.00 33.48 ? 1000 VAL A O   1 
ATOM   235  C CB  . VAL A 1 76  ? 10.958  -1.966  -10.351 1.00 38.26 ? 1000 VAL A CB  1 
ATOM   236  C CG1 . VAL A 1 76  ? 11.549  -3.157  -9.578  1.00 43.67 ? 1000 VAL A CG1 1 
ATOM   237  C CG2 . VAL A 1 76  ? 11.942  -1.584  -11.473 1.00 39.42 ? 1000 VAL A CG2 1 
ATOM   238  N N   . ALA A 1 77  ? 8.131   -2.085  -9.104  1.00 32.98 ? 1001 ALA A N   1 
ATOM   239  C CA  . ALA A 1 77  ? 7.124   -2.648  -8.161  1.00 30.33 ? 1001 ALA A CA  1 
ATOM   240  C C   . ALA A 1 77  ? 5.988   -3.278  -8.896  1.00 27.68 ? 1001 ALA A C   1 
ATOM   241  O O   . ALA A 1 77  ? 5.528   -4.398  -8.514  1.00 30.16 ? 1001 ALA A O   1 
ATOM   242  C CB  . ALA A 1 77  ? 6.611   -1.566  -7.241  1.00 29.77 ? 1001 ALA A CB  1 
ATOM   243  N N   . THR A 1 78  ? 5.389   -2.638  -9.919  1.00 27.48 ? 1002 THR A N   1 
ATOM   244  C CA  . THR A 1 78  ? 4.291   -3.124  -10.636 1.00 25.94 ? 1002 THR A CA  1 
ATOM   245  C C   . THR A 1 78  ? 4.637   -4.402  -11.395 1.00 34.44 ? 1002 THR A C   1 
ATOM   246  O O   . THR A 1 78  ? 3.797   -5.291  -11.503 1.00 33.32 ? 1002 THR A O   1 
ATOM   247  C CB  . THR A 1 78  ? 3.541   -2.174  -11.552 1.00 37.37 ? 1002 THR A CB  1 
ATOM   248  O OG1 . THR A 1 78  ? 4.343   -1.847  -12.650 1.00 42.39 ? 1002 THR A OG1 1 
ATOM   249  C CG2 . THR A 1 78  ? 3.222   -0.901  -10.825 1.00 26.33 ? 1002 THR A CG2 1 
ATOM   250  N N   . GLY A 1 79  ? 5.912   -4.494  -11.809 1.00 30.15 ? 1003 GLY A N   1 
ATOM   251  C CA  . GLY A 1 79  ? 6.385   -5.751  -12.439 1.00 34.44 ? 1003 GLY A CA  1 
ATOM   252  C C   . GLY A 1 79  ? 6.411   -6.937  -11.506 1.00 33.45 ? 1003 GLY A C   1 
ATOM   253  O O   . GLY A 1 79  ? 5.905   -8.031  -11.908 1.00 39.48 ? 1003 GLY A O   1 
ATOM   254  N N   . LYS A 1 80  ? 7.032   -6.723  -10.353 1.00 31.87 ? 1004 LYS A N   1 
ATOM   255  C CA  . LYS A 1 80  ? 7.215   -7.641  -9.262  1.00 32.15 ? 1004 LYS A CA  1 
ATOM   256  C C   . LYS A 1 80  ? 5.861   -8.166  -8.821  1.00 37.74 ? 1004 LYS A C   1 
ATOM   257  O O   . LYS A 1 80  ? 5.713   -9.372  -8.605  1.00 36.52 ? 1004 LYS A O   1 
ATOM   258  C CB  . LYS A 1 80  ? 7.918   -6.992  -8.117  1.00 37.12 ? 1004 LYS A CB  1 
ATOM   259  C CG  . LYS A 1 80  ? 8.116   -7.831  -6.881  1.00 43.96 ? 1004 LYS A CG  1 
ATOM   260  C CD  . LYS A 1 80  ? 8.998   -9.032  -7.156  1.00 52.07 ? 1004 LYS A CD  1 
ATOM   261  C CE  . LYS A 1 80  ? 9.326   -9.778  -5.869  1.00 52.68 ? 1004 LYS A CE  1 
ATOM   262  N NZ  . LYS A 1 80  ? 10.732  -9.585  -5.461  1.00 58.62 ? 1004 LYS A NZ  1 
ATOM   263  N N   . LEU A 1 81  ? 4.867   -7.258  -8.724  1.00 29.64 ? 1005 LEU A N   1 
ATOM   264  C CA  . LEU A 1 81  ? 3.474   -7.679  -8.362  1.00 32.51 ? 1005 LEU A CA  1 
ATOM   265  C C   . LEU A 1 81  ? 2.760   -8.496  -9.448  1.00 35.97 ? 1005 LEU A C   1 
ATOM   266  O O   . LEU A 1 81  ? 2.033   -9.475  -9.179  1.00 33.83 ? 1005 LEU A O   1 
ATOM   267  C CB  . LEU A 1 81  ? 2.709   -6.399  -7.953  1.00 27.20 ? 1005 LEU A CB  1 
ATOM   268  C CG  . LEU A 1 81  ? 3.234   -5.824  -6.695  1.00 29.17 ? 1005 LEU A CG  1 
ATOM   269  C CD1 . LEU A 1 81  ? 2.801   -4.348  -6.570  1.00 27.97 ? 1005 LEU A CD1 1 
ATOM   270  C CD2 . LEU A 1 81  ? 2.736   -6.612  -5.515  1.00 29.76 ? 1005 LEU A CD2 1 
ATOM   271  N N   . LYS A 1 82  ? 2.981   -8.143  -10.714 1.00 35.11 ? 1006 LYS A N   1 
ATOM   272  C CA  . LYS A 1 82  ? 2.341   -8.800  -11.842 1.00 42.00 ? 1006 LYS A CA  1 
ATOM   273  C C   . LYS A 1 82  ? 2.866   -10.239 -12.063 1.00 40.36 ? 1006 LYS A C   1 
ATOM   274  O O   . LYS A 1 82  ? 2.086   -11.110 -12.428 1.00 41.93 ? 1006 LYS A O   1 
ATOM   275  C CB  . LYS A 1 82  ? 2.560   -8.005  -13.126 1.00 43.56 ? 1006 LYS A CB  1 
ATOM   276  C CG  . LYS A 1 82  ? 1.416   -7.032  -13.394 1.00 47.37 ? 1006 LYS A CG  1 
ATOM   277  C CD  . LYS A 1 82  ? 1.822   -5.967  -14.378 1.00 50.74 ? 1006 LYS A CD  1 
ATOM   278  C CE  . LYS A 1 82  ? 0.580   -5.291  -14.936 1.00 58.86 ? 1006 LYS A CE  1 
ATOM   279  N NZ  . LYS A 1 82  ? 0.904   -4.091  -15.751 1.00 66.99 ? 1006 LYS A NZ  1 
ATOM   280  N N   . LYS A 1 83  ? 4.116   -10.446 -11.743 1.00 42.33 ? 1007 LYS A N   1 
ATOM   281  C CA  . LYS A 1 83  ? 4.773   -11.753 -11.899 1.00 43.90 ? 1007 LYS A CA  1 
ATOM   282  C C   . LYS A 1 83  ? 4.238   -12.675 -10.804 1.00 49.69 ? 1007 LYS A C   1 
ATOM   283  O O   . LYS A 1 83  ? 4.251   -13.901 -10.949 1.00 48.52 ? 1007 LYS A O   1 
ATOM   284  C CB  . LYS A 1 83  ? 6.300   -11.620 -11.923 0.56 44.09 ? 1007 LYS A CB  1 
ATOM   285  C CG  . LYS A 1 83  ? 6.797   -11.221 -13.315 0.56 48.47 ? 1007 LYS A CG  1 
ATOM   286  C CD  . LYS A 1 83  ? 8.302   -10.993 -13.397 0.56 47.05 ? 1007 LYS A CD  1 
ATOM   287  C CE  . LYS A 1 83  ? 8.761   -10.901 -14.844 0.56 49.20 ? 1007 LYS A CE  1 
ATOM   288  N NZ  . LYS A 1 83  ? 9.837   -9.882  -15.023 0.56 48.46 ? 1007 LYS A NZ  1 
ATOM   289  N N   . MET A 1 84  ? 3.690   -12.078 -9.737  1.00 40.57 ? 1008 MET A N   1 
ATOM   290  C CA  . MET A 1 84  ? 2.841   -12.848 -8.754  1.00 36.75 ? 1008 MET A CA  1 
ATOM   291  C C   . MET A 1 84  ? 1.403   -13.051 -9.025  1.00 33.31 ? 1008 MET A C   1 
ATOM   292  O O   . MET A 1 84  ? 0.652   -13.552 -8.183  1.00 38.15 ? 1008 MET A O   1 
ATOM   293  C CB  . MET A 1 84  ? 3.037   -12.229 -7.432  1.00 43.48 ? 1008 MET A CB  1 
ATOM   294  C CG  . MET A 1 84  ? 4.427   -12.399 -6.982  1.00 44.07 ? 1008 MET A CG  1 
ATOM   295  S SD  . MET A 1 84  ? 4.626   -11.280 -5.644  1.00 52.71 ? 1008 MET A SD  1 
ATOM   296  C CE  . MET A 1 84  ? 6.199   -11.871 -5.042  1.00 49.78 ? 1008 MET A CE  1 
ATOM   297  N N   . GLY A 1 85  ? 0.918   -12.719 -10.185 1.00 33.35 ? 1009 GLY A N   1 
ATOM   298  C CA  . GLY A 1 85  ? -0.403  -12.948 -10.538 1.00 34.93 ? 1009 GLY A CA  1 
ATOM   299  C C   . GLY A 1 85  ? -1.388  -12.072 -9.872  1.00 32.40 ? 1009 GLY A C   1 
ATOM   300  O O   . GLY A 1 85  ? -2.522  -12.423 -9.793  1.00 36.22 ? 1009 GLY A O   1 
ATOM   301  N N   A VAL A 1 86  ? -0.956  -10.885 -9.425  0.50 33.30 ? 1010 VAL A N   1 
ATOM   302  N N   B VAL A 1 86  ? -0.951  -10.863 -9.454  0.50 35.41 ? 1010 VAL A N   1 
ATOM   303  C CA  A VAL A 1 86  ? -1.915  -9.960  -8.898  0.50 30.98 ? 1010 VAL A CA  1 
ATOM   304  C CA  B VAL A 1 86  ? -1.896  -9.882  -8.958  0.50 35.41 ? 1010 VAL A CA  1 
ATOM   305  C C   A VAL A 1 86  ? -2.967  -9.735  -9.983  0.50 33.61 ? 1010 VAL A C   1 
ATOM   306  C C   B VAL A 1 86  ? -2.984  -9.707  -10.017 0.50 36.34 ? 1010 VAL A C   1 
ATOM   307  O O   A VAL A 1 86  ? -2.617  -9.616  -11.176 0.50 36.45 ? 1010 VAL A O   1 
ATOM   308  O O   B VAL A 1 86  ? -2.688  -9.593  -11.220 0.50 38.65 ? 1010 VAL A O   1 
ATOM   309  C CB  A VAL A 1 86  ? -1.199  -8.653  -8.520  0.50 27.51 ? 1010 VAL A CB  1 
ATOM   310  C CB  B VAL A 1 86  ? -1.206  -8.523  -8.627  0.50 33.69 ? 1010 VAL A CB  1 
ATOM   311  C CG1 A VAL A 1 86  ? -0.947  -7.885  -9.784  0.50 27.01 ? 1010 VAL A CG1 1 
ATOM   312  C CG1 B VAL A 1 86  ? -2.255  -7.454  -8.556  0.50 38.29 ? 1010 VAL A CG1 1 
ATOM   313  C CG2 A VAL A 1 86  ? -2.059  -7.906  -7.527  0.50 24.85 ? 1010 VAL A CG2 1 
ATOM   314  C CG2 B VAL A 1 86  ? -0.488  -8.563  -7.290  0.50 29.86 ? 1010 VAL A CG2 1 
ATOM   315  N N   . SER A 1 87  ? -4.237  -9.718  -9.574  1.00 32.51 ? 1011 SER A N   1 
ATOM   316  C CA  . SER A 1 87  ? -5.370  -9.618  -10.482 1.00 40.17 ? 1011 SER A CA  1 
ATOM   317  C C   . SER A 1 87  ? -5.523  -8.185  -11.032 1.00 46.58 ? 1011 SER A C   1 
ATOM   318  O O   . SER A 1 87  ? -5.983  -8.001  -12.145 1.00 46.06 ? 1011 SER A O   1 
ATOM   319  C CB  . SER A 1 87  ? -6.658  -10.079 -9.784  1.00 47.73 ? 1011 SER A CB  1 
ATOM   320  O OG  . SER A 1 87  ? -6.638  -11.482 -9.564  1.00 44.90 ? 1011 SER A OG  1 
ATOM   321  N N   . GLU A 1 88  ? -5.149  -7.166  -10.253 1.00 37.76 ? 1012 GLU A N   1 
ATOM   322  C CA  . GLU A 1 88  ? -5.438  -5.787  -10.635 1.00 37.70 ? 1012 GLU A CA  1 
ATOM   323  C C   . GLU A 1 88  ? -4.304  -4.965  -9.914  1.00 33.87 ? 1012 GLU A C   1 
ATOM   324  O O   . GLU A 1 88  ? -4.148  -5.124  -8.737  1.00 29.34 ? 1012 GLU A O   1 
ATOM   325  C CB  . GLU A 1 88  ? -6.814  -5.448  -10.064 1.00 44.65 ? 1012 GLU A CB  1 
ATOM   326  C CG  . GLU A 1 88  ? -8.079  -6.000  -10.790 1.00 57.73 ? 1012 GLU A CG  1 
ATOM   327  C CD  . GLU A 1 88  ? -9.268  -6.436  -9.859  1.00 65.29 ? 1012 GLU A CD  1 
ATOM   328  O OE1 . GLU A 1 88  ? -9.276  -7.606  -9.345  1.00 54.79 ? 1012 GLU A OE1 1 
ATOM   329  O OE2 . GLU A 1 88  ? -10.237 -5.630  -9.665  1.00 66.28 ? 1012 GLU A OE2 1 
ATOM   330  N N   . VAL A 1 89  ? -3.476  -4.244  -10.652 1.00 30.51 ? 1013 VAL A N   1 
ATOM   331  C CA  . VAL A 1 89  ? -2.536  -3.301  -10.110 1.00 30.17 ? 1013 VAL A CA  1 
ATOM   332  C C   . VAL A 1 89  ? -2.843  -1.894  -10.615 1.00 29.49 ? 1013 VAL A C   1 
ATOM   333  O O   . VAL A 1 89  ? -2.957  -1.665  -11.804 1.00 32.10 ? 1013 VAL A O   1 
ATOM   334  C CB  . VAL A 1 89  ? -1.072  -3.478  -10.592 1.00 37.99 ? 1013 VAL A CB  1 
ATOM   335  C CG1 . VAL A 1 89  ? -0.144  -2.646  -9.715  1.00 38.44 ? 1013 VAL A CG1 1 
ATOM   336  C CG2 . VAL A 1 89  ? -0.580  -4.873  -10.572 1.00 44.36 ? 1013 VAL A CG2 1 
ATOM   337  N N   A GLU A 1 90  ? -3.004  -0.957  -9.707  0.50 23.49 ? 1014 GLU A N   1 
ATOM   338  N N   B GLU A 1 90  ? -3.090  -0.961  -9.707  0.50 23.33 ? 1014 GLU A N   1 
ATOM   339  C CA  A GLU A 1 90  ? -3.104  0.437   -10.055 0.50 24.01 ? 1014 GLU A CA  1 
ATOM   340  C CA  B GLU A 1 90  ? -3.102  0.457   -10.037 0.50 24.20 ? 1014 GLU A CA  1 
ATOM   341  C C   A GLU A 1 90  ? -1.863  1.161   -9.538  0.50 22.63 ? 1014 GLU A C   1 
ATOM   342  C C   B GLU A 1 90  ? -1.817  1.110   -9.572  0.50 22.87 ? 1014 GLU A C   1 
ATOM   343  O O   A GLU A 1 90  ? -1.248  0.766   -8.574  0.50 22.90 ? 1014 GLU A O   1 
ATOM   344  O O   B GLU A 1 90  ? -1.139  0.621   -8.675  0.50 23.19 ? 1014 GLU A O   1 
ATOM   345  C CB  A GLU A 1 90  ? -4.405  1.000   -9.499  0.50 22.49 ? 1014 GLU A CB  1 
ATOM   346  C CB  B GLU A 1 90  ? -4.302  1.177   -9.431  0.50 22.91 ? 1014 GLU A CB  1 
ATOM   347  C CG  A GLU A 1 90  ? -4.661  2.457   -9.751  0.50 25.61 ? 1014 GLU A CG  1 
ATOM   348  C CG  B GLU A 1 90  ? -5.625  0.506   -9.690  0.50 27.11 ? 1014 GLU A CG  1 
ATOM   349  C CD  A GLU A 1 90  ? -5.559  2.754   -10.959 0.50 28.90 ? 1014 GLU A CD  1 
ATOM   350  C CD  B GLU A 1 90  ? -5.952  0.485   -11.144 0.50 29.07 ? 1014 GLU A CD  1 
ATOM   351  O OE1 A GLU A 1 90  ? -6.030  1.770   -11.577 0.50 31.09 ? 1014 GLU A OE1 1 
ATOM   352  O OE1 B GLU A 1 90  ? -5.368  1.311   -11.852 0.50 35.90 ? 1014 GLU A OE1 1 
ATOM   353  O OE2 A GLU A 1 90  ? -5.788  3.946   -11.256 0.50 27.18 ? 1014 GLU A OE2 1 
ATOM   354  O OE2 B GLU A 1 90  ? -6.774  -0.348  -11.556 0.50 36.16 ? 1014 GLU A OE2 1 
ATOM   355  N N   . GLN A 1 91  ? -1.458  2.164   -10.269 1.00 22.20 ? 1015 GLN A N   1 
ATOM   356  C CA  . GLN A 1 91  ? -0.316  2.936   -9.882  1.00 23.75 ? 1015 GLN A CA  1 
ATOM   357  C C   . GLN A 1 91  ? -0.550  4.408   -9.982  1.00 20.87 ? 1015 GLN A C   1 
ATOM   358  O O   . GLN A 1 91  ? -1.282  4.902   -10.836 1.00 24.73 ? 1015 GLN A O   1 
ATOM   359  C CB  . GLN A 1 91  ? 0.861   2.497   -10.667 1.00 30.06 ? 1015 GLN A CB  1 
ATOM   360  C CG  . GLN A 1 91  ? 0.720   2.650   -12.131 1.00 32.70 ? 1015 GLN A CG  1 
ATOM   361  C CD  . GLN A 1 91  ? 1.873   1.974   -12.864 1.00 44.11 ? 1015 GLN A CD  1 
ATOM   362  O OE1 . GLN A 1 91  ? 2.931   2.567   -13.003 1.00 45.29 ? 1015 GLN A OE1 1 
ATOM   363  N NE2 . GLN A 1 91  ? 1.653   0.767   -13.394 1.00 48.21 ? 1015 GLN A NE2 1 
ATOM   364  N N   . CYS A 1 92  ? 0.137   5.093   -9.074  1.00 21.04 ? 1016 CYS A N   1 
ATOM   365  C CA  . CYS A 1 92  ? 0.115   6.532   -9.107  1.00 22.17 ? 1016 CYS A CA  1 
ATOM   366  C C   . CYS A 1 92  ? 1.362   7.100   -8.518  1.00 22.20 ? 1016 CYS A C   1 
ATOM   367  O O   . CYS A 1 92  ? 2.200   6.439   -7.927  1.00 20.81 ? 1016 CYS A O   1 
ATOM   368  C CB  . CYS A 1 92  ? -1.115  7.010   -8.360  1.00 24.74 ? 1016 CYS A CB  1 
ATOM   369  S SG  . CYS A 1 92  ? -1.094  6.711   -6.570  1.00 22.56 ? 1016 CYS A SG  1 
ATOM   370  N N   . ASP A 1 93  ? 1.533   8.379   -8.793  1.00 23.09 ? 1017 ASP A N   1 
ATOM   371  C CA  . ASP A 1 93  ? 2.826   9.025   -8.604  1.00 23.67 ? 1017 ASP A CA  1 
ATOM   372  C C   . ASP A 1 93  ? 2.944   9.978   -7.456  1.00 24.29 ? 1017 ASP A C   1 
ATOM   373  O O   . ASP A 1 93  ? 3.911   10.747  -7.273  1.00 25.99 ? 1017 ASP A O   1 
ATOM   374  C CB  . ASP A 1 93  ? 3.189   9.754   -9.930  1.00 27.89 ? 1017 ASP A CB  1 
ATOM   375  C CG  . ASP A 1 93  ? 2.330   10.947  -10.186 1.00 32.24 ? 1017 ASP A CG  1 
ATOM   376  O OD1 . ASP A 1 93  ? 1.426   11.329  -9.460  1.00 29.66 ? 1017 ASP A OD1 1 
ATOM   377  O OD2 . ASP A 1 93  ? 2.624   11.600  -11.201 1.00 40.02 ? 1017 ASP A OD2 1 
ATOM   378  N N   . SER A 1 94  ? 1.923   9.981   -6.569  1.00 19.99 ? 1018 SER A N   1 
ATOM   379  C CA  . SER A 1 94  ? 1.877   10.905  -5.536  1.00 18.92 ? 1018 SER A CA  1 
ATOM   380  C C   . SER A 1 94  ? 0.892   10.520  -4.405  1.00 18.46 ? 1018 SER A C   1 
ATOM   381  O O   . SER A 1 94  ? -0.095  9.813   -4.651  1.00 19.30 ? 1018 SER A O   1 
ATOM   382  C CB  . SER A 1 94  ? 1.378   12.318  -5.983  1.00 20.37 ? 1018 SER A CB  1 
ATOM   383  O OG  . SER A 1 94  ? 0.065   12.314  -6.473  1.00 18.33 ? 1018 SER A OG  1 
ATOM   384  N N   . GLY A 1 95  ? 1.080   11.085  -3.218  1.00 20.72 ? 1019 GLY A N   1 
ATOM   385  C CA  . GLY A 1 95  ? 0.141   10.906  -2.127  1.00 20.60 ? 1019 GLY A CA  1 
ATOM   386  C C   . GLY A 1 95  ? -1.190  11.433  -2.428  1.00 19.90 ? 1019 GLY A C   1 
ATOM   387  O O   . GLY A 1 95  ? -2.255  10.811  -2.110  1.00 18.97 ? 1019 GLY A O   1 
ATOM   388  N N   . LYS A 1 96  ? -1.319  12.609  -3.049  1.00 18.20 ? 1020 LYS A N   1 
ATOM   389  C CA  . LYS A 1 96  ? -2.592  13.160  -3.360  1.00 18.93 ? 1020 LYS A CA  1 
ATOM   390  C C   . LYS A 1 96  ? -3.367  12.246  -4.303  1.00 18.33 ? 1020 LYS A C   1 
ATOM   391  O O   . LYS A 1 96  ? -4.619  12.093  -4.150  1.00 18.91 ? 1020 LYS A O   1 
ATOM   392  C CB  . LYS A 1 96  ? -2.469  14.597  -3.869  1.00 20.98 ? 1020 LYS A CB  1 
ATOM   393  C CG  . LYS A 1 96  ? -1.753  14.750  -5.221  1.00 22.51 ? 1020 LYS A CG  1 
ATOM   394  C CD  . LYS A 1 96  ? -1.393  16.208  -5.429  1.00 25.41 ? 1020 LYS A CD  1 
ATOM   395  C CE  . LYS A 1 96  ? -0.339  16.214  -6.562  1.00 32.49 ? 1020 LYS A CE  1 
ATOM   396  N NZ  . LYS A 1 96  ? 0.102   17.635  -6.671  1.00 39.14 ? 1020 LYS A NZ  1 
ATOM   397  N N   . GLU A 1 97  ? -2.706  11.641  -5.283  1.00 17.36 ? 1021 GLU A N   1 
ATOM   398  C CA  . GLU A 1 97  ? -3.404  10.806  -6.187  1.00 17.75 ? 1021 GLU A CA  1 
ATOM   399  C C   . GLU A 1 97  ? -3.805  9.511   -5.453  1.00 17.15 ? 1021 GLU A C   1 
ATOM   400  O O   . GLU A 1 97  ? -4.911  8.988   -5.691  1.00 16.78 ? 1021 GLU A O   1 
ATOM   401  C CB  . GLU A 1 97  ? -2.534  10.437  -7.365  1.00 20.63 ? 1021 GLU A CB  1 
ATOM   402  C CG  . GLU A 1 97  ? -2.608  11.502  -8.419  1.00 23.12 ? 1021 GLU A CG  1 
ATOM   403  C CD  . GLU A 1 97  ? -3.987  11.458  -9.103  1.00 28.35 ? 1021 GLU A CD  1 
ATOM   404  O OE1 . GLU A 1 97  ? -4.284  10.536  -9.926  1.00 33.57 ? 1021 GLU A OE1 1 
ATOM   405  O OE2 . GLU A 1 97  ? -4.891  12.204  -8.728  1.00 35.47 ? 1021 GLU A OE2 1 
ATOM   406  N N   . ALA A 1 98  ? -2.953  9.011   -4.582  1.00 17.04 ? 1022 ALA A N   1 
ATOM   407  C CA  . ALA A 1 98  ? -3.338  7.810   -3.764  1.00 17.69 ? 1022 ALA A CA  1 
ATOM   408  C C   . ALA A 1 98  ? -4.552  8.103   -2.935  1.00 17.51 ? 1022 ALA A C   1 
ATOM   409  O O   . ALA A 1 98  ? -5.473  7.269   -2.856  1.00 17.17 ? 1022 ALA A O   1 
ATOM   410  C CB  . ALA A 1 98  ? -2.152  7.423   -2.884  1.00 17.43 ? 1022 ALA A CB  1 
ATOM   411  N N   . LEU A 1 99  ? -4.587  9.240   -2.300  1.00 17.21 ? 1023 LEU A N   1 
ATOM   412  C CA  . LEU A 1 99  ? -5.820  9.663   -1.562  1.00 17.38 ? 1023 LEU A CA  1 
ATOM   413  C C   . LEU A 1 99  ? -7.022  9.672   -2.364  1.00 16.78 ? 1023 LEU A C   1 
ATOM   414  O O   . LEU A 1 99  ? -8.089  9.242   -1.908  1.00 17.20 ? 1023 LEU A O   1 
ATOM   415  C CB  . LEU A 1 99  ? -5.706  11.048  -0.813  1.00 17.83 ? 1023 LEU A CB  1 
ATOM   416  C CG  . LEU A 1 99  ? -5.346  10.880  0.593   1.00 18.68 ? 1023 LEU A CG  1 
ATOM   417  C CD1 . LEU A 1 99  ? -6.339  10.281  1.491   1.00 18.28 ? 1023 LEU A CD1 1 
ATOM   418  C CD2 . LEU A 1 99  ? -4.005  10.132  0.729   1.00 21.77 ? 1023 LEU A CD2 1 
ATOM   419  N N   . ARG A 1 100 ? -6.953  10.233  -3.537  1.00 16.48 ? 1024 ARG A N   1 
ATOM   420  C CA  . ARG A 1 100 ? -8.117  10.333  -4.500  1.00 17.31 ? 1024 ARG A CA  1 
ATOM   421  C C   . ARG A 1 100 ? -8.582  8.941   -4.814  1.00 17.68 ? 1024 ARG A C   1 
ATOM   422  O O   . ARG A 1 100 ? -9.730  8.607   -4.670  1.00 17.39 ? 1024 ARG A O   1 
ATOM   423  C CB  . ARG A 1 100 ? -7.729  11.094  -5.806  1.00 19.18 ? 1024 ARG A CB  1 
ATOM   424  C CG  . ARG A 1 100 ? -8.875  11.192  -6.681  1.00 18.55 ? 1024 ARG A CG  1 
ATOM   425  C CD  . ARG A 1 100 ? -8.629  11.996  -7.913  1.00 21.67 ? 1024 ARG A CD  1 
ATOM   426  N NE  . ARG A 1 100 ? -7.602  11.315  -8.793  1.00 24.49 ? 1024 ARG A NE  1 
ATOM   427  C CZ  . ARG A 1 100 ? -7.908  10.382  -9.678  1.00 29.74 ? 1024 ARG A CZ  1 
ATOM   428  N NH1 . ARG A 1 100 ? -9.137  9.968   -9.864  1.00 28.70 ? 1024 ARG A NH1 1 
ATOM   429  N NH2 . ARG A 1 100 ? -6.931  9.849   -10.435 1.00 30.67 ? 1024 ARG A NH2 1 
ATOM   430  N N   . LEU A 1 101 ? -7.657  8.066   -5.196  1.00 15.81 ? 1025 LEU A N   1 
ATOM   431  C CA  . LEU A 1 101 ? -8.030  6.729   -5.654  1.00 15.60 ? 1025 LEU A CA  1 
ATOM   432  C C   . LEU A 1 101 ? -8.595  5.920   -4.501  1.00 14.46 ? 1025 LEU A C   1 
ATOM   433  O O   . LEU A 1 101 ? -9.637  5.205   -4.630  1.00 16.02 ? 1025 LEU A O   1 
ATOM   434  C CB  . LEU A 1 101 ? -6.831  6.007   -6.257  1.00 14.99 ? 1025 LEU A CB  1 
ATOM   435  C CG  . LEU A 1 101 ? -6.367  6.605   -7.577  1.00 19.14 ? 1025 LEU A CG  1 
ATOM   436  C CD1 . LEU A 1 101 ? -5.050  5.933   -7.875  1.00 20.71 ? 1025 LEU A CD1 1 
ATOM   437  C CD2 . LEU A 1 101 ? -7.396  6.519   -8.688  1.00 23.59 ? 1025 LEU A CD2 1 
ATOM   438  N N   . VAL A 1 102 ? -8.020  6.018   -3.326  1.00 13.89 ? 1026 VAL A N   1 
ATOM   439  C CA  . VAL A 1 102 ? -8.538  5.238   -2.144  1.00 14.37 ? 1026 VAL A CA  1 
ATOM   440  C C   . VAL A 1 102 ? -9.861  5.804   -1.702  1.00 13.54 ? 1026 VAL A C   1 
ATOM   441  O O   . VAL A 1 102 ? -10.801 5.086   -1.348  1.00 15.81 ? 1026 VAL A O   1 
ATOM   442  C CB  . VAL A 1 102 ? -7.541  5.210   -1.041  1.00 16.33 ? 1026 VAL A CB  1 
ATOM   443  C CG1 . VAL A 1 102 ? -8.106  4.603   0.214   1.00 17.53 ? 1026 VAL A CG1 1 
ATOM   444  C CG2 . VAL A 1 102 ? -6.238  4.490   -1.411  1.00 17.65 ? 1026 VAL A CG2 1 
ATOM   445  N N   . THR A 1 103 ? -9.932  7.168   -1.631  1.00 13.74 ? 1027 THR A N   1 
ATOM   446  C CA  . THR A 1 103 ? -11.185 7.811   -1.167  1.00 15.02 ? 1027 THR A CA  1 
ATOM   447  C C   . THR A 1 103 ? -12.319 7.486   -2.085  1.00 15.79 ? 1027 THR A C   1 
ATOM   448  O O   . THR A 1 103 ? -13.414 7.084   -1.623  1.00 16.68 ? 1027 THR A O   1 
ATOM   449  C CB  . THR A 1 103 ? -10.959 9.317   -0.946  1.00 15.53 ? 1027 THR A CB  1 
ATOM   450  O OG1 . THR A 1 103 ? -9.893  9.505   -0.027  1.00 16.46 ? 1027 THR A OG1 1 
ATOM   451  C CG2 . THR A 1 103 ? -12.261 9.907   -0.347  1.00 17.31 ? 1027 THR A CG2 1 
ATOM   452  N N   . GLU A 1 104 ? -12.139 7.667   -3.388  1.00 15.56 ? 1028 GLU A N   1 
ATOM   453  C CA  . GLU A 1 104 ? -13.202 7.396   -4.322  1.00 16.10 ? 1028 GLU A CA  1 
ATOM   454  C C   . GLU A 1 104 ? -13.519 5.887   -4.277  1.00 14.96 ? 1028 GLU A C   1 
ATOM   455  O O   . GLU A 1 104 ? -14.700 5.515   -4.349  1.00 17.30 ? 1028 GLU A O   1 
ATOM   456  C CB  . GLU A 1 104 ? -12.686 7.735   -5.730  1.00 16.89 ? 1028 GLU A CB  1 
ATOM   457  C CG  . GLU A 1 104 ? -12.606 9.253   -5.884  1.00 15.20 ? 1028 GLU A CG  1 
ATOM   458  C CD  . GLU A 1 104 ? -12.277 9.710   -7.295  1.00 21.89 ? 1028 GLU A CD  1 
ATOM   459  O OE1 . GLU A 1 104 ? -11.735 8.972   -8.118  1.00 22.92 ? 1028 GLU A OE1 1 
ATOM   460  O OE2 . GLU A 1 104 ? -12.481 10.961  -7.475  1.00 24.30 ? 1028 GLU A OE2 1 
ATOM   461  N N   . GLY A 1 105 ? -12.528 5.019   -4.178  1.00 15.35 ? 1029 GLY A N   1 
ATOM   462  C CA  . GLY A 1 105 ? -12.789 3.617   -4.160  1.00 15.69 ? 1029 GLY A CA  1 
ATOM   463  C C   . GLY A 1 105 ? -13.614 3.089   -2.982  1.00 16.94 ? 1029 GLY A C   1 
ATOM   464  O O   . GLY A 1 105 ? -14.562 2.357   -3.135  1.00 18.71 ? 1029 GLY A O   1 
ATOM   465  N N   . LEU A 1 106 ? -13.268 3.674   -1.832  1.00 15.61 ? 1030 LEU A N   1 
ATOM   466  C CA  . LEU A 1 106 ? -13.977 3.323   -0.558  1.00 15.62 ? 1030 LEU A CA  1 
ATOM   467  C C   . LEU A 1 106 ? -15.402 3.800   -0.713  1.00 18.43 ? 1030 LEU A C   1 
ATOM   468  O O   . LEU A 1 106 ? -16.372 3.092   -0.351  1.00 16.24 ? 1030 LEU A O   1 
ATOM   469  C CB  . LEU A 1 106 ? -13.359 3.918   0.617   1.00 16.73 ? 1030 LEU A CB  1 
ATOM   470  C CG  . LEU A 1 106 ? -12.044 3.295   1.175   1.00 17.66 ? 1030 LEU A CG  1 
ATOM   471  C CD1 . LEU A 1 106 ? -11.347 4.224   2.157   1.00 19.39 ? 1030 LEU A CD1 1 
ATOM   472  C CD2 . LEU A 1 106 ? -12.343 1.953   1.835   1.00 18.28 ? 1030 LEU A CD2 1 
ATOM   473  N N   . THR A 1 107 ? -15.597 5.005   -1.183  1.00 15.36 ? 1031 THR A N   1 
ATOM   474  C CA  . THR A 1 107 ? -16.984 5.589   -1.314  1.00 16.20 ? 1031 THR A CA  1 
ATOM   475  C C   . THR A 1 107 ? -17.801 4.778   -2.336  1.00 16.20 ? 1031 THR A C   1 
ATOM   476  O O   . THR A 1 107 ? -18.970 4.457   -2.056  1.00 18.31 ? 1031 THR A O   1 
ATOM   477  C CB  . THR A 1 107 ? -16.922 7.056   -1.705  1.00 18.96 ? 1031 THR A CB  1 
ATOM   478  O OG1 . THR A 1 107 ? -16.180 7.776   -0.715  1.00 21.34 ? 1031 THR A OG1 1 
ATOM   479  C CG2 . THR A 1 107 ? -18.326 7.654   -1.803  1.00 19.41 ? 1031 THR A CG2 1 
ATOM   480  N N   A GLN A 1 108 ? -17.216 4.446   -3.455  0.50 15.59 ? 1032 GLN A N   1 
ATOM   481  N N   B GLN A 1 108 ? -17.250 4.434   -3.460  0.50 16.83 ? 1032 GLN A N   1 
ATOM   482  C CA  A GLN A 1 108 ? -17.846 3.661   -4.503  0.50 16.45 ? 1032 GLN A CA  1 
ATOM   483  C CA  B GLN A 1 108 ? -17.983 3.663   -4.435  0.50 19.21 ? 1032 GLN A CA  1 
ATOM   484  C C   A GLN A 1 108 ? -18.330 2.316   -3.944  0.50 18.43 ? 1032 GLN A C   1 
ATOM   485  C C   B GLN A 1 108 ? -18.411 2.349   -3.800  0.50 19.12 ? 1032 GLN A C   1 
ATOM   486  O O   A GLN A 1 108 ? -19.426 1.848   -4.242  0.50 19.74 ? 1032 GLN A O   1 
ATOM   487  O O   B GLN A 1 108 ? -19.578 1.963   -3.813  0.50 18.16 ? 1032 GLN A O   1 
ATOM   488  C CB  A GLN A 1 108 ? -16.865 3.410   -5.660  0.50 18.23 ? 1032 GLN A CB  1 
ATOM   489  C CB  B GLN A 1 108 ? -17.119 3.419   -5.643  0.50 23.52 ? 1032 GLN A CB  1 
ATOM   490  C CG  A GLN A 1 108 ? -16.685 4.590   -6.605  0.50 16.40 ? 1032 GLN A CG  1 
ATOM   491  C CG  B GLN A 1 108 ? -17.762 2.705   -6.797  0.50 25.36 ? 1032 GLN A CG  1 
ATOM   492  C CD  A GLN A 1 108 ? -15.491 4.395   -7.493  0.50 19.72 ? 1032 GLN A CD  1 
ATOM   493  C CD  B GLN A 1 108 ? -16.869 2.857   -8.003  0.50 30.74 ? 1032 GLN A CD  1 
ATOM   494  O OE1 A GLN A 1 108 ? -14.956 3.286   -7.599  0.50 19.19 ? 1032 GLN A OE1 1 
ATOM   495  O OE1 B GLN A 1 108 ? -15.733 2.395   -7.982  0.50 32.64 ? 1032 GLN A OE1 1 
ATOM   496  N NE2 A GLN A 1 108 ? -15.005 5.478   -8.079  0.50 20.69 ? 1032 GLN A NE2 1 
ATOM   497  N NE2 B GLN A 1 108 ? -17.342 3.576   -9.020  0.50 34.59 ? 1032 GLN A NE2 1 
ATOM   498  N N   . ARG A 1 109 ? -17.461 1.635   -3.192  1.00 18.60 ? 1033 ARG A N   1 
ATOM   499  C CA  . ARG A 1 109 ? -17.802 0.327   -2.627  1.00 18.79 ? 1033 ARG A CA  1 
ATOM   500  C C   . ARG A 1 109 ? -18.894 0.446   -1.584  1.00 21.87 ? 1033 ARG A C   1 
ATOM   501  O O   . ARG A 1 109 ? -19.802 -0.397  -1.470  1.00 22.25 ? 1033 ARG A O   1 
ATOM   502  C CB  . ARG A 1 109 ? -16.591 -0.424  -2.066  1.00 20.76 ? 1033 ARG A CB  1 
ATOM   503  C CG  . ARG A 1 109 ? -15.588 -0.753  -3.128  1.00 23.93 ? 1033 ARG A CG  1 
ATOM   504  C CD  . ARG A 1 109 ? -15.845 -1.656  -4.264  1.00 28.05 ? 1033 ARG A CD  1 
ATOM   505  N NE  . ARG A 1 109 ? -14.532 -1.817  -5.001  1.00 33.12 ? 1033 ARG A NE  1 
ATOM   506  C CZ  . ARG A 1 109 ? -13.625 -2.816  -4.842  1.00 27.07 ? 1033 ARG A CZ  1 
ATOM   507  N NH1 . ARG A 1 109 ? -13.886 -3.839  -4.067  1.00 24.47 ? 1033 ARG A NH1 1 
ATOM   508  N NH2 . ARG A 1 109 ? -12.586 -2.857  -5.699  1.00 24.39 ? 1033 ARG A NH2 1 
ATOM   509  N N   . GLU A 1 110 ? -18.863 1.477   -0.789  1.00 19.15 ? 1034 GLU A N   1 
ATOM   510  C CA  . GLU A 1 110 ? -19.891 1.720   0.220   1.00 20.41 ? 1034 GLU A CA  1 
ATOM   511  C C   . GLU A 1 110 ? -21.239 2.025   -0.371  1.00 22.93 ? 1034 GLU A C   1 
ATOM   512  O O   . GLU A 1 110 ? -22.258 1.333   0.025   1.00 22.35 ? 1034 GLU A O   1 
ATOM   513  C CB  . GLU A 1 110 ? -19.449 2.812   1.159   1.00 21.41 ? 1034 GLU A CB  1 
ATOM   514  C CG  . GLU A 1 110 ? -20.557 3.139   2.233   1.00 25.38 ? 1034 GLU A CG  1 
ATOM   515  C CD  . GLU A 1 110 ? -20.717 2.159   3.373   1.00 42.85 ? 1034 GLU A CD  1 
ATOM   516  O OE1 . GLU A 1 110 ? -19.839 1.254   3.650   1.00 49.94 ? 1034 GLU A OE1 1 
ATOM   517  O OE2 . GLU A 1 110 ? -21.813 2.284   4.014   1.00 54.99 ? 1034 GLU A OE2 1 
ATOM   518  N N   . GLU A 1 111 ? -21.290 2.844   -1.393  1.00 20.86 ? 1035 GLU A N   1 
ATOM   519  C CA  . GLU A 1 111 ? -22.540 3.226   -2.102  1.00 21.69 ? 1035 GLU A CA  1 
ATOM   520  C C   . GLU A 1 111 ? -23.121 2.057   -2.807  1.00 23.37 ? 1035 GLU A C   1 
ATOM   521  O O   . GLU A 1 111 ? -24.391 1.906   -2.779  1.00 25.81 ? 1035 GLU A O   1 
ATOM   522  C CB  . GLU A 1 111 ? -22.279 4.314   -3.147  1.00 23.68 ? 1035 GLU A CB  1 
ATOM   523  C CG  . GLU A 1 111 ? -21.988 5.624   -2.484  1.00 22.94 ? 1035 GLU A CG  1 
ATOM   524  C CD  . GLU A 1 111 ? -23.205 6.218   -1.769  1.00 29.25 ? 1035 GLU A CD  1 
ATOM   525  O OE1 . GLU A 1 111 ? -24.333 5.980   -2.204  1.00 30.44 ? 1035 GLU A OE1 1 
ATOM   526  O OE2 . GLU A 1 111 ? -23.016 6.812   -0.718  1.00 34.71 ? 1035 GLU A OE2 1 
ATOM   527  N N   . GLN A 1 112 ? -22.295 1.185   -3.342  1.00 23.00 ? 1036 GLN A N   1 
ATOM   528  C CA  . GLN A 1 112 ? -22.795 0.019   -4.081  1.00 23.32 ? 1036 GLN A CA  1 
ATOM   529  C C   . GLN A 1 112 ? -23.021 -1.074  -3.139  1.00 23.98 ? 1036 GLN A C   1 
ATOM   530  O O   . GLN A 1 112 ? -23.557 -2.105  -3.634  1.00 29.22 ? 1036 GLN A O   1 
ATOM   531  C CB  . GLN A 1 112 ? -21.871 -0.376  -5.143  1.00 27.56 ? 1036 GLN A CB  1 
ATOM   532  C CG  . GLN A 1 112 ? -21.734 0.691   -6.165  1.00 28.28 ? 1036 GLN A CG  1 
ATOM   533  C CD  . GLN A 1 112 ? -21.516 0.166   -7.511  1.00 39.37 ? 1036 GLN A CD  1 
ATOM   534  O OE1 . GLN A 1 112 ? -21.764 -1.044  -7.813  1.00 43.35 ? 1036 GLN A OE1 1 
ATOM   535  N NE2 . GLN A 1 112 ? -20.974 1.010   -8.346  1.00 34.46 ? 1036 GLN A NE2 1 
ATOM   536  N N   . GLY A 1 113 ? -22.653 -1.065  -1.887  1.00 22.66 ? 1037 GLY A N   1 
ATOM   537  C CA  . GLY A 1 113 ? -22.855 -2.269  -1.071  1.00 23.04 ? 1037 GLY A CA  1 
ATOM   538  C C   . GLY A 1 113 ? -22.003 -3.394  -1.586  1.00 24.11 ? 1037 GLY A C   1 
ATOM   539  O O   . GLY A 1 113 ? -22.424 -4.564  -1.547  1.00 25.13 ? 1037 GLY A O   1 
ATOM   540  N N   . SER A 1 114 ? -20.829 -3.110  -2.141  1.00 20.65 ? 1038 SER A N   1 
ATOM   541  C CA  . SER A 1 114 ? -20.002 -4.187  -2.700  1.00 20.55 ? 1038 SER A CA  1 
ATOM   542  C C   . SER A 1 114 ? -19.605 -5.211  -1.627  1.00 19.93 ? 1038 SER A C   1 
ATOM   543  O O   . SER A 1 114 ? -19.373 -4.894  -0.492  1.00 21.81 ? 1038 SER A O   1 
ATOM   544  C CB  . SER A 1 114 ? -18.680 -3.572  -3.237  1.00 19.56 ? 1038 SER A CB  1 
ATOM   545  O OG  . SER A 1 114 ? -18.946 -2.677  -4.287  1.00 21.98 ? 1038 SER A OG  1 
ATOM   546  N N   . VAL A 1 115 ? -19.412 -6.500  -2.039  1.00 21.26 ? 1039 VAL A N   1 
ATOM   547  C CA  . VAL A 1 115 ? -18.939 -7.499  -1.125  1.00 22.41 ? 1039 VAL A CA  1 
ATOM   548  C C   . VAL A 1 115 ? -17.659 -7.145  -0.519  1.00 21.60 ? 1039 VAL A C   1 
ATOM   549  O O   . VAL A 1 115 ? -17.485 -7.251  0.706   1.00 24.14 ? 1039 VAL A O   1 
ATOM   550  C CB  . VAL A 1 115 ? -18.862 -8.881  -1.830  1.00 23.20 ? 1039 VAL A CB  1 
ATOM   551  C CG1 . VAL A 1 115 ? -18.341 -9.928  -0.865  1.00 24.14 ? 1039 VAL A CG1 1 
ATOM   552  C CG2 . VAL A 1 115 ? -20.316 -9.299  -2.270  1.00 27.28 ? 1039 VAL A CG2 1 
ATOM   553  N N   . ASP A 1 116 ? -16.722 -6.746  -1.382  1.00 20.56 ? 1040 ASP A N   1 
ATOM   554  C CA  . ASP A 1 116 ? -15.404 -6.305  -0.949  1.00 20.08 ? 1040 ASP A CA  1 
ATOM   555  C C   . ASP A 1 116 ? -15.422 -4.751  -0.777  1.00 20.82 ? 1040 ASP A C   1 
ATOM   556  O O   . ASP A 1 116 ? -15.602 -4.072  -1.727  1.00 20.58 ? 1040 ASP A O   1 
ATOM   557  C CB  . ASP A 1 116 ? -14.296 -6.732  -1.927  1.00 21.69 ? 1040 ASP A CB  1 
ATOM   558  C CG  . ASP A 1 116 ? -14.001 -8.217  -1.872  1.00 26.40 ? 1040 ASP A CG  1 
ATOM   559  O OD1 . ASP A 1 116 ? -14.586 -8.928  -0.932  1.00 32.30 ? 1040 ASP A OD1 1 
ATOM   560  O OD2 . ASP A 1 116 ? -13.242 -8.638  -2.838  1.00 33.23 ? 1040 ASP A OD2 1 
ATOM   561  N N   A LYS A 1 117 ? -15.304 -4.330  0.463   0.50 18.92 ? 1041 LYS A N   1 
ATOM   562  N N   B LYS A 1 117 ? -15.252 -4.296  0.428   0.50 19.62 ? 1041 LYS A N   1 
ATOM   563  C CA  A LYS A 1 117 ? -15.257 -2.918  0.876   0.50 17.38 ? 1041 LYS A CA  1 
ATOM   564  C CA  B LYS A 1 117 ? -15.287 -2.868  0.687   0.50 18.83 ? 1041 LYS A CA  1 
ATOM   565  C C   A LYS A 1 117 ? -14.020 -2.178  0.395   0.50 19.60 ? 1041 LYS A C   1 
ATOM   566  C C   B LYS A 1 117 ? -13.987 -2.139  0.490   0.50 20.46 ? 1041 LYS A C   1 
ATOM   567  O O   A LYS A 1 117 ? -14.076 -0.964  0.196   0.50 19.43 ? 1041 LYS A O   1 
ATOM   568  O O   B LYS A 1 117 ? -13.972 -0.913  0.579   0.50 17.80 ? 1041 LYS A O   1 
ATOM   569  C CB  A LYS A 1 117 ? -15.423 -2.791  2.382   0.50 19.60 ? 1041 LYS A CB  1 
ATOM   570  C CB  B LYS A 1 117 ? -15.859 -2.612  2.037   0.50 20.49 ? 1041 LYS A CB  1 
ATOM   571  C CG  A LYS A 1 117 ? -16.846 -3.188  2.836   0.50 21.99 ? 1041 LYS A CG  1 
ATOM   572  C CG  B LYS A 1 117 ? -17.314 -3.031  2.140   0.50 23.39 ? 1041 LYS A CG  1 
ATOM   573  C CD  A LYS A 1 117 ? -17.868 -2.517  1.882   0.50 27.39 ? 1041 LYS A CD  1 
ATOM   574  C CD  B LYS A 1 117 ? -18.212 -2.328  1.071   0.50 24.51 ? 1041 LYS A CD  1 
ATOM   575  C CE  A LYS A 1 117 ? -19.373 -2.750  2.133   0.50 29.33 ? 1041 LYS A CE  1 
ATOM   576  C CE  B LYS A 1 117 ? -19.694 -2.275  1.403   0.50 23.22 ? 1041 LYS A CE  1 
ATOM   577  N NZ  A LYS A 1 117 ? -20.189 -1.578  2.574   0.50 30.53 ? 1041 LYS A NZ  1 
ATOM   578  N NZ  B LYS A 1 117 ? -20.229 -3.664  1.602   0.50 25.65 ? 1041 LYS A NZ  1 
ATOM   579  N N   . LEU A 1 118 ? -12.880 -2.863  0.379   1.00 19.59 ? 1042 LEU A N   1 
ATOM   580  C CA  . LEU A 1 118 ? -11.610 -2.211  0.080   1.00 20.66 ? 1042 LEU A CA  1 
ATOM   581  C C   . LEU A 1 118 ? -11.341 -2.141  -1.339  1.00 18.38 ? 1042 LEU A C   1 
ATOM   582  O O   . LEU A 1 118 ? -11.324 -3.145  -2.060  1.00 21.72 ? 1042 LEU A O   1 
ATOM   583  C CB  . LEU A 1 118 ? -10.444 -3.008  0.756   1.00 21.16 ? 1042 LEU A CB  1 
ATOM   584  C CG  . LEU A 1 118 ? -10.369 -3.125  2.245   1.00 23.07 ? 1042 LEU A CG  1 
ATOM   585  C CD1 . LEU A 1 118 ? -9.085  -3.905  2.592   1.00 25.83 ? 1042 LEU A CD1 1 
ATOM   586  C CD2 . LEU A 1 118 ? -10.321 -1.781  2.855   1.00 26.05 ? 1042 LEU A CD2 1 
ATOM   587  N N   . PRO A 1 119 ? -10.918 -0.951  -1.835  1.00 16.92 ? 1043 PRO A N   1 
ATOM   588  C CA  . PRO A 1 119 ? -10.506 -0.891  -3.247  1.00 18.78 ? 1043 PRO A CA  1 
ATOM   589  C C   . PRO A 1 119 ? -9.278  -1.629  -3.544  1.00 19.50 ? 1043 PRO A C   1 
ATOM   590  O O   . PRO A 1 119 ? -9.134  -2.148  -4.671  1.00 22.64 ? 1043 PRO A O   1 
ATOM   591  C CB  . PRO A 1 119 ? -10.483 0.593   -3.569  1.00 21.36 ? 1043 PRO A CB  1 
ATOM   592  C CG  . PRO A 1 119 ? -10.267 1.200   -2.231  1.00 19.36 ? 1043 PRO A CG  1 
ATOM   593  C CD  . PRO A 1 119 ? -11.056 0.399   -1.249  1.00 17.60 ? 1043 PRO A CD  1 
ATOM   594  N N   . PHE A 1 120 ? -8.413  -1.678  -2.546  1.00 17.08 ? 1044 PHE A N   1 
ATOM   595  C CA  . PHE A 1 120 ? -7.089  -2.304  -2.722  1.00 16.81 ? 1044 PHE A CA  1 
ATOM   596  C C   . PHE A 1 120 ? -6.877  -3.231  -1.588  1.00 19.42 ? 1044 PHE A C   1 
ATOM   597  O O   . PHE A 1 120 ? -7.082  -2.889  -0.417  1.00 19.80 ? 1044 PHE A O   1 
ATOM   598  C CB  . PHE A 1 120 ? -6.014  -1.291  -2.767  1.00 17.60 ? 1044 PHE A CB  1 
ATOM   599  C CG  . PHE A 1 120 ? -6.230  -0.295  -3.866  1.00 18.07 ? 1044 PHE A CG  1 
ATOM   600  C CD1 . PHE A 1 120 ? -6.150  -0.619  -5.244  1.00 19.19 ? 1044 PHE A CD1 1 
ATOM   601  C CD2 . PHE A 1 120 ? -6.637  0.990   -3.564  1.00 19.09 ? 1044 PHE A CD2 1 
ATOM   602  C CE1 . PHE A 1 120 ? -6.411  0.293   -6.226  1.00 21.95 ? 1044 PHE A CE1 1 
ATOM   603  C CE2 . PHE A 1 120 ? -6.899  1.900   -4.582  1.00 21.55 ? 1044 PHE A CE2 1 
ATOM   604  C CZ  . PHE A 1 120 ? -6.770  1.565   -5.934  1.00 20.40 ? 1044 PHE A CZ  1 
ATOM   605  N N   . ASP A 1 121 ? -6.409  -4.480  -1.849  1.00 19.31 ? 1045 ASP A N   1 
ATOM   606  C CA  . ASP A 1 121 ? -6.039  -5.357  -0.732  1.00 19.71 ? 1045 ASP A CA  1 
ATOM   607  C C   . ASP A 1 121 ? -4.761  -5.022  -0.075  1.00 19.96 ? 1045 ASP A C   1 
ATOM   608  O O   . ASP A 1 121 ? -4.643  -5.302  1.126   1.00 20.95 ? 1045 ASP A O   1 
ATOM   609  C CB  . ASP A 1 121 ? -5.934  -6.813  -1.254  1.00 20.28 ? 1045 ASP A CB  1 
ATOM   610  C CG  . ASP A 1 121 ? -7.279  -7.246  -1.855  1.00 22.37 ? 1045 ASP A CG  1 
ATOM   611  O OD1 . ASP A 1 121 ? -8.173  -7.390  -1.013  1.00 29.36 ? 1045 ASP A OD1 1 
ATOM   612  O OD2 . ASP A 1 121 ? -7.345  -7.518  -3.052  1.00 25.48 ? 1045 ASP A OD2 1 
ATOM   613  N N   . TYR A 1 122 ? -3.867  -4.349  -0.826  1.00 18.54 ? 1046 TYR A N   1 
ATOM   614  C CA  . TYR A 1 122 ? -2.568  -3.876  -0.263  1.00 19.20 ? 1046 TYR A CA  1 
ATOM   615  C C   . TYR A 1 122 ? -2.216  -2.596  -1.015  1.00 17.19 ? 1046 TYR A C   1 
ATOM   616  O O   . TYR A 1 122 ? -2.530  -2.437  -2.193  1.00 17.02 ? 1046 TYR A O   1 
ATOM   617  C CB  . TYR A 1 122 ? -1.448  -4.889  -0.499  1.00 19.04 ? 1046 TYR A CB  1 
ATOM   618  C CG  . TYR A 1 122 ? -1.739  -6.292  -0.041  1.00 18.40 ? 1046 TYR A CG  1 
ATOM   619  C CD1 . TYR A 1 122 ? -1.669  -6.675  1.228   1.00 22.16 ? 1046 TYR A CD1 1 
ATOM   620  C CD2 . TYR A 1 122 ? -2.049  -7.201  -0.994  1.00 21.07 ? 1046 TYR A CD2 1 
ATOM   621  C CE1 . TYR A 1 122 ? -2.087  -7.951  1.632   1.00 23.78 ? 1046 TYR A CE1 1 
ATOM   622  C CE2 . TYR A 1 122 ? -2.479  -8.478  -0.635  1.00 21.70 ? 1046 TYR A CE2 1 
ATOM   623  C CZ  . TYR A 1 122 ? -2.467  -8.821  0.704   1.00 20.73 ? 1046 TYR A CZ  1 
ATOM   624  O OH  . TYR A 1 122 ? -2.850  -10.109 1.110   1.00 22.69 ? 1046 TYR A OH  1 
ATOM   625  N N   . ILE A 1 123 ? -1.594  -1.701  -0.299  1.00 18.38 ? 1047 ILE A N   1 
ATOM   626  C CA  . ILE A 1 123 ? -0.987  -0.489  -0.854  1.00 18.06 ? 1047 ILE A CA  1 
ATOM   627  C C   . ILE A 1 123 ? 0.500   -0.527  -0.494  1.00 17.62 ? 1047 ILE A C   1 
ATOM   628  O O   . ILE A 1 123 ? 0.834   -0.616  0.683   1.00 19.03 ? 1047 ILE A O   1 
ATOM   629  C CB  . ILE A 1 123 ? -1.656  0.762   -0.257  1.00 17.94 ? 1047 ILE A CB  1 
ATOM   630  C CG1 . ILE A 1 123 ? -3.180  0.796   -0.583  1.00 17.70 ? 1047 ILE A CG1 1 
ATOM   631  C CG2 . ILE A 1 123 ? -1.000  2.035   -0.758  1.00 17.69 ? 1047 ILE A CG2 1 
ATOM   632  C CD1 . ILE A 1 123 ? -3.944  1.849   0.210   1.00 19.10 ? 1047 ILE A CD1 1 
ATOM   633  N N   . PHE A 1 124 ? 1.295   -0.248  -1.514  1.00 17.92 ? 1048 PHE A N   1 
ATOM   634  C CA  . PHE A 1 124 ? 2.788   -0.082  -1.439  1.00 19.53 ? 1048 PHE A CA  1 
ATOM   635  C C   . PHE A 1 124 ? 3.032   1.384   -1.568  1.00 20.20 ? 1048 PHE A C   1 
ATOM   636  O O   . PHE A 1 124 ? 2.701   1.976   -2.554  1.00 21.11 ? 1048 PHE A O   1 
ATOM   637  C CB  . PHE A 1 124 ? 3.449   -0.899  -2.488  1.00 21.44 ? 1048 PHE A CB  1 
ATOM   638  C CG  . PHE A 1 124 ? 3.283   -2.343  -2.222  1.00 20.41 ? 1048 PHE A CG  1 
ATOM   639  C CD1 . PHE A 1 124 ? 2.174   -3.005  -2.715  1.00 21.67 ? 1048 PHE A CD1 1 
ATOM   640  C CD2 . PHE A 1 124 ? 4.198   -3.025  -1.375  1.00 25.61 ? 1048 PHE A CD2 1 
ATOM   641  C CE1 . PHE A 1 124 ? 1.956   -4.369  -2.456  1.00 24.06 ? 1048 PHE A CE1 1 
ATOM   642  C CE2 . PHE A 1 124 ? 3.934   -4.400  -1.083  1.00 25.44 ? 1048 PHE A CE2 1 
ATOM   643  C CZ  . PHE A 1 124 ? 2.825   -4.972  -1.621  1.00 22.72 ? 1048 PHE A CZ  1 
ATOM   644  N N   . MET A 1 125 ? 3.522   1.961   -0.498  1.00 19.53 ? 1049 MET A N   1 
ATOM   645  C CA  . MET A 1 125 ? 3.642   3.430   -0.359  1.00 19.57 ? 1049 MET A CA  1 
ATOM   646  C C   . MET A 1 125 ? 5.113   3.879   -0.259  1.00 20.35 ? 1049 MET A C   1 
ATOM   647  O O   . MET A 1 125 ? 5.749   3.616   0.744   1.00 21.15 ? 1049 MET A O   1 
ATOM   648  C CB  . MET A 1 125 ? 3.013   3.883   0.883   1.00 20.91 ? 1049 MET A CB  1 
ATOM   649  C CG  . MET A 1 125 ? 2.982   5.373   1.123   1.00 20.37 ? 1049 MET A CG  1 
ATOM   650  S SD  . MET A 1 125 ? 1.822   6.261   0.066   1.00 20.54 ? 1049 MET A SD  1 
ATOM   651  C CE  . MET A 1 125 ? 0.214   5.777   0.754   1.00 20.95 ? 1049 MET A CE  1 
ATOM   652  N N   . ALA A 1 126 ? 5.577   4.622   -1.231  1.00 20.81 ? 1050 ALA A N   1 
ATOM   653  C CA  . ALA A 1 126 ? 6.928   5.214   -1.144  1.00 20.48 ? 1050 ALA A CA  1 
ATOM   654  C C   . ALA A 1 126 ? 6.950   6.139   0.048   1.00 22.18 ? 1050 ALA A C   1 
ATOM   655  O O   . ALA A 1 126 ? 6.065   6.953   0.262   1.00 21.44 ? 1050 ALA A O   1 
ATOM   656  C CB  . ALA A 1 126 ? 7.271   5.924   -2.444  1.00 24.23 ? 1050 ALA A CB  1 
ATOM   657  N N   . CYS A 1 127 ? 7.987   6.025   0.892   1.00 22.11 ? 1051 CYS A N   1 
ATOM   658  C CA  . CYS A 1 127 ? 8.130   6.886   2.006   1.00 23.79 ? 1051 CYS A CA  1 
ATOM   659  C C   . CYS A 1 127 ? 8.434   8.295   1.667   1.00 24.51 ? 1051 CYS A C   1 
ATOM   660  O O   . CYS A 1 127 ? 7.848   9.177   2.343   1.00 25.77 ? 1051 CYS A O   1 
ATOM   661  C CB  . CYS A 1 127 ? 9.235   6.323   2.939   1.00 27.02 ? 1051 CYS A CB  1 
ATOM   662  S SG  . CYS A 1 127 ? 8.740   4.757   3.689   1.00 30.23 ? 1051 CYS A SG  1 
ATOM   663  N N   . GLN A 1 128 ? 9.381   8.507   0.735   1.00 26.28 ? 1052 GLN A N   1 
ATOM   664  C CA  . GLN A 1 128 ? 9.842   9.880   0.431   1.00 29.87 ? 1052 GLN A CA  1 
ATOM   665  C C   . GLN A 1 128 ? 9.261   10.263  -0.864  1.00 25.67 ? 1052 GLN A C   1 
ATOM   666  O O   . GLN A 1 128 ? 9.551   9.669   -1.880  1.00 28.90 ? 1052 GLN A O   1 
ATOM   667  C CB  . GLN A 1 128 ? 11.372  9.954   0.345   1.00 35.11 ? 1052 GLN A CB  1 
ATOM   668  C CG  . GLN A 1 128 ? 12.017  9.779   1.712   1.00 39.47 ? 1052 GLN A CG  1 
ATOM   669  C CD  . GLN A 1 128 ? 11.368  10.581  2.869   1.00 54.42 ? 1052 GLN A CD  1 
ATOM   670  O OE1 . GLN A 1 128 ? 11.006  11.770  2.729   1.00 63.72 ? 1052 GLN A OE1 1 
ATOM   671  N NE2 . GLN A 1 128 ? 11.211  9.920   4.013   1.00 63.82 ? 1052 GLN A NE2 1 
ATOM   672  N N   . MET A 1 129 ? 8.338   11.192  -0.779  1.00 25.89 ? 1053 MET A N   1 
ATOM   673  C CA  . MET A 1 129 ? 7.814   11.918  -1.905  1.00 25.65 ? 1053 MET A CA  1 
ATOM   674  C C   . MET A 1 129 ? 7.697   13.365  -1.603  1.00 25.32 ? 1053 MET A C   1 
ATOM   675  O O   . MET A 1 129 ? 7.426   13.762  -0.450  1.00 27.72 ? 1053 MET A O   1 
ATOM   676  C CB  . MET A 1 129 ? 6.381   11.379  -2.298  1.00 26.91 ? 1053 MET A CB  1 
ATOM   677  C CG  . MET A 1 129 ? 6.405   9.896   -2.595  1.00 24.46 ? 1053 MET A CG  1 
ATOM   678  S SD  . MET A 1 129 ? 4.702   9.297   -3.076  1.00 23.83 ? 1053 MET A SD  1 
ATOM   679  C CE  . MET A 1 129 ? 3.928   9.162   -1.502  1.00 23.99 ? 1053 MET A CE  1 
ATOM   680  N N   . PRO A 1 130 ? 7.867   14.190  -2.646  1.00 30.54 ? 1054 PRO A N   1 
ATOM   681  C CA  . PRO A 1 130 ? 7.695   15.649  -2.417  1.00 34.38 ? 1054 PRO A CA  1 
ATOM   682  C C   . PRO A 1 130 ? 6.256   16.056  -2.136  1.00 34.47 ? 1054 PRO A C   1 
ATOM   683  O O   . PRO A 1 130 ? 5.340   15.364  -2.549  1.00 34.56 ? 1054 PRO A O   1 
ATOM   684  C CB  . PRO A 1 130 ? 8.168   16.267  -3.730  1.00 34.72 ? 1054 PRO A CB  1 
ATOM   685  C CG  . PRO A 1 130 ? 8.239   15.192  -4.729  1.00 37.73 ? 1054 PRO A CG  1 
ATOM   686  C CD  . PRO A 1 130 ? 8.107   13.834  -4.037  1.00 31.64 ? 1054 PRO A CD  1 
ATOM   687  N N   . GLU A 1 131 ? 6.076   17.026  -1.267  1.00 33.05 ? 1055 GLU A N   1 
ATOM   688  C CA  . GLU A 1 131 ? 4.757   17.753  -1.023  1.00 31.95 ? 1055 GLU A CA  1 
ATOM   689  C C   . GLU A 1 131 ? 3.949   17.005  0.080   1.00 33.59 ? 1055 GLU A C   1 
ATOM   690  O O   . GLU A 1 131 ? 3.524   17.620  1.127   1.00 30.96 ? 1055 GLU A O   1 
ATOM   691  C CB  . GLU A 1 131 ? 3.842   17.910  -2.243  1.00 39.67 ? 1055 GLU A CB  1 
ATOM   692  C CG  . GLU A 1 131 ? 4.217   18.750  -3.447  1.00 57.56 ? 1055 GLU A CG  1 
ATOM   693  C CD  . GLU A 1 131 ? 3.110   18.740  -4.554  1.00 63.82 ? 1055 GLU A CD  1 
ATOM   694  O OE1 . GLU A 1 131 ? 1.891   18.352  -4.351  1.00 49.74 ? 1055 GLU A OE1 1 
ATOM   695  O OE2 . GLU A 1 131 ? 3.470   19.148  -5.685  1.00 80.40 ? 1055 GLU A OE2 1 
ATOM   696  N N   . MET A 1 132 ? 3.758   15.688  -0.176  1.00 26.96 ? 1056 MET A N   1 
ATOM   697  C CA  . MET A 1 132 ? 3.060   14.830  0.792   1.00 23.56 ? 1056 MET A CA  1 
ATOM   698  C C   . MET A 1 132 ? 3.818   13.512  0.790   1.00 23.25 ? 1056 MET A C   1 
ATOM   699  O O   . MET A 1 132 ? 3.824   12.790  -0.221  1.00 25.44 ? 1056 MET A O   1 
ATOM   700  C CB  . MET A 1 132 ? 1.592   14.551  0.339   1.00 24.96 ? 1056 MET A CB  1 
ATOM   701  C CG  . MET A 1 132 ? 0.850   13.821  1.434   1.00 23.45 ? 1056 MET A CG  1 
ATOM   702  S SD  . MET A 1 132 ? -0.757  13.197  0.919   1.00 21.50 ? 1056 MET A SD  1 
ATOM   703  C CE  . MET A 1 132 ? -1.586  14.810  0.759   1.00 23.14 ? 1056 MET A CE  1 
ATOM   704  N N   . ASP A 1 133 ? 4.513   13.237  1.878   1.00 24.44 ? 1057 ASP A N   1 
ATOM   705  C CA  . ASP A 1 133 ? 5.280   12.025  1.855   1.00 24.72 ? 1057 ASP A CA  1 
ATOM   706  C C   . ASP A 1 133 ? 4.416   10.805  2.140   1.00 24.01 ? 1057 ASP A C   1 
ATOM   707  O O   . ASP A 1 133 ? 3.189   10.991  2.434   1.00 21.38 ? 1057 ASP A O   1 
ATOM   708  C CB  . ASP A 1 133 ? 6.505   12.151  2.764   1.00 25.23 ? 1057 ASP A CB  1 
ATOM   709  C CG  . ASP A 1 133 ? 6.192   12.299  4.166   1.00 29.09 ? 1057 ASP A CG  1 
ATOM   710  O OD1 . ASP A 1 133 ? 5.182   11.835  4.787   1.00 25.79 ? 1057 ASP A OD1 1 
ATOM   711  O OD2 . ASP A 1 133 ? 7.128   12.823  4.914   1.00 30.74 ? 1057 ASP A OD2 1 
ATOM   712  N N   . GLY A 1 134 ? 5.014   9.646   2.168   1.00 23.13 ? 1058 GLY A N   1 
ATOM   713  C CA  . GLY A 1 134 ? 4.226   8.406   2.397   1.00 20.72 ? 1058 GLY A CA  1 
ATOM   714  C C   . GLY A 1 134 ? 3.615   8.321   3.742   1.00 21.11 ? 1058 GLY A C   1 
ATOM   715  O O   . GLY A 1 134 ? 2.596   7.720   3.936   1.00 20.99 ? 1058 GLY A O   1 
ATOM   716  N N   . TYR A 1 135 ? 4.276   8.883   4.783   1.00 20.65 ? 1059 TYR A N   1 
ATOM   717  C CA  . TYR A 1 135 ? 3.742   8.824   6.074   1.00 22.61 ? 1059 TYR A CA  1 
ATOM   718  C C   . TYR A 1 135 ? 2.505   9.669   6.151   1.00 20.31 ? 1059 TYR A C   1 
ATOM   719  O O   . TYR A 1 135 ? 1.521   9.235   6.724   1.00 20.25 ? 1059 TYR A O   1 
ATOM   720  C CB  . TYR A 1 135 ? 4.848   9.327   7.087   1.00 22.35 ? 1059 TYR A CB  1 
ATOM   721  C CG  . TYR A 1 135 ? 6.187   8.580   6.962   1.00 24.52 ? 1059 TYR A CG  1 
ATOM   722  C CD1 . TYR A 1 135 ? 6.292   7.260   7.346   1.00 24.68 ? 1059 TYR A CD1 1 
ATOM   723  C CD2 . TYR A 1 135 ? 7.298   9.198   6.363   1.00 27.25 ? 1059 TYR A CD2 1 
ATOM   724  C CE1 . TYR A 1 135 ? 7.482   6.580   7.209   1.00 26.35 ? 1059 TYR A CE1 1 
ATOM   725  C CE2 . TYR A 1 135 ? 8.481   8.506   6.202   1.00 28.29 ? 1059 TYR A CE2 1 
ATOM   726  C CZ  . TYR A 1 135 ? 8.553   7.231   6.646   1.00 28.66 ? 1059 TYR A CZ  1 
ATOM   727  O OH  . TYR A 1 135 ? 9.739   6.577   6.529   1.00 30.79 ? 1059 TYR A OH  1 
ATOM   728  N N   A GLU A 1 136 ? 2.568   10.891  5.630   0.50 19.71 ? 1060 GLU A N   1 
ATOM   729  N N   B GLU A 1 136 ? 2.600   10.871  5.567   0.50 20.13 ? 1060 GLU A N   1 
ATOM   730  C CA  A GLU A 1 136 ? 1.402   11.751  5.659   0.50 20.00 ? 1060 GLU A CA  1 
ATOM   731  C CA  B GLU A 1 136 ? 1.478   11.803  5.491   0.50 20.88 ? 1060 GLU A CA  1 
ATOM   732  C C   A GLU A 1 136 ? 0.291   11.176  4.784   0.50 19.27 ? 1060 GLU A C   1 
ATOM   733  C C   B GLU A 1 136 ? 0.306   11.125  4.793   0.50 19.42 ? 1060 GLU A C   1 
ATOM   734  O O   A GLU A 1 136 ? -0.885  11.258  5.177   0.50 18.55 ? 1060 GLU A O   1 
ATOM   735  O O   B GLU A 1 136 ? -0.872  11.072  5.288   0.50 17.45 ? 1060 GLU A O   1 
ATOM   736  C CB  A GLU A 1 136 ? 1.708   13.214  5.294   0.50 20.30 ? 1060 GLU A CB  1 
ATOM   737  C CB  B GLU A 1 136 ? 1.839   13.129  4.765   0.50 23.67 ? 1060 GLU A CB  1 
ATOM   738  C CG  A GLU A 1 136 ? 0.518   14.121  5.304   0.50 21.08 ? 1060 GLU A CG  1 
ATOM   739  C CG  B GLU A 1 136 ? 0.697   14.107  4.858   0.50 29.03 ? 1060 GLU A CG  1 
ATOM   740  C CD  A GLU A 1 136 ? -0.188  14.256  6.613   0.50 18.33 ? 1060 GLU A CD  1 
ATOM   741  C CD  B GLU A 1 136 ? 1.024   15.551  4.477   0.50 32.48 ? 1060 GLU A CD  1 
ATOM   742  O OE1 A GLU A 1 136 ? 0.437   14.126  7.737   0.50 21.09 ? 1060 GLU A OE1 1 
ATOM   743  O OE1 B GLU A 1 136 ? 2.039   15.833  3.840   0.50 37.19 ? 1060 GLU A OE1 1 
ATOM   744  O OE2 A GLU A 1 136 ? -1.410  14.501  6.575   0.50 19.48 ? 1060 GLU A OE2 1 
ATOM   745  O OE2 B GLU A 1 136 ? 0.212   16.425  4.775   0.50 37.95 ? 1060 GLU A OE2 1 
ATOM   746  N N   . ALA A 1 137 ? 0.633   10.592  3.631   1.00 19.05 ? 1061 ALA A N   1 
ATOM   747  C CA  . ALA A 1 137 ? -0.444  9.949   2.818   1.00 18.54 ? 1061 ALA A CA  1 
ATOM   748  C C   . ALA A 1 137 ? -1.126  8.783   3.544   1.00 18.87 ? 1061 ALA A C   1 
ATOM   749  O O   . ALA A 1 137 ? -2.347  8.680   3.620   1.00 17.53 ? 1061 ALA A O   1 
ATOM   750  C CB  . ALA A 1 137 ? 0.081   9.481   1.495   1.00 18.81 ? 1061 ALA A CB  1 
ATOM   751  N N   . THR A 1 138 ? -0.317  8.000   4.230   1.00 17.93 ? 1062 THR A N   1 
ATOM   752  C CA  . THR A 1 138 ? -0.895  6.938   5.072   1.00 18.81 ? 1062 THR A CA  1 
ATOM   753  C C   . THR A 1 138 ? -1.706  7.436   6.165   1.00 19.07 ? 1062 THR A C   1 
ATOM   754  O O   . THR A 1 138 ? -2.866  6.961   6.401   1.00 18.81 ? 1062 THR A O   1 
ATOM   755  C CB  . THR A 1 138 ? 0.274   6.081   5.713   1.00 18.69 ? 1062 THR A CB  1 
ATOM   756  O OG1 . THR A 1 138 ? 1.016   5.546   4.629   1.00 21.18 ? 1062 THR A OG1 1 
ATOM   757  C CG2 . THR A 1 138 ? -0.247  5.046   6.585   1.00 22.43 ? 1062 THR A CG2 1 
ATOM   758  N N   . ARG A 1 139 ? -1.252  8.473   6.918   1.00 18.04 ? 1063 ARG A N   1 
ATOM   759  C CA  . ARG A 1 139 ? -2.118  9.028   7.917   1.00 22.19 ? 1063 ARG A CA  1 
ATOM   760  C C   . ARG A 1 139 ? -3.484  9.461   7.378   1.00 18.11 ? 1063 ARG A C   1 
ATOM   761  O O   . ARG A 1 139 ? -4.531  9.304   8.034   1.00 21.93 ? 1063 ARG A O   1 
ATOM   762  C CB  . ARG A 1 139 ? -1.519  10.288  8.595   1.00 28.23 ? 1063 ARG A CB  1 
ATOM   763  C CG  . ARG A 1 139 ? -0.597  9.902   9.708   1.00 36.22 ? 1063 ARG A CG  1 
ATOM   764  C CD  . ARG A 1 139 ? -0.319  11.169  10.547  1.00 43.45 ? 1063 ARG A CD  1 
ATOM   765  N NE  . ARG A 1 139 ? 0.492   11.989  9.701   1.00 41.66 ? 1063 ARG A NE  1 
ATOM   766  C CZ  . ARG A 1 139 ? 1.821   11.853  9.562   1.00 53.19 ? 1063 ARG A CZ  1 
ATOM   767  N NH1 . ARG A 1 139 ? 2.514   10.989  10.323  1.00 62.70 ? 1063 ARG A NH1 1 
ATOM   768  N NH2 . ARG A 1 139 ? 2.468   12.634  8.685   1.00 40.06 ? 1063 ARG A NH2 1 
ATOM   769  N N   . GLU A 1 140 ? -3.441  10.099  6.185   1.00 17.85 ? 1064 GLU A N   1 
ATOM   770  C CA  . GLU A 1 140 ? -4.615  10.663  5.610   1.00 18.03 ? 1064 GLU A CA  1 
ATOM   771  C C   . GLU A 1 140 ? -5.571  9.506   5.162   1.00 18.44 ? 1064 GLU A C   1 
ATOM   772  O O   . GLU A 1 140 ? -6.772  9.579   5.303   1.00 18.22 ? 1064 GLU A O   1 
ATOM   773  C CB  . GLU A 1 140 ? -4.341  11.612  4.480   1.00 18.77 ? 1064 GLU A CB  1 
ATOM   774  C CG  . GLU A 1 140 ? -3.633  12.883  5.018   1.00 21.15 ? 1064 GLU A CG  1 
ATOM   775  C CD  . GLU A 1 140 ? -3.361  13.966  3.988   1.00 28.62 ? 1064 GLU A CD  1 
ATOM   776  O OE1 . GLU A 1 140 ? -3.859  13.897  2.859   1.00 27.59 ? 1064 GLU A OE1 1 
ATOM   777  O OE2 . GLU A 1 140 ? -2.536  14.878  4.354   1.00 27.58 ? 1064 GLU A OE2 1 
ATOM   778  N N   . ILE A 1 141 ? -5.009  8.426   4.605   1.00 17.13 ? 1065 ILE A N   1 
ATOM   779  C CA  . ILE A 1 141 ? -5.779  7.222   4.307   1.00 16.68 ? 1065 ILE A CA  1 
ATOM   780  C C   . ILE A 1 141 ? -6.478  6.644   5.479   1.00 16.35 ? 1065 ILE A C   1 
ATOM   781  O O   . ILE A 1 141 ? -7.663  6.317   5.456   1.00 18.45 ? 1065 ILE A O   1 
ATOM   782  C CB  . ILE A 1 141 ? -4.967  6.174   3.542   1.00 15.71 ? 1065 ILE A CB  1 
ATOM   783  C CG1 . ILE A 1 141 ? -4.628  6.713   2.137   1.00 17.15 ? 1065 ILE A CG1 1 
ATOM   784  C CG2 . ILE A 1 141 ? -5.700  4.836   3.499   1.00 16.32 ? 1065 ILE A CG2 1 
ATOM   785  C CD1 . ILE A 1 141 ? -3.461  6.019   1.451   1.00 18.09 ? 1065 ILE A CD1 1 
ATOM   786  N N   . ARG A 1 142 ? -5.701  6.569   6.581   1.00 17.58 ? 1066 ARG A N   1 
ATOM   787  C CA  . ARG A 1 142 ? -6.290  6.027   7.816   1.00 21.06 ? 1066 ARG A CA  1 
ATOM   788  C C   . ARG A 1 142 ? -7.445  6.886   8.323   1.00 19.74 ? 1066 ARG A C   1 
ATOM   789  O O   . ARG A 1 142 ? -8.470  6.345   8.734   1.00 21.70 ? 1066 ARG A O   1 
ATOM   790  C CB  . ARG A 1 142 ? -5.169  5.893   8.866   1.00 22.97 ? 1066 ARG A CB  1 
ATOM   791  C CG  . ARG A 1 142 ? -4.170  4.856   8.486   1.00 21.60 ? 1066 ARG A CG  1 
ATOM   792  C CD  . ARG A 1 142 ? -4.644  3.489   8.779   1.00 25.52 ? 1066 ARG A CD  1 
ATOM   793  N NE  . ARG A 1 142 ? -3.588  2.554   8.515   1.00 23.70 ? 1066 ARG A NE  1 
ATOM   794  C CZ  . ARG A 1 142 ? -3.576  1.686   7.490   1.00 22.44 ? 1066 ARG A CZ  1 
ATOM   795  N NH1 . ARG A 1 142 ? -4.653  1.513   6.767   1.00 22.32 ? 1066 ARG A NH1 1 
ATOM   796  N NH2 . ARG A 1 142 ? -2.602  0.798   7.362   1.00 23.11 ? 1066 ARG A NH2 1 
ATOM   797  N N   . LYS A 1 143 ? -7.331  8.207   8.193   1.00 19.44 ? 1067 LYS A N   1 
ATOM   798  C CA  . LYS A 1 143 ? -8.467  9.086   8.506   1.00 22.76 ? 1067 LYS A CA  1 
ATOM   799  C C   . LYS A 1 143 ? -9.664  8.834   7.643   1.00 21.70 ? 1067 LYS A C   1 
ATOM   800  O O   . LYS A 1 143 ? -10.823 8.680   8.141   1.00 23.67 ? 1067 LYS A O   1 
ATOM   801  C CB  . LYS A 1 143 ? -8.076  10.560  8.408   1.00 24.83 ? 1067 LYS A CB  1 
ATOM   802  C CG  . LYS A 1 143 ? -7.017  10.985  9.428   1.00 44.48 ? 1067 LYS A CG  1 
ATOM   803  C CD  . LYS A 1 143 ? -6.240  12.278  9.084   1.00 54.11 ? 1067 LYS A CD  1 
ATOM   804  C CE  . LYS A 1 143 ? -5.587  12.828  10.349  1.00 64.42 ? 1067 LYS A CE  1 
ATOM   805  N NZ  . LYS A 1 143 ? -6.594  13.479  11.249  1.00 68.30 ? 1067 LYS A NZ  1 
ATOM   806  N N   . VAL A 1 144 ? -9.472  8.656   6.326   1.00 18.49 ? 1068 VAL A N   1 
ATOM   807  C CA  . VAL A 1 144 ? -10.541 8.356   5.443   1.00 18.46 ? 1068 VAL A CA  1 
ATOM   808  C C   . VAL A 1 144 ? -11.276 7.048   5.815   1.00 17.85 ? 1068 VAL A C   1 
ATOM   809  O O   . VAL A 1 144 ? -12.513 6.954   5.759   1.00 19.60 ? 1068 VAL A O   1 
ATOM   810  C CB  . VAL A 1 144 ? -10.090 8.338   3.967   1.00 19.07 ? 1068 VAL A CB  1 
ATOM   811  C CG1 . VAL A 1 144 ? -11.204 7.820   3.056   1.00 20.37 ? 1068 VAL A CG1 1 
ATOM   812  C CG2 . VAL A 1 144 ? -9.611  9.753   3.524   1.00 19.66 ? 1068 VAL A CG2 1 
ATOM   813  N N   . GLU A 1 145 ? -10.470 6.052   6.155   1.00 18.93 ? 1069 GLU A N   1 
ATOM   814  C CA  . GLU A 1 145 ? -10.961 4.741   6.433   1.00 18.85 ? 1069 GLU A CA  1 
ATOM   815  C C   . GLU A 1 145 ? -11.872 4.720   7.639   1.00 20.43 ? 1069 GLU A C   1 
ATOM   816  O O   . GLU A 1 145 ? -12.669 3.778   7.773   1.00 24.02 ? 1069 GLU A O   1 
ATOM   817  C CB  . GLU A 1 145 ? -9.886  3.735   6.663   1.00 21.70 ? 1069 GLU A CB  1 
ATOM   818  C CG  . GLU A 1 145 ? -9.082  3.437   5.437   1.00 19.49 ? 1069 GLU A CG  1 
ATOM   819  C CD  . GLU A 1 145 ? -7.887  2.560   5.713   1.00 20.57 ? 1069 GLU A CD  1 
ATOM   820  O OE1 . GLU A 1 145 ? -7.190  2.725   6.736   1.00 21.45 ? 1069 GLU A OE1 1 
ATOM   821  O OE2 . GLU A 1 145 ? -7.531  1.734   4.892   1.00 20.45 ? 1069 GLU A OE2 1 
ATOM   822  N N   . LYS A 1 146 ? -11.662 5.673   8.554   1.00 22.45 ? 1070 LYS A N   1 
ATOM   823  C CA  . LYS A 1 146 ? -12.390 5.623   9.837   1.00 28.95 ? 1070 LYS A CA  1 
ATOM   824  C C   . LYS A 1 146 ? -13.838 5.542   9.650   1.00 29.58 ? 1070 LYS A C   1 
ATOM   825  O O   . LYS A 1 146 ? -14.521 4.733   10.327  1.00 35.29 ? 1070 LYS A O   1 
ATOM   826  C CB  . LYS A 1 146 ? -12.056 6.855   10.729  1.00 33.61 ? 1070 LYS A CB  1 
ATOM   827  C CG  . LYS A 1 146 ? -10.713 6.819   11.437  1.00 48.14 ? 1070 LYS A CG  1 
ATOM   828  C CD  . LYS A 1 146 ? -10.527 8.020   12.414  1.00 53.68 ? 1070 LYS A CD  1 
ATOM   829  C CE  . LYS A 1 146 ? -9.070  8.349   12.890  1.00 57.80 ? 1070 LYS A CE  1 
ATOM   830  N NZ  . LYS A 1 146 ? -7.900  8.515   11.911  1.00 53.02 ? 1070 LYS A NZ  1 
ATOM   831  N N   . SER A 1 147 ? -14.405 6.273   8.732   1.00 29.05 ? 1071 SER A N   1 
ATOM   832  C CA  . SER A 1 147 ? -15.826 6.265   8.600   1.00 34.07 ? 1071 SER A CA  1 
ATOM   833  C C   . SER A 1 147 ? -16.376 4.991   7.971   1.00 32.68 ? 1071 SER A C   1 
ATOM   834  O O   . SER A 1 147 ? -17.593 4.781   7.951   1.00 39.29 ? 1071 SER A O   1 
ATOM   835  C CB  . SER A 1 147 ? -16.215 7.531   7.818   1.00 34.91 ? 1071 SER A CB  1 
ATOM   836  O OG  . SER A 1 147 ? -16.339 7.157   6.543   1.00 33.97 ? 1071 SER A OG  1 
ATOM   837  N N   . TYR A 1 148 ? -15.519 4.115   7.437   1.00 26.06 ? 1072 TYR A N   1 
ATOM   838  C CA  . TYR A 1 148 ? -15.910 2.853   6.854   1.00 26.90 ? 1072 TYR A CA  1 
ATOM   839  C C   . TYR A 1 148 ? -15.629 1.647   7.749   1.00 27.42 ? 1072 TYR A C   1 
ATOM   840  O O   . TYR A 1 148 ? -16.090 0.569   7.441   1.00 32.19 ? 1072 TYR A O   1 
ATOM   841  C CB  . TYR A 1 148 ? -15.208 2.701   5.457   1.00 26.40 ? 1072 TYR A CB  1 
ATOM   842  C CG  . TYR A 1 148 ? -15.502 3.807   4.522   1.00 26.80 ? 1072 TYR A CG  1 
ATOM   843  C CD1 . TYR A 1 148 ? -16.692 3.838   3.715   1.00 27.43 ? 1072 TYR A CD1 1 
ATOM   844  C CD2 . TYR A 1 148 ? -14.614 4.866   4.367   1.00 21.80 ? 1072 TYR A CD2 1 
ATOM   845  C CE1 . TYR A 1 148 ? -16.908 4.904   2.840   1.00 30.37 ? 1072 TYR A CE1 1 
ATOM   846  C CE2 . TYR A 1 148 ? -14.885 5.905   3.537   1.00 25.21 ? 1072 TYR A CE2 1 
ATOM   847  C CZ  . TYR A 1 148 ? -15.996 5.926   2.754   1.00 23.95 ? 1072 TYR A CZ  1 
ATOM   848  O OH  . TYR A 1 148 ? -16.282 7.037   1.927   1.00 30.32 ? 1072 TYR A OH  1 
ATOM   849  N N   . GLY A 1 149 ? -14.899 1.800   8.818   1.00 28.16 ? 1073 GLY A N   1 
ATOM   850  C CA  . GLY A 1 149 ? -14.584 0.638   9.650   1.00 30.80 ? 1073 GLY A CA  1 
ATOM   851  C C   . GLY A 1 149 ? -13.702 -0.409  8.988   1.00 32.93 ? 1073 GLY A C   1 
ATOM   852  O O   . GLY A 1 149 ? -13.896 -1.599  9.132   1.00 34.75 ? 1073 GLY A O   1 
ATOM   853  N N   . VAL A 1 150 ? -12.805 0.053   8.130   1.00 24.62 ? 1074 VAL A N   1 
ATOM   854  C CA  . VAL A 1 150 ? -11.901 -0.854  7.422   1.00 25.83 ? 1074 VAL A CA  1 
ATOM   855  C C   . VAL A 1 150 ? -10.479 -0.452  7.662   1.00 24.31 ? 1074 VAL A C   1 
ATOM   856  O O   . VAL A 1 150 ? -10.163 0.617   8.239   1.00 25.07 ? 1074 VAL A O   1 
ATOM   857  C CB  . VAL A 1 150 ? -12.160 -0.901  5.875   1.00 28.48 ? 1074 VAL A CB  1 
ATOM   858  C CG1 . VAL A 1 150 ? -13.577 -1.232  5.553   1.00 34.29 ? 1074 VAL A CG1 1 
ATOM   859  C CG2 . VAL A 1 150 ? -11.794 0.435   5.282   1.00 26.48 ? 1074 VAL A CG2 1 
ATOM   860  N N   . ARG A 1 151 ? -9.536  -1.315  7.273   1.00 23.20 ? 1075 ARG A N   1 
ATOM   861  C CA  . ARG A 1 151 ? -8.129  -1.019  7.372   1.00 23.19 ? 1075 ARG A CA  1 
ATOM   862  C C   . ARG A 1 151 ? -7.377  -1.719  6.285   1.00 22.17 ? 1075 ARG A C   1 
ATOM   863  O O   . ARG A 1 151 ? -7.244  -2.955  6.244   1.00 25.24 ? 1075 ARG A O   1 
ATOM   864  C CB  . ARG A 1 151 ? -7.515  -1.382  8.721   1.00 24.53 ? 1075 ARG A CB  1 
ATOM   865  C CG  . ARG A 1 151 ? -6.130  -0.952  8.993   1.00 26.43 ? 1075 ARG A CG  1 
ATOM   866  C CD  . ARG A 1 151 ? -5.533  -1.574  10.250  1.00 31.43 ? 1075 ARG A CD  1 
ATOM   867  N NE  . ARG A 1 151 ? -4.063  -1.466  10.214  1.00 32.82 ? 1075 ARG A NE  1 
ATOM   868  C CZ  . ARG A 1 151 ? -3.362  -0.454  10.710  1.00 37.05 ? 1075 ARG A CZ  1 
ATOM   869  N NH1 . ARG A 1 151 ? -3.920  0.571   11.363  1.00 43.32 ? 1075 ARG A NH1 1 
ATOM   870  N NH2 . ARG A 1 151 ? -2.039  -0.522  10.592  1.00 42.71 ? 1075 ARG A NH2 1 
ATOM   871  N N   . THR A 1 152 ? -6.868  -0.889  5.368   1.00 17.97 ? 1076 THR A N   1 
ATOM   872  C CA  . THR A 1 152 ? -6.088  -1.449  4.300   1.00 21.30 ? 1076 THR A CA  1 
ATOM   873  C C   . THR A 1 152 ? -4.604  -1.686  4.762   1.00 19.08 ? 1076 THR A C   1 
ATOM   874  O O   . THR A 1 152 ? -4.008  -0.784  5.211   1.00 19.37 ? 1076 THR A O   1 
ATOM   875  C CB  . THR A 1 152 ? -6.007  -0.459  3.075   1.00 21.64 ? 1076 THR A CB  1 
ATOM   876  O OG1 . THR A 1 152 ? -7.345  0.000   2.751   1.00 21.04 ? 1076 THR A OG1 1 
ATOM   877  C CG2 . THR A 1 152 ? -5.346  -1.074  1.939   1.00 19.07 ? 1076 THR A CG2 1 
ATOM   878  N N   . PRO A 1 153 ? -4.051  -2.872  4.531   1.00 21.12 ? 1077 PRO A N   1 
ATOM   879  C CA  . PRO A 1 153 ? -2.617  -2.964  4.711   1.00 21.23 ? 1077 PRO A CA  1 
ATOM   880  C C   . PRO A 1 153 ? -1.792  -2.031  3.845   1.00 18.22 ? 1077 PRO A C   1 
ATOM   881  O O   . PRO A 1 153 ? -2.005  -1.997  2.623   1.00 19.82 ? 1077 PRO A O   1 
ATOM   882  C CB  . PRO A 1 153 ? -2.341  -4.437  4.312   1.00 25.73 ? 1077 PRO A CB  1 
ATOM   883  C CG  . PRO A 1 153 ? -3.667  -5.101  4.356   1.00 25.48 ? 1077 PRO A CG  1 
ATOM   884  C CD  . PRO A 1 153 ? -4.661  -4.076  4.012   1.00 24.01 ? 1077 PRO A CD  1 
ATOM   885  N N   . ILE A 1 154 ? -0.936  -1.314  4.497   1.00 19.27 ? 1078 ILE A N   1 
ATOM   886  C CA  . ILE A 1 154 ? -0.084  -0.302  3.869   1.00 19.23 ? 1078 ILE A CA  1 
ATOM   887  C C   . ILE A 1 154 ? 1.367   -0.650  4.178   1.00 22.58 ? 1078 ILE A C   1 
ATOM   888  O O   . ILE A 1 154 ? 1.751   -0.622  5.339   1.00 22.23 ? 1078 ILE A O   1 
ATOM   889  C CB  . ILE A 1 154 ? -0.445  1.152   4.245   1.00 19.72 ? 1078 ILE A CB  1 
ATOM   890  C CG1 . ILE A 1 154 ? -1.860  1.461   3.875   1.00 21.05 ? 1078 ILE A CG1 1 
ATOM   891  C CG2 . ILE A 1 154 ? 0.542   2.094   3.522   1.00 20.96 ? 1078 ILE A CG2 1 
ATOM   892  C CD1 . ILE A 1 154 ? -2.426  2.795   4.292   1.00 20.11 ? 1078 ILE A CD1 1 
ATOM   893  N N   . ILE A 1 155 ? 2.158   -0.857  3.144   1.00 18.64 ? 1079 ILE A N   1 
ATOM   894  C CA  . ILE A 1 155 ? 3.556   -1.346  3.238   1.00 19.40 ? 1079 ILE A CA  1 
ATOM   895  C C   . ILE A 1 155 ? 4.400   -0.189  2.830   1.00 22.19 ? 1079 ILE A C   1 
ATOM   896  O O   . ILE A 1 155 ? 4.316   0.305   1.695   1.00 23.09 ? 1079 ILE A O   1 
ATOM   897  C CB  . ILE A 1 155 ? 3.785   -2.587  2.395   1.00 21.38 ? 1079 ILE A CB  1 
ATOM   898  C CG1 . ILE A 1 155 ? 2.857   -3.692  2.901   1.00 23.57 ? 1079 ILE A CG1 1 
ATOM   899  C CG2 . ILE A 1 155 ? 5.270   -2.981  2.469   1.00 24.16 ? 1079 ILE A CG2 1 
ATOM   900  C CD1 . ILE A 1 155 ? 1.568   -3.805  2.163   1.00 29.79 ? 1079 ILE A CD1 1 
ATOM   901  N N   . ALA A 1 156 ? 5.240   0.294   3.736   1.00 22.56 ? 1080 ALA A N   1 
ATOM   902  C CA  . ALA A 1 156 ? 6.225   1.298   3.358   1.00 24.35 ? 1080 ALA A CA  1 
ATOM   903  C C   . ALA A 1 156 ? 7.356   0.809   2.485   1.00 25.40 ? 1080 ALA A C   1 
ATOM   904  O O   . ALA A 1 156 ? 7.885   -0.302  2.705   1.00 26.69 ? 1080 ALA A O   1 
ATOM   905  C CB  . ALA A 1 156 ? 6.768   1.860   4.632   1.00 25.38 ? 1080 ALA A CB  1 
ATOM   906  N N   . VAL A 1 157 ? 7.724   1.558   1.466   1.00 22.97 ? 1081 VAL A N   1 
ATOM   907  C CA  . VAL A 1 157 ? 8.740   1.187   0.576   1.00 24.37 ? 1081 VAL A CA  1 
ATOM   908  C C   . VAL A 1 157 ? 9.820   2.318   0.575   1.00 28.54 ? 1081 VAL A C   1 
ATOM   909  O O   . VAL A 1 157 ? 9.512   3.453   0.356   1.00 26.49 ? 1081 VAL A O   1 
ATOM   910  C CB  . VAL A 1 157 ? 8.194   0.931   -0.835  1.00 29.10 ? 1081 VAL A CB  1 
ATOM   911  C CG1 . VAL A 1 157 ? 9.280   0.489   -1.766  1.00 33.98 ? 1081 VAL A CG1 1 
ATOM   912  C CG2 . VAL A 1 157 ? 7.094   -0.137  -0.857  1.00 29.10 ? 1081 VAL A CG2 1 
ATOM   913  N N   . SER A 1 158 ? 11.088  2.023   0.962   1.00 29.20 ? 1082 SER A N   1 
ATOM   914  C CA  . SER A 1 158 ? 12.172  2.966   1.115   1.00 29.55 ? 1082 SER A CA  1 
ATOM   915  C C   . SER A 1 158 ? 13.452  2.333   0.498   1.00 29.20 ? 1082 SER A C   1 
ATOM   916  O O   . SER A 1 158 ? 13.610  1.131   0.528   1.00 31.30 ? 1082 SER A O   1 
ATOM   917  C CB  . SER A 1 158 ? 12.385  3.307   2.543   1.00 36.79 ? 1082 SER A CB  1 
ATOM   918  O OG  . SER A 1 158 ? 13.354  4.340   2.586   1.00 38.47 ? 1082 SER A OG  1 
ATOM   919  N N   . GLY A 1 159 ? 14.260  3.213   -0.104  1.00 32.24 ? 1083 GLY A N   1 
ATOM   920  C CA  . GLY A 1 159 ? 15.586  2.802   -0.583  1.00 37.22 ? 1083 GLY A CA  1 
ATOM   921  C C   . GLY A 1 159 ? 16.594  2.611   0.552   1.00 39.37 ? 1083 GLY A C   1 
ATOM   922  O O   . GLY A 1 159 ? 17.689  2.117   0.273   1.00 43.47 ? 1083 GLY A O   1 
ATOM   923  N N   . HIS A 1 160 ? 16.270  2.928   1.798   1.00 36.20 ? 1084 HIS A N   1 
ATOM   924  C CA  . HIS A 1 160 ? 17.166  2.675   2.938   1.00 40.28 ? 1084 HIS A CA  1 
ATOM   925  C C   . HIS A 1 160 ? 16.400  2.256   4.202   1.00 43.99 ? 1084 HIS A C   1 
ATOM   926  O O   . HIS A 1 160 ? 15.213  2.527   4.320   1.00 34.62 ? 1084 HIS A O   1 
ATOM   927  C CB  . HIS A 1 160 ? 17.989  3.923   3.187   1.00 38.62 ? 1084 HIS A CB  1 
ATOM   928  C CG  . HIS A 1 160 ? 17.153  5.141   3.423   1.00 42.91 ? 1084 HIS A CG  1 
ATOM   929  N ND1 . HIS A 1 160 ? 16.623  5.427   4.656   1.00 38.88 ? 1084 HIS A ND1 1 
ATOM   930  C CD2 . HIS A 1 160 ? 16.667  6.079   2.582   1.00 37.16 ? 1084 HIS A CD2 1 
ATOM   931  C CE1 . HIS A 1 160 ? 15.905  6.528   4.573   1.00 39.08 ? 1084 HIS A CE1 1 
ATOM   932  N NE2 . HIS A 1 160 ? 15.912  6.941   3.329   1.00 38.82 ? 1084 HIS A NE2 1 
ATOM   933  N N   . ASP A 1 161 ? 17.076  1.582   5.134   1.00 40.59 ? 1085 ASP A N   1 
ATOM   934  C CA  . ASP A 1 161 ? 16.465  1.180   6.409   1.00 40.34 ? 1085 ASP A CA  1 
ATOM   935  C C   . ASP A 1 161 ? 15.997  2.419   7.121   1.00 39.14 ? 1085 ASP A C   1 
ATOM   936  O O   . ASP A 1 161 ? 16.654  3.452   7.093   1.00 35.86 ? 1085 ASP A O   1 
ATOM   937  C CB  . ASP A 1 161 ? 17.436  0.495   7.350   1.00 42.45 ? 1085 ASP A CB  1 
ATOM   938  C CG  . ASP A 1 161 ? 17.783  -0.938  6.966   1.00 49.32 ? 1085 ASP A CG  1 
ATOM   939  O OD1 . ASP A 1 161 ? 17.102  -1.564  6.106   1.00 56.24 ? 1085 ASP A OD1 1 
ATOM   940  O OD2 . ASP A 1 161 ? 18.765  -1.441  7.585   1.00 61.41 ? 1085 ASP A OD2 1 
ATOM   941  N N   . PRO A 1 162 ? 14.855  2.309   7.806   1.00 36.54 ? 1086 PRO A N   1 
ATOM   942  C CA  . PRO A 1 162 ? 14.424  3.447   8.524   1.00 38.11 ? 1086 PRO A CA  1 
ATOM   943  C C   . PRO A 1 162 ? 15.372  3.685   9.734   1.00 37.83 ? 1086 PRO A C   1 
ATOM   944  O O   . PRO A 1 162 ? 15.805  2.736   10.390  1.00 39.65 ? 1086 PRO A O   1 
ATOM   945  C CB  . PRO A 1 162 ? 13.033  3.081   9.005   1.00 35.92 ? 1086 PRO A CB  1 
ATOM   946  C CG  . PRO A 1 162 ? 12.842  1.641   8.817   1.00 41.67 ? 1086 PRO A CG  1 
ATOM   947  C CD  . PRO A 1 162 ? 13.949  1.157   7.908   1.00 39.37 ? 1086 PRO A CD  1 
ATOM   948  N N   . GLY A 1 163 ? 15.667  4.943   9.946   1.00 38.01 ? 1087 GLY A N   1 
ATOM   949  C CA  . GLY A 1 163 ? 16.310  5.405   11.159  1.00 45.94 ? 1087 GLY A CA  1 
ATOM   950  C C   . GLY A 1 163 ? 15.268  5.643   12.202  1.00 45.50 ? 1087 GLY A C   1 
ATOM   951  O O   . GLY A 1 163 ? 14.082  5.309   12.034  1.00 38.04 ? 1087 GLY A O   1 
ATOM   952  N N   . SER A 1 164 ? 15.694  6.219   13.309  1.00 36.52 ? 1088 SER A N   1 
ATOM   953  C CA  . SER A 1 164 ? 14.806  6.503   14.414  1.00 41.39 ? 1088 SER A CA  1 
ATOM   954  C C   . SER A 1 164 ? 13.580  7.274   14.087  1.00 30.58 ? 1088 SER A C   1 
ATOM   955  O O   . SER A 1 164 ? 12.457  6.902   14.527  1.00 32.40 ? 1088 SER A O   1 
ATOM   956  C CB  . SER A 1 164 ? 15.557  7.281   15.504  1.00 40.95 ? 1088 SER A CB  1 
ATOM   957  O OG  . SER A 1 164 ? 16.402  6.321   16.043  1.00 47.53 ? 1088 SER A OG  1 
ATOM   958  N N   . GLU A 1 165 ? 13.818  8.442   13.518  1.00 33.50 ? 1089 GLU A N   1 
ATOM   959  C CA  . GLU A 1 165 ? 12.732  9.338   13.162  1.00 38.13 ? 1089 GLU A CA  1 
ATOM   960  C C   . GLU A 1 165 ? 11.707  8.687   12.151  1.00 35.84 ? 1089 GLU A C   1 
ATOM   961  O O   . GLU A 1 165 ? 10.488  8.739   12.357  1.00 35.86 ? 1089 GLU A O   1 
ATOM   962  C CB  . GLU A 1 165 ? 13.318  10.666  12.638  1.00 47.55 ? 1089 GLU A CB  1 
ATOM   963  C CG  . GLU A 1 165 ? 12.370  11.774  12.171  1.00 47.73 ? 1089 GLU A CG  1 
ATOM   964  C CD  . GLU A 1 165 ? 11.109  11.968  13.019  1.00 50.72 ? 1089 GLU A CD  1 
ATOM   965  O OE1 . GLU A 1 165 ? 11.036  11.585  14.230  1.00 54.68 ? 1089 GLU A OE1 1 
ATOM   966  O OE2 . GLU A 1 165 ? 10.150  12.546  12.458  1.00 55.97 ? 1089 GLU A OE2 1 
ATOM   967  N N   . GLU A 1 166 ? 12.241  7.982   11.189  1.00 33.03 ? 1090 GLU A N   1 
ATOM   968  C CA  . GLU A 1 166 ? 11.404  7.320   10.175  1.00 35.24 ? 1090 GLU A CA  1 
ATOM   969  C C   . GLU A 1 166 ? 10.630  6.158   10.786  1.00 35.00 ? 1090 GLU A C   1 
ATOM   970  O O   . GLU A 1 166 ? 9.458   5.947   10.475  1.00 28.41 ? 1090 GLU A O   1 
ATOM   971  C CB  . GLU A 1 166 ? 12.270  6.848   9.038   1.00 37.27 ? 1090 GLU A CB  1 
ATOM   972  C CG  . GLU A 1 166 ? 12.821  7.959   8.191   1.00 39.07 ? 1090 GLU A CG  1 
ATOM   973  C CD  . GLU A 1 166 ? 13.978  7.500   7.341   1.00 44.46 ? 1090 GLU A CD  1 
ATOM   974  O OE1 . GLU A 1 166 ? 14.891  6.804   7.836   1.00 53.09 ? 1090 GLU A OE1 1 
ATOM   975  O OE2 . GLU A 1 166 ? 14.028  7.870   6.167   1.00 43.21 ? 1090 GLU A OE2 1 
ATOM   976  N N   . ALA A 1 167 ? 11.273  5.368   11.660  1.00 28.69 ? 1091 ALA A N   1 
ATOM   977  C CA  . ALA A 1 167 ? 10.586  4.338   12.336  1.00 28.64 ? 1091 ALA A CA  1 
ATOM   978  C C   . ALA A 1 167 ? 9.415   4.869   13.149  1.00 22.91 ? 1091 ALA A C   1 
ATOM   979  O O   . ALA A 1 167 ? 8.327   4.306   13.215  1.00 25.95 ? 1091 ALA A O   1 
ATOM   980  C CB  . ALA A 1 167 ? 11.600  3.623   13.282  1.00 30.91 ? 1091 ALA A CB  1 
ATOM   981  N N   . ARG A 1 168 ? 9.604   6.024   13.857  1.00 26.45 ? 1092 ARG A N   1 
ATOM   982  C CA  . ARG A 1 168 ? 8.567   6.573   14.636  1.00 27.46 ? 1092 ARG A CA  1 
ATOM   983  C C   . ARG A 1 168 ? 7.377   7.023   13.703  1.00 25.73 ? 1092 ARG A C   1 
ATOM   984  O O   . ARG A 1 168 ? 6.235   6.714   14.033  1.00 29.11 ? 1092 ARG A O   1 
ATOM   985  C CB  . ARG A 1 168 ? 9.086   7.836   15.402  1.00 34.55 ? 1092 ARG A CB  1 
ATOM   986  C CG  . ARG A 1 168 ? 8.065   8.387   16.379  1.00 37.29 ? 1092 ARG A CG  1 
ATOM   987  C CD  . ARG A 1 168 ? 8.522   9.773   16.942  1.00 42.96 ? 1092 ARG A CD  1 
ATOM   988  N NE  . ARG A 1 168 ? 8.667   10.687  15.810  1.00 56.31 ? 1092 ARG A NE  1 
ATOM   989  C CZ  . ARG A 1 168 ? 7.639   11.251  15.157  1.00 60.98 ? 1092 ARG A CZ  1 
ATOM   990  N NH1 . ARG A 1 168 ? 6.373   11.091  15.563  1.00 62.70 ? 1092 ARG A NH1 1 
ATOM   991  N NH2 . ARG A 1 168 ? 7.873   11.999  14.086  1.00 62.34 ? 1092 ARG A NH2 1 
ATOM   992  N N   . GLU A 1 169 ? 7.749   7.598   12.604  1.00 28.30 ? 1093 GLU A N   1 
ATOM   993  C CA  . GLU A 1 169 ? 6.753   8.092   11.575  1.00 30.93 ? 1093 GLU A CA  1 
ATOM   994  C C   . GLU A 1 169 ? 5.974   6.888   10.986  1.00 30.62 ? 1093 GLU A C   1 
ATOM   995  O O   . GLU A 1 169 ? 4.787   6.948   10.732  1.00 28.79 ? 1093 GLU A O   1 
ATOM   996  C CB  . GLU A 1 169 ? 7.451   8.820   10.446  1.00 30.82 ? 1093 GLU A CB  1 
ATOM   997  C CG  . GLU A 1 169 ? 7.973   10.219  10.776  1.00 40.93 ? 1093 GLU A CG  1 
ATOM   998  C CD  . GLU A 1 169 ? 8.873   10.742  9.672   1.00 42.22 ? 1093 GLU A CD  1 
ATOM   999  O OE1 . GLU A 1 169 ? 9.968   10.190  9.415   1.00 48.81 ? 1093 GLU A OE1 1 
ATOM   1000 O OE2 . GLU A 1 169 ? 8.449   11.666  8.985   1.00 50.68 ? 1093 GLU A OE2 1 
ATOM   1001 N N   . THR A 1 170 ? 6.649   5.780   10.853  1.00 29.41 ? 1094 THR A N   1 
ATOM   1002 C CA  . THR A 1 170 ? 6.032   4.546   10.337  1.00 26.32 ? 1094 THR A CA  1 
ATOM   1003 C C   . THR A 1 170 ? 4.961   4.071   11.232  1.00 24.47 ? 1094 THR A C   1 
ATOM   1004 O O   . THR A 1 170 ? 3.861   3.828   10.829  1.00 26.89 ? 1094 THR A O   1 
ATOM   1005 C CB  . THR A 1 170 ? 7.097   3.452   10.133  1.00 27.71 ? 1094 THR A CB  1 
ATOM   1006 O OG1 . THR A 1 170 ? 8.099   3.932   9.242   1.00 25.95 ? 1094 THR A OG1 1 
ATOM   1007 C CG2 . THR A 1 170 ? 6.468   2.220   9.546   1.00 30.11 ? 1094 THR A CG2 1 
ATOM   1008 N N   . ILE A 1 171 ? 5.259   4.007   12.568  1.00 24.63 ? 1095 ILE A N   1 
ATOM   1009 C CA  . ILE A 1 171 ? 4.256   3.628   13.499  1.00 26.40 ? 1095 ILE A CA  1 
ATOM   1010 C C   . ILE A 1 171 ? 3.163   4.701   13.655  1.00 27.18 ? 1095 ILE A C   1 
ATOM   1011 O O   . ILE A 1 171 ? 2.000   4.397   13.706  1.00 31.36 ? 1095 ILE A O   1 
ATOM   1012 C CB  . ILE A 1 171 ? 4.849   3.407   14.919  1.00 29.19 ? 1095 ILE A CB  1 
ATOM   1013 C CG1 . ILE A 1 171 ? 5.665   2.182   14.902  1.00 36.05 ? 1095 ILE A CG1 1 
ATOM   1014 C CG2 . ILE A 1 171 ? 3.716   3.205   15.910  1.00 34.35 ? 1095 ILE A CG2 1 
ATOM   1015 C CD1 . ILE A 1 171 ? 6.444   2.023   16.217  1.00 38.95 ? 1095 ILE A CD1 1 
ATOM   1016 N N   . GLN A 1 172 ? 3.521   5.975   13.811  1.00 29.44 ? 1096 GLN A N   1 
ATOM   1017 C CA  . GLN A 1 172 ? 2.560   7.056   14.006  1.00 33.04 ? 1096 GLN A CA  1 
ATOM   1018 C C   . GLN A 1 172 ? 1.570   7.116   12.820  1.00 32.68 ? 1096 GLN A C   1 
ATOM   1019 O O   . GLN A 1 172 ? 0.425   7.441   12.985  1.00 35.20 ? 1096 GLN A O   1 
ATOM   1020 C CB  . GLN A 1 172 ? 3.259   8.442   13.998  1.00 38.14 ? 1096 GLN A CB  1 
ATOM   1021 C CG  . GLN A 1 172 ? 4.069   8.894   15.208  1.00 56.72 ? 1096 GLN A CG  1 
ATOM   1022 C CD  . GLN A 1 172 ? 3.713   8.202   16.510  1.00 71.15 ? 1096 GLN A CD  1 
ATOM   1023 O OE1 . GLN A 1 172 ? 4.212   7.100   16.806  1.00 75.89 ? 1096 GLN A OE1 1 
ATOM   1024 N NE2 . GLN A 1 172 ? 2.870   8.856   17.315  1.00 78.19 ? 1096 GLN A NE2 1 
ATOM   1025 N N   . ALA A 1 173 ? 2.112   6.912   11.663  1.00 30.58 ? 1097 ALA A N   1 
ATOM   1026 C CA  . ALA A 1 173 ? 1.338   7.015   10.371  1.00 27.00 ? 1097 ALA A CA  1 
ATOM   1027 C C   . ALA A 1 173 ? 0.338   5.893   10.300  1.00 32.21 ? 1097 ALA A C   1 
ATOM   1028 O O   . ALA A 1 173 ? -0.762  6.126   9.757   1.00 32.39 ? 1097 ALA A O   1 
ATOM   1029 C CB  . ALA A 1 173 ? 2.221   7.045   9.203   1.00 31.25 ? 1097 ALA A CB  1 
ATOM   1030 N N   . GLY A 1 174 ? 0.615   4.709   10.881  1.00 27.99 ? 1098 GLY A N   1 
ATOM   1031 C CA  . GLY A 1 174 ? -0.213  3.546   10.801  1.00 27.52 ? 1098 GLY A CA  1 
ATOM   1032 C C   . GLY A 1 174 ? 0.135   2.599   9.681   1.00 28.62 ? 1098 GLY A C   1 
ATOM   1033 O O   . GLY A 1 174 ? -0.740  1.859   9.219   1.00 26.34 ? 1098 GLY A O   1 
ATOM   1034 N N   . MET A 1 175 ? 1.390   2.553   9.282   1.00 25.52 ? 1099 MET A N   1 
ATOM   1035 C CA  . MET A 1 175 ? 1.833   1.564   8.302   1.00 24.83 ? 1099 MET A CA  1 
ATOM   1036 C C   . MET A 1 175 ? 1.950   0.184   8.905   1.00 23.87 ? 1099 MET A C   1 
ATOM   1037 O O   . MET A 1 175 ? 2.045   0.063   10.138  1.00 28.54 ? 1099 MET A O   1 
ATOM   1038 C CB  . MET A 1 175 ? 3.162   1.913   7.694   1.00 26.88 ? 1099 MET A CB  1 
ATOM   1039 C CG  . MET A 1 175 ? 3.057   3.248   6.933   1.00 28.80 ? 1099 MET A CG  1 
ATOM   1040 S SD  . MET A 1 175 ? 4.572   4.032   6.654   1.00 27.49 ? 1099 MET A SD  1 
ATOM   1041 C CE  . MET A 1 175 ? 4.369   4.876   5.081   1.00 25.76 ? 1099 MET A CE  1 
ATOM   1042 N N   . ASP A 1 176 ? 1.857   -0.863  8.091   1.00 23.55 ? 1100 ASP A N   1 
ATOM   1043 C CA  . ASP A 1 176 ? 1.849   -2.212  8.598   1.00 25.28 ? 1100 ASP A CA  1 
ATOM   1044 C C   . ASP A 1 176 ? 3.165   -2.910  8.495   1.00 25.18 ? 1100 ASP A C   1 
ATOM   1045 O O   . ASP A 1 176 ? 3.375   -3.909  9.192   1.00 26.49 ? 1100 ASP A O   1 
ATOM   1046 C CB  . ASP A 1 176 ? 0.862   -3.024  7.776   1.00 29.37 ? 1100 ASP A CB  1 
ATOM   1047 C CG  . ASP A 1 176 ? -0.540  -2.606  7.976   1.00 33.57 ? 1100 ASP A CG  1 
ATOM   1048 O OD1 . ASP A 1 176 ? -1.112  -1.723  7.310   1.00 28.14 ? 1100 ASP A OD1 1 
ATOM   1049 O OD2 . ASP A 1 176 ? -1.163  -3.206  8.873   1.00 40.75 ? 1100 ASP A OD2 1 
ATOM   1050 N N   . ALA A 1 177 ? 4.020   -2.502  7.580   1.00 22.23 ? 1101 ALA A N   1 
ATOM   1051 C CA  . ALA A 1 177 ? 5.258   -3.124  7.286   1.00 22.59 ? 1101 ALA A CA  1 
ATOM   1052 C C   . ALA A 1 177 ? 6.113   -2.236  6.529   1.00 23.45 ? 1101 ALA A C   1 
ATOM   1053 O O   . ALA A 1 177 ? 5.712   -1.169  6.099   1.00 26.47 ? 1101 ALA A O   1 
ATOM   1054 C CB  . ALA A 1 177 ? 5.047   -4.485  6.564   1.00 23.42 ? 1101 ALA A CB  1 
ATOM   1055 N N   . PHE A 1 178 ? 7.408   -2.590  6.438   1.00 26.00 ? 1102 PHE A N   1 
ATOM   1056 C CA  . PHE A 1 178 ? 8.323   -1.923  5.545   1.00 26.97 ? 1102 PHE A CA  1 
ATOM   1057 C C   . PHE A 1 178 ? 9.151   -2.887  4.719   1.00 28.35 ? 1102 PHE A C   1 
ATOM   1058 O O   . PHE A 1 178 ? 9.411   -4.001  5.134   1.00 29.98 ? 1102 PHE A O   1 
ATOM   1059 C CB  . PHE A 1 178 ? 9.230   -0.951  6.332   1.00 29.39 ? 1102 PHE A CB  1 
ATOM   1060 C CG  . PHE A 1 178 ? 10.333  -1.595  7.067   0.80 29.65 ? 1102 PHE A CG  1 
ATOM   1061 C CD1 . PHE A 1 178 ? 10.139  -2.150  8.327   0.80 28.40 ? 1102 PHE A CD1 1 
ATOM   1062 C CD2 . PHE A 1 178 ? 11.547  -1.684  6.500   0.80 31.98 ? 1102 PHE A CD2 1 
ATOM   1063 C CE1 . PHE A 1 178 ? 11.195  -2.760  9.003   0.80 28.59 ? 1102 PHE A CE1 1 
ATOM   1064 C CE2 . PHE A 1 178 ? 12.603  -2.302  7.191   0.80 32.73 ? 1102 PHE A CE2 1 
ATOM   1065 C CZ  . PHE A 1 178 ? 12.419  -2.818  8.420   0.80 27.66 ? 1102 PHE A CZ  1 
ATOM   1066 N N   . LEU A 1 179 ? 9.472   -2.454  3.528   1.00 25.18 ? 1103 LEU A N   1 
ATOM   1067 C CA  . LEU A 1 179 ? 10.221  -3.190  2.501   1.00 28.05 ? 1103 LEU A CA  1 
ATOM   1068 C C   . LEU A 1 179 ? 11.227  -2.312  1.827   1.00 30.65 ? 1103 LEU A C   1 
ATOM   1069 O O   . LEU A 1 179 ? 11.035  -1.154  1.611   1.00 29.65 ? 1103 LEU A O   1 
ATOM   1070 C CB  . LEU A 1 179 ? 9.263   -3.656  1.359   1.00 34.95 ? 1103 LEU A CB  1 
ATOM   1071 C CG  . LEU A 1 179 ? 8.635   -5.000  1.419   1.00 40.13 ? 1103 LEU A CG  1 
ATOM   1072 C CD1 . LEU A 1 179 ? 7.892   -5.156  2.672   1.00 50.59 ? 1103 LEU A CD1 1 
ATOM   1073 C CD2 . LEU A 1 179 ? 7.692   -5.137  0.233   1.00 35.25 ? 1103 LEU A CD2 1 
ATOM   1074 N N   . ASP A 1 180 ? 12.330  -2.921  1.329   1.00 33.60 ? 1104 ASP A N   1 
ATOM   1075 C CA  . ASP A 1 180 ? 13.198  -2.167  0.400   1.00 36.50 ? 1104 ASP A CA  1 
ATOM   1076 C C   . ASP A 1 180 ? 12.621  -2.063  -0.956  1.00 36.65 ? 1104 ASP A C   1 
ATOM   1077 O O   . ASP A 1 180 ? 11.702  -2.781  -1.340  1.00 40.49 ? 1104 ASP A O   1 
ATOM   1078 C CB  . ASP A 1 180 ? 14.637  -2.730  0.318   1.00 38.86 ? 1104 ASP A CB  1 
ATOM   1079 C CG  . ASP A 1 180 ? 14.710  -4.052  -0.431  1.00 50.95 ? 1104 ASP A CG  1 
ATOM   1080 O OD1 . ASP A 1 180 ? 13.999  -4.253  -1.457  1.00 54.39 ? 1104 ASP A OD1 1 
ATOM   1081 O OD2 . ASP A 1 180 ? 15.491  -4.925  0.014   1.00 54.70 ? 1104 ASP A OD2 1 
ATOM   1082 N N   . LYS A 1 181 ? 13.169  -1.130  -1.724  1.00 41.31 ? 1105 LYS A N   1 
ATOM   1083 C CA  . LYS A 1 181 ? 12.670  -0.788  -3.042  1.00 45.14 ? 1105 LYS A CA  1 
ATOM   1084 C C   . LYS A 1 181 ? 12.582  -1.874  -4.095  1.00 44.22 ? 1105 LYS A C   1 
ATOM   1085 O O   . LYS A 1 181 ? 11.806  -1.735  -5.050  1.00 42.86 ? 1105 LYS A O   1 
ATOM   1086 C CB  . LYS A 1 181 ? 13.476  0.350   -3.647  1.00 50.79 ? 1105 LYS A CB  1 
ATOM   1087 C CG  . LYS A 1 181 ? 12.976  1.740   -3.319  1.00 51.13 ? 1105 LYS A CG  1 
ATOM   1088 C CD  . LYS A 1 181 ? 13.904  2.749   -4.020  1.00 58.63 ? 1105 LYS A CD  1 
ATOM   1089 C CE  . LYS A 1 181 ? 13.627  4.195   -3.623  1.00 65.24 ? 1105 LYS A CE  1 
ATOM   1090 N NZ  . LYS A 1 181 ? 14.849  5.067   -3.633  1.00 63.98 ? 1105 LYS A NZ  1 
ATOM   1091 N N   . SER A 1 182 ? 13.353  -2.942  -3.971  1.00 43.25 ? 1106 SER A N   1 
ATOM   1092 C CA  . SER A 1 182 ? 13.176  -4.058  -4.926  1.00 45.33 ? 1106 SER A CA  1 
ATOM   1093 C C   . SER A 1 182 ? 11.980  -4.926  -4.570  1.00 51.96 ? 1106 SER A C   1 
ATOM   1094 O O   . SER A 1 182 ? 11.596  -5.783  -5.363  1.00 56.14 ? 1106 SER A O   1 
ATOM   1095 C CB  . SER A 1 182 ? 14.411  -4.939  -4.995  1.00 46.54 ? 1106 SER A CB  1 
ATOM   1096 O OG  . SER A 1 182 ? 14.937  -5.119  -3.675  1.00 58.60 ? 1106 SER A OG  1 
ATOM   1097 N N   . LEU A 1 183 ? 11.377  -4.711  -3.391  1.00 42.59 ? 1107 LEU A N   1 
ATOM   1098 C CA  . LEU A 1 183 ? 10.352  -5.546  -2.917  1.00 39.24 ? 1107 LEU A CA  1 
ATOM   1099 C C   . LEU A 1 183 ? 10.855  -6.994  -2.773  1.00 41.52 ? 1107 LEU A C   1 
ATOM   1100 O O   . LEU A 1 183 ? 10.082  -7.938  -2.964  1.00 38.72 ? 1107 LEU A O   1 
ATOM   1101 C CB  . LEU A 1 183 ? 9.116   -5.498  -3.837  1.00 40.31 ? 1107 LEU A CB  1 
ATOM   1102 C CG  . LEU A 1 183 ? 8.167   -4.321  -3.639  1.00 44.70 ? 1107 LEU A CG  1 
ATOM   1103 C CD1 . LEU A 1 183 ? 8.904   -3.015  -3.485  1.00 40.46 ? 1107 LEU A CD1 1 
ATOM   1104 C CD2 . LEU A 1 183 ? 7.121   -4.320  -4.749  1.00 50.22 ? 1107 LEU A CD2 1 
ATOM   1105 N N   . ASN A 1 184 ? 12.123  -7.189  -2.435  1.00 47.14 ? 1108 ASN A N   1 
ATOM   1106 C CA  . ASN A 1 184 ? 12.645  -8.567  -2.387  1.00 47.16 ? 1108 ASN A CA  1 
ATOM   1107 C C   . ASN A 1 184 ? 11.953  -9.469  -1.384  1.00 50.13 ? 1108 ASN A C   1 
ATOM   1108 O O   . ASN A 1 184 ? 11.705  -10.634 -1.672  1.00 54.16 ? 1108 ASN A O   1 
ATOM   1109 C CB  . ASN A 1 184 ? 14.191  -8.594  -2.176  1.00 59.01 ? 1108 ASN A CB  1 
ATOM   1110 C CG  . ASN A 1 184 ? 14.960  -8.587  -3.498  1.00 58.04 ? 1108 ASN A CG  1 
ATOM   1111 O OD1 . ASN A 1 184 ? 14.366  -8.578  -4.594  1.00 62.49 ? 1108 ASN A OD1 1 
ATOM   1112 N ND2 . ASN A 1 184 ? 16.292  -8.587  -3.409  1.00 66.54 ? 1108 ASN A ND2 1 
ATOM   1113 N N   . GLN A 1 185 ? 11.561  -8.916  -0.251  1.00 35.91 ? 1109 GLN A N   1 
ATOM   1114 C CA  . GLN A 1 185 ? 10.918  -9.717  0.778   1.00 36.85 ? 1109 GLN A CA  1 
ATOM   1115 C C   . GLN A 1 185 ? 9.349   -9.661  0.705   1.00 34.97 ? 1109 GLN A C   1 
ATOM   1116 O O   . GLN A 1 185 ? 8.666   -10.105 1.612   1.00 35.08 ? 1109 GLN A O   1 
ATOM   1117 C CB  . GLN A 1 185 ? 11.364  -9.115  2.113   1.00 45.46 ? 1109 GLN A CB  1 
ATOM   1118 C CG  . GLN A 1 185 ? 12.805  -9.490  2.424   1.00 48.81 ? 1109 GLN A CG  1 
ATOM   1119 C CD  . GLN A 1 185 ? 12.865  -10.944 2.761   1.00 52.78 ? 1109 GLN A CD  1 
ATOM   1120 O OE1 . GLN A 1 185 ? 12.514  -11.325 3.879   1.00 65.22 ? 1109 GLN A OE1 1 
ATOM   1121 N NE2 . GLN A 1 185 ? 13.268  -11.778 1.804   1.00 58.20 ? 1109 GLN A NE2 1 
ATOM   1122 N N   . LEU A 1 186 ? 8.843   -9.282  -0.464  1.00 35.43 ? 1110 LEU A N   1 
ATOM   1123 C CA  . LEU A 1 186 ? 7.357   -8.994  -0.591  1.00 33.42 ? 1110 LEU A CA  1 
ATOM   1124 C C   . LEU A 1 186 ? 6.478   -10.122 -0.125  1.00 33.51 ? 1110 LEU A C   1 
ATOM   1125 O O   . LEU A 1 186 ? 5.579   -9.956  0.744   1.00 31.93 ? 1110 LEU A O   1 
ATOM   1126 C CB  . LEU A 1 186 ? 7.052   -8.600  -2.043  1.00 35.80 ? 1110 LEU A CB  1 
ATOM   1127 C CG  . LEU A 1 186 ? 5.623   -7.953  -2.216  1.00 41.18 ? 1110 LEU A CG  1 
ATOM   1128 C CD1 . LEU A 1 186 ? 5.738   -6.655  -2.963  1.00 45.97 ? 1110 LEU A CD1 1 
ATOM   1129 C CD2 . LEU A 1 186 ? 4.693   -8.882  -2.922  1.00 47.06 ? 1110 LEU A CD2 1 
ATOM   1130 N N   . ALA A 1 187 ? 6.681   -11.349 -0.651  1.00 35.02 ? 1111 ALA A N   1 
ATOM   1131 C CA  . ALA A 1 187 ? 5.872   -12.457 -0.176  1.00 34.65 ? 1111 ALA A CA  1 
ATOM   1132 C C   . ALA A 1 187 ? 5.944   -12.770 1.304   1.00 33.44 ? 1111 ALA A C   1 
ATOM   1133 O O   . ALA A 1 187 ? 4.906   -13.089 1.942   1.00 34.13 ? 1111 ALA A O   1 
ATOM   1134 C CB  . ALA A 1 187 ? 6.131   -13.762 -1.026  1.00 37.67 ? 1111 ALA A CB  1 
ATOM   1135 N N   . ASN A 1 188 ? 7.148   -12.729 1.858   1.00 39.24 ? 1112 ASN A N   1 
ATOM   1136 C CA  . ASN A 1 188 ? 7.301   -12.931 3.259   1.00 41.23 ? 1112 ASN A CA  1 
ATOM   1137 C C   . ASN A 1 188 ? 6.500   -11.923 4.072   1.00 32.80 ? 1112 ASN A C   1 
ATOM   1138 O O   . ASN A 1 188 ? 5.761   -12.318 4.937   1.00 36.61 ? 1112 ASN A O   1 
ATOM   1139 C CB  . ASN A 1 188 ? 8.785   -12.846 3.645   1.00 44.39 ? 1112 ASN A CB  1 
ATOM   1140 C CG  . ASN A 1 188 ? 9.585   -14.045 3.150   1.00 54.59 ? 1112 ASN A CG  1 
ATOM   1141 O OD1 . ASN A 1 188 ? 9.028   -15.100 2.833   1.00 52.07 ? 1112 ASN A OD1 1 
ATOM   1142 N ND2 . ASN A 1 188 ? 10.907  -13.868 3.047   1.00 58.32 ? 1112 ASN A ND2 1 
ATOM   1143 N N   . VAL A 1 189 ? 6.604   -10.672 3.707   1.00 33.77 ? 1113 VAL A N   1 
ATOM   1144 C CA  . VAL A 1 189 ? 5.904   -9.587  4.406   1.00 30.74 ? 1113 VAL A CA  1 
ATOM   1145 C C   . VAL A 1 189 ? 4.384   -9.791  4.300   1.00 28.60 ? 1113 VAL A C   1 
ATOM   1146 O O   . VAL A 1 189 ? 3.610   -9.757  5.262   1.00 27.45 ? 1113 VAL A O   1 
ATOM   1147 C CB  . VAL A 1 189 ? 6.406   -8.235  3.830   1.00 31.86 ? 1113 VAL A CB  1 
ATOM   1148 C CG1 . VAL A 1 189 ? 5.452   -7.082  4.120   1.00 35.34 ? 1113 VAL A CG1 1 
ATOM   1149 C CG2 . VAL A 1 189 ? 7.782   -7.977  4.477   1.00 33.57 ? 1113 VAL A CG2 1 
ATOM   1150 N N   . ILE A 1 190 ? 3.925   -10.087 3.076   1.00 26.97 ? 1114 ILE A N   1 
ATOM   1151 C CA  . ILE A 1 190 ? 2.434   -10.303 2.949   1.00 24.86 ? 1114 ILE A CA  1 
ATOM   1152 C C   . ILE A 1 190 ? 1.942   -11.465 3.795   1.00 25.72 ? 1114 ILE A C   1 
ATOM   1153 O O   . ILE A 1 190 ? 0.877   -11.412 4.439   1.00 26.69 ? 1114 ILE A O   1 
ATOM   1154 C CB  . ILE A 1 190 ? 2.015   -10.379 1.445   1.00 23.74 ? 1114 ILE A CB  1 
ATOM   1155 C CG1 . ILE A 1 190 ? 2.270   -9.058  0.727   1.00 26.46 ? 1114 ILE A CG1 1 
ATOM   1156 C CG2 . ILE A 1 190 ? 0.606   -10.843 1.294   1.00 24.50 ? 1114 ILE A CG2 1 
ATOM   1157 C CD1 . ILE A 1 190 ? 1.626   -7.854  1.242   1.00 35.19 ? 1114 ILE A CD1 1 
ATOM   1158 N N   . ARG A 1 191 ? 2.714   -12.568 3.766   1.00 30.86 ? 1115 ARG A N   1 
ATOM   1159 C CA  . ARG A 1 191 ? 2.270   -13.726 4.545   1.00 31.07 ? 1115 ARG A CA  1 
ATOM   1160 C C   . ARG A 1 191 ? 2.156   -13.405 6.049   1.00 29.48 ? 1115 ARG A C   1 
ATOM   1161 O O   . ARG A 1 191 ? 1.183   -13.824 6.671   1.00 32.58 ? 1115 ARG A O   1 
ATOM   1162 C CB  . ARG A 1 191 ? 3.239   -14.908 4.339   1.00 38.26 ? 1115 ARG A CB  1 
ATOM   1163 C CG  . ARG A 1 191 ? 3.016   -15.608 3.010   1.00 43.97 ? 1115 ARG A CG  1 
ATOM   1164 C CD  . ARG A 1 191 ? 3.408   -17.114 3.004   1.00 44.92 ? 1115 ARG A CD  1 
ATOM   1165 N NE  . ARG A 1 191 ? 3.119   -17.700 1.667   1.00 41.88 ? 1115 ARG A NE  1 
ATOM   1166 C CZ  . ARG A 1 191 ? 3.969   -17.612 0.640   1.00 39.56 ? 1115 ARG A CZ  1 
ATOM   1167 N NH1 . ARG A 1 191 ? 5.180   -17.000 0.775   1.00 35.96 ? 1115 ARG A NH1 1 
ATOM   1168 N NH2 . ARG A 1 191 ? 3.667   -18.152 -0.516  1.00 33.22 ? 1115 ARG A NH2 1 
ATOM   1169 N N   . GLU A 1 192 ? 3.115   -12.611 6.522   1.00 32.53 ? 1116 GLU A N   1 
ATOM   1170 C CA  . GLU A 1 192 ? 3.211   -12.095 7.931   1.00 36.99 ? 1116 GLU A CA  1 
ATOM   1171 C C   . GLU A 1 192 ? 2.045   -11.203 8.176   1.00 37.66 ? 1116 GLU A C   1 
ATOM   1172 O O   . GLU A 1 192 ? 1.360   -11.367 9.166   1.00 33.99 ? 1116 GLU A O   1 
ATOM   1173 C CB  . GLU A 1 192 ? 4.495   -11.334 8.196   1.00 42.20 ? 1116 GLU A CB  1 
ATOM   1174 C CG  . GLU A 1 192 ? 5.754   -12.205 8.157   1.00 52.44 ? 1116 GLU A CG  1 
ATOM   1175 C CD  . GLU A 1 192 ? 6.991   -11.373 8.439   1.00 58.62 ? 1116 GLU A CD  1 
ATOM   1176 O OE1 . GLU A 1 192 ? 7.260   -11.175 9.636   1.00 80.63 ? 1116 GLU A OE1 1 
ATOM   1177 O OE2 . GLU A 1 192 ? 7.681   -10.889 7.510   1.00 65.43 ? 1116 GLU A OE2 1 
ATOM   1178 N N   . ILE A 1 193 ? 1.711   -10.327 7.224   1.00 30.31 ? 1117 ILE A N   1 
ATOM   1179 C CA  . ILE A 1 193 ? 0.532   -9.513  7.471   1.00 26.70 ? 1117 ILE A CA  1 
ATOM   1180 C C   . ILE A 1 193 ? -0.737  -10.322 7.582   1.00 30.10 ? 1117 ILE A C   1 
ATOM   1181 O O   . ILE A 1 193 ? -1.627  -10.022 8.327   1.00 30.61 ? 1117 ILE A O   1 
ATOM   1182 C CB  . ILE A 1 193 ? 0.390   -8.419  6.353   1.00 27.45 ? 1117 ILE A CB  1 
ATOM   1183 C CG1 . ILE A 1 193 ? 1.500   -7.403  6.483   1.00 26.57 ? 1117 ILE A CG1 1 
ATOM   1184 C CG2 . ILE A 1 193 ? -0.993  -7.767  6.373   1.00 27.88 ? 1117 ILE A CG2 1 
ATOM   1185 C CD1 . ILE A 1 193 ? 1.714   -6.519  5.232   1.00 27.29 ? 1117 ILE A CD1 1 
ATOM   1186 N N   . GLU A 1 194 ? -0.890  -11.310 6.677   1.00 26.78 ? 1118 GLU A N   1 
ATOM   1187 C CA  . GLU A 1 194 ? -2.100  -12.108 6.648   1.00 29.97 ? 1118 GLU A CA  1 
ATOM   1188 C C   . GLU A 1 194 ? -2.232  -12.984 7.926   1.00 35.24 ? 1118 GLU A C   1 
ATOM   1189 O O   . GLU A 1 194 ? -3.347  -13.082 8.444   1.00 37.84 ? 1118 GLU A O   1 
ATOM   1190 C CB  . GLU A 1 194 ? -2.112  -12.969 5.387   1.00 33.57 ? 1118 GLU A CB  1 
ATOM   1191 C CG  . GLU A 1 194 ? -2.299  -12.140 4.125   1.00 32.90 ? 1118 GLU A CG  1 
ATOM   1192 C CD  . GLU A 1 194 ? -3.663  -11.507 4.085   1.00 34.91 ? 1118 GLU A CD  1 
ATOM   1193 O OE1 . GLU A 1 194 ? -4.630  -12.066 4.634   1.00 34.81 ? 1118 GLU A OE1 1 
ATOM   1194 O OE2 . GLU A 1 194 ? -3.821  -10.461 3.471   1.00 34.31 ? 1118 GLU A OE2 1 
ATOM   1195 N N   . SER A 1 195 ? -1.112  -13.471 8.432   1.00 34.60 ? 1119 SER A N   1 
ATOM   1196 C CA  . SER A 1 195 ? -1.106  -14.293 9.657   1.00 42.28 ? 1119 SER A CA  1 
ATOM   1197 C C   . SER A 1 195 ? -1.741  -13.536 10.821  1.00 49.01 ? 1119 SER A C   1 
ATOM   1198 O O   . SER A 1 195 ? -2.494  -14.112 11.618  1.00 62.19 ? 1119 SER A O   1 
ATOM   1199 C CB  . SER A 1 195 ? 0.294   -14.613 10.041  1.00 40.09 ? 1119 SER A CB  1 
ATOM   1200 O OG  . SER A 1 195 ? 0.803   -15.481 9.076   1.00 45.66 ? 1119 SER A OG  1 
ATOM   1201 N N   . LYS A 1 196 ? -1.450  -12.243 10.889  1.00 51.46 ? 1120 LYS A N   1 
ATOM   1202 C CA  . LYS A 1 196 ? -2.270  -11.296 11.667  1.00 48.94 ? 1120 LYS A CA  1 
ATOM   1203 C C   . LYS A 1 196 ? -3.460  -10.917 10.790  1.00 53.32 ? 1120 LYS A C   1 
ATOM   1204 O O   . LYS A 1 196 ? -4.620  -11.115 11.116  1.00 59.54 ? 1120 LYS A O   1 
ATOM   1205 C CB  . LYS A 1 196 ? -1.490  -10.019 11.970  1.00 51.89 ? 1120 LYS A CB  1 
ATOM   1206 C CG  . LYS A 1 196 ? 0.012   -10.138 12.124  1.00 53.75 ? 1120 LYS A CG  1 
ATOM   1207 C CD  . LYS A 1 196 ? 0.562   -8.829  12.682  1.00 70.11 ? 1120 LYS A CD  1 
ATOM   1208 C CE  . LYS A 1 196 ? 0.332   -8.704  14.197  1.00 82.44 ? 1120 LYS A CE  1 
ATOM   1209 N NZ  . LYS A 1 196 ? 0.053   -7.310  14.681  1.00 81.38 ? 1120 LYS A NZ  1 
HETATM 1210 O O   . HOH B 2 .   ? 12.125  -12.033 -3.466  1.00 60.29 ? 1201 HOH A O   1 
HETATM 1211 O O   . HOH B 2 .   ? -17.593 0.387   3.442   1.00 32.69 ? 1202 HOH A O   1 
HETATM 1212 O O   . HOH B 2 .   ? 0.205   17.855  2.820   1.00 37.32 ? 1203 HOH A O   1 
HETATM 1213 O O   . HOH B 2 .   ? -3.052  8.560   -10.685 1.00 37.37 ? 1204 HOH A O   1 
HETATM 1214 O O   . HOH B 2 .   ? -1.953  17.533  4.383   1.00 29.13 ? 1205 HOH A O   1 
HETATM 1215 O O   . HOH B 2 .   ? -22.898 -0.257  1.812   1.00 47.64 ? 1206 HOH A O   1 
HETATM 1216 O O   . HOH B 2 .   ? -5.189  -13.458 10.539  1.00 57.65 ? 1207 HOH A O   1 
HETATM 1217 O O   . HOH B 2 .   ? -3.600  -3.206  8.382   1.00 51.04 ? 1208 HOH A O   1 
HETATM 1218 O O   . HOH B 2 .   ? -8.268  -7.860  1.466   1.00 40.79 ? 1209 HOH A O   1 
HETATM 1219 O O   . HOH B 2 .   ? -15.094 -8.877  1.560   1.00 54.69 ? 1210 HOH A O   1 
HETATM 1220 O O   . HOH B 2 .   ? 4.524   15.277  3.867   1.00 30.65 ? 1211 HOH A O   1 
HETATM 1221 O O   . HOH B 2 .   ? 4.644   14.008  -4.594  1.00 42.71 ? 1212 HOH A O   1 
HETATM 1222 O O   . HOH B 2 .   ? 0.351   13.574  -8.905  1.00 33.03 ? 1213 HOH A O   1 
HETATM 1223 O O   . HOH B 2 .   ? 12.630  6.747   2.123   1.00 49.66 ? 1214 HOH A O   1 
HETATM 1224 O O   . HOH B 2 .   ? 10.732  5.601   -4.803  1.00 43.40 ? 1215 HOH A O   1 
HETATM 1225 O O   . HOH B 2 .   ? 8.112   15.471  1.335   1.00 40.57 ? 1216 HOH A O   1 
HETATM 1226 O O   . HOH B 2 .   ? -23.817 1.257   5.267   1.00 59.34 ? 1217 HOH A O   1 
HETATM 1227 O O   . HOH B 2 .   ? 9.461   3.604   7.079   1.00 44.68 ? 1218 HOH A O   1 
HETATM 1228 O O   . HOH B 2 .   ? 3.481   -3.939  -15.888 1.00 52.47 ? 1219 HOH A O   1 
HETATM 1229 O O   . HOH B 2 .   ? -11.727 12.103  -9.673  1.00 22.80 ? 1220 HOH A O   1 
HETATM 1230 O O   . HOH B 2 .   ? 7.981   1.814   -4.902  1.00 45.45 ? 1221 HOH A O   1 
HETATM 1231 O O   . HOH B 2 .   ? -6.041  -6.828  2.742   1.00 34.12 ? 1222 HOH A O   1 
HETATM 1232 O O   . HOH B 2 .   ? 11.827  7.195   4.885   1.00 50.99 ? 1223 HOH A O   1 
HETATM 1233 O O   . HOH B 2 .   ? -24.767 -2.692  -5.903  1.00 43.20 ? 1224 HOH A O   1 
HETATM 1234 O O   . HOH B 2 .   ? -18.611 8.207   1.445   1.00 40.63 ? 1225 HOH A O   1 
HETATM 1235 O O   . HOH B 2 .   ? -4.656  9.124   10.681  1.00 35.02 ? 1226 HOH A O   1 
HETATM 1236 O O   . HOH B 2 .   ? 10.562  8.133   -3.822  1.00 53.12 ? 1227 HOH A O   1 
HETATM 1237 O O   . HOH B 2 .   ? -0.610  15.145  9.970   1.00 45.39 ? 1228 HOH A O   1 
HETATM 1238 O O   . HOH B 2 .   ? -11.276 6.407   -8.726  1.00 25.22 ? 1229 HOH A O   1 
HETATM 1239 O O   . HOH B 2 .   ? 13.264  -5.430  2.911   1.00 48.87 ? 1230 HOH A O   1 
HETATM 1240 O O   . HOH B 2 .   ? 3.087   13.088  -2.778  1.00 26.14 ? 1231 HOH A O   1 
HETATM 1241 O O   . HOH B 2 .   ? -5.811  14.780  1.228   1.00 23.87 ? 1232 HOH A O   1 
HETATM 1242 O O   . HOH B 2 .   ? -5.835  -4.530  7.918   1.00 39.44 ? 1233 HOH A O   1 
HETATM 1243 O O   . HOH B 2 .   ? 1.737   -5.536  10.588  1.00 39.34 ? 1234 HOH A O   1 
HETATM 1244 O O   . HOH B 2 .   ? -13.442 9.336   8.058   1.00 39.64 ? 1235 HOH A O   1 
HETATM 1245 O O   . HOH B 2 .   ? -10.422 4.309   -7.056  1.00 20.53 ? 1236 HOH A O   1 
HETATM 1246 O O   . HOH B 2 .   ? -12.036 9.161   -10.810 1.00 42.93 ? 1237 HOH A O   1 
HETATM 1247 O O   . HOH B 2 .   ? -8.920  4.403   10.577  1.00 30.03 ? 1238 HOH A O   1 
HETATM 1248 O O   . HOH B 2 .   ? -4.825  15.382  12.042  1.00 59.10 ? 1239 HOH A O   1 
HETATM 1249 O O   . HOH B 2 .   ? 10.424  -5.875  -10.965 1.00 41.32 ? 1240 HOH A O   1 
HETATM 1250 O O   . HOH B 2 .   ? -3.833  -14.996 -3.588  1.00 24.36 ? 1241 HOH A O   1 
HETATM 1251 O O   . HOH B 2 .   ? -4.974  -8.421  4.856   1.00 35.88 ? 1242 HOH A O   1 
HETATM 1252 O O   . HOH B 2 .   ? -7.896  15.557  10.058  1.00 47.03 ? 1243 HOH A O   1 
HETATM 1253 O O   . HOH B 2 .   ? 4.830   12.971  7.359   1.00 34.38 ? 1244 HOH A O   1 
HETATM 1254 O O   . HOH B 2 .   ? 11.247  11.711  -3.942  1.00 49.06 ? 1245 HOH A O   1 
HETATM 1255 O O   . HOH B 2 .   ? -3.411  3.141   12.176  1.00 49.84 ? 1246 HOH A O   1 
HETATM 1256 O O   . HOH B 2 .   ? 13.349  -6.953  10.342  1.00 47.77 ? 1247 HOH A O   1 
HETATM 1257 O O   . HOH B 2 .   ? -7.980  2.190   9.314   1.00 28.92 ? 1248 HOH A O   1 
HETATM 1258 O O   . HOH B 2 .   ? 4.589   13.098  -8.527  1.00 41.76 ? 1249 HOH A O   1 
HETATM 1259 O O   . HOH B 2 .   ? 13.298  4.144   5.459   1.00 39.63 ? 1250 HOH A O   1 
HETATM 1260 O O   . HOH B 2 .   ? -0.316  -16.033 5.987   1.00 36.57 ? 1251 HOH A O   1 
HETATM 1261 O O   . HOH B 2 .   ? 6.576   9.321   -12.179 1.00 42.22 ? 1252 HOH A O   1 
HETATM 1262 O O   . HOH B 2 .   ? -2.600  -7.691  9.448   1.00 39.48 ? 1253 HOH A O   1 
HETATM 1263 O O   . HOH B 2 .   ? -2.744  6.896   11.541  1.00 38.84 ? 1254 HOH A O   1 
HETATM 1264 O O   . HOH B 2 .   ? -20.700 6.419   0.769   1.00 40.86 ? 1255 HOH A O   1 
HETATM 1265 O O   . HOH B 2 .   ? -7.736  -5.603  5.541   1.00 38.45 ? 1256 HOH A O   1 
HETATM 1266 O O   . HOH B 2 .   ? 0.682   2.046   14.409  1.00 49.02 ? 1257 HOH A O   1 
HETATM 1267 O O   . HOH B 2 .   ? 9.778   0.081   -5.644  1.00 34.45 ? 1258 HOH A O   1 
HETATM 1268 O O   . HOH B 2 .   ? -22.401 -6.271  0.656   1.00 42.95 ? 1259 HOH A O   1 
HETATM 1269 O O   . HOH B 2 .   ? -15.988 0.810   1.438   1.00 19.39 ? 1260 HOH A O   1 
HETATM 1270 O O   . HOH B 2 .   ? -13.542 0.618   -5.933  1.00 42.28 ? 1261 HOH A O   1 
HETATM 1271 O O   . HOH B 2 .   ? -3.075  2.651   -12.712 1.00 33.28 ? 1262 HOH A O   1 
HETATM 1272 O O   . HOH B 2 .   ? -4.363  14.487  -7.200  1.00 37.45 ? 1263 HOH A O   1 
HETATM 1273 O O   . HOH B 2 .   ? -19.429 -8.556  2.250   1.00 42.18 ? 1264 HOH A O   1 
HETATM 1274 O O   . HOH B 2 .   ? -7.956  -0.220  0.018   1.00 18.24 ? 1265 HOH A O   1 
HETATM 1275 O O   . HOH B 2 .   ? 18.599  2.480   10.254  1.00 53.33 ? 1266 HOH A O   1 
HETATM 1276 O O   . HOH B 2 .   ? -9.004  -10.015 -1.779  1.00 38.15 ? 1267 HOH A O   1 
HETATM 1277 O O   . HOH B 2 .   ? -10.527 -6.219  -12.406 1.00 59.65 ? 1268 HOH A O   1 
HETATM 1278 O O   . HOH B 2 .   ? -10.583 -5.866  -1.859  1.00 34.45 ? 1269 HOH A O   1 
HETATM 1279 O O   . HOH B 2 .   ? -6.666  13.941  -3.452  1.00 20.19 ? 1270 HOH A O   1 
HETATM 1280 O O   . HOH B 2 .   ? -6.079  -10.024 1.634   1.00 37.86 ? 1271 HOH A O   1 
HETATM 1281 O O   . HOH B 2 .   ? -17.087 -1.328  5.561   1.00 39.53 ? 1272 HOH A O   1 
HETATM 1282 O O   . HOH B 2 .   ? -13.229 5.112   -10.292 1.00 48.97 ? 1273 HOH A O   1 
HETATM 1283 O O   . HOH B 2 .   ? -0.890  -0.563  -13.568 1.00 49.43 ? 1274 HOH A O   1 
HETATM 1284 O O   . HOH B 2 .   ? -0.715  -5.941  9.733   1.00 41.02 ? 1275 HOH A O   1 
HETATM 1285 O O   . HOH B 2 .   ? -9.510  12.369  0.236   1.00 18.10 ? 1276 HOH A O   1 
HETATM 1286 O O   . HOH B 2 .   ? -8.737  2.975   -8.931  1.00 32.36 ? 1277 HOH A O   1 
HETATM 1287 O O   . HOH B 2 .   ? -14.748 -6.163  2.671   1.00 35.43 ? 1278 HOH A O   1 
HETATM 1288 O O   . HOH B 2 .   ? 15.773  -0.077  2.092   1.00 46.47 ? 1279 HOH A O   1 
HETATM 1289 O O   . HOH B 2 .   ? 9.117   13.807  -7.430  1.00 52.50 ? 1280 HOH A O   1 
HETATM 1290 O O   . HOH B 2 .   ? 10.872  6.457   -0.765  1.00 32.54 ? 1281 HOH A O   1 
HETATM 1291 O O   . HOH B 2 .   ? 19.951  1.050   4.732   1.00 58.88 ? 1282 HOH A O   1 
HETATM 1292 O O   . HOH B 2 .   ? 15.087  8.433   10.535  1.00 42.35 ? 1283 HOH A O   1 
HETATM 1293 O O   . HOH B 2 .   ? 12.116  7.976   17.270  1.00 42.24 ? 1284 HOH A O   1 
HETATM 1294 O O   . HOH B 2 .   ? 10.292  -4.102  12.031  1.00 33.11 ? 1285 HOH A O   1 
HETATM 1295 O O   . HOH B 2 .   ? 9.250   -8.030  11.635  1.00 39.71 ? 1286 HOH A O   1 
HETATM 1296 O O   . HOH B 2 .   ? -10.614 -4.041  6.637   1.00 31.69 ? 1287 HOH A O   1 
HETATM 1297 O O   . HOH B 2 .   ? 0.888   14.635  -3.218  1.00 25.17 ? 1288 HOH A O   1 
HETATM 1298 O O   . HOH B 2 .   ? 16.570  9.409   12.812  1.00 54.48 ? 1289 HOH A O   1 
HETATM 1299 O O   . HOH B 2 .   ? 9.457   -12.856 -0.063  1.00 50.12 ? 1290 HOH A O   1 
HETATM 1300 O O   . HOH B 2 .   ? -7.547  7.754   -12.522 1.00 43.13 ? 1291 HOH A O   1 
HETATM 1301 O O   . HOH B 2 .   ? -4.026  10.951  -12.908 1.00 45.18 ? 1292 HOH A O   1 
HETATM 1302 O O   . HOH B 2 .   ? -7.573  -21.624 -11.120 1.00 35.61 ? 1293 HOH A O   1 
HETATM 1303 O O   . HOH B 2 .   ? -0.477  9.245   -10.918 1.00 27.29 ? 1294 HOH A O   1 
HETATM 1304 O O   . HOH B 2 .   ? 8.937   -11.755 -2.681  1.00 45.65 ? 1295 HOH A O   1 
HETATM 1305 O O   . HOH B 2 .   ? -4.400  -4.552  -13.570 1.00 50.29 ? 1296 HOH A O   1 
HETATM 1306 O O   . HOH B 2 .   ? -10.652 -5.297  -4.170  1.00 52.09 ? 1297 HOH A O   1 
HETATM 1307 O O   . HOH B 2 .   ? 16.425  -4.499  5.399   1.00 47.74 ? 1298 HOH A O   1 
HETATM 1308 O O   . HOH B 2 .   ? 12.599  -6.099  0.607   1.00 43.79 ? 1299 HOH A O   1 
HETATM 1309 O O   . HOH B 2 .   ? 3.822   -15.715 8.388   1.00 60.28 ? 1300 HOH A O   1 
HETATM 1310 O O   . HOH B 2 .   ? -12.407 -5.934  0.401   1.00 31.39 ? 1301 HOH A O   1 
HETATM 1311 O O   . HOH B 2 .   ? -7.805  12.509  4.950   1.00 25.23 ? 1302 HOH A O   1 
HETATM 1312 O O   . HOH B 2 .   ? 5.689   1.877   -3.656  1.00 32.07 ? 1303 HOH A O   1 
HETATM 1313 O O   . HOH B 2 .   ? -5.702  -21.087 -14.306 1.00 55.54 ? 1304 HOH A O   1 
HETATM 1314 O O   . HOH B 2 .   ? -6.989  1.275   11.607  1.00 40.15 ? 1305 HOH A O   1 
HETATM 1315 O O   . HOH B 2 .   ? 18.558  7.562   13.434  1.00 49.99 ? 1306 HOH A O   1 
HETATM 1316 O O   . HOH B 2 .   ? 10.774  9.713   -12.109 1.00 32.40 ? 1307 HOH A O   1 
HETATM 1317 O O   . HOH B 2 .   ? -5.541  13.216  -11.697 1.00 41.82 ? 1308 HOH A O   1 
HETATM 1318 O O   . HOH B 2 .   ? 13.914  6.324   -0.812  1.00 55.62 ? 1309 HOH A O   1 
HETATM 1319 O O   . HOH B 2 .   ? 13.490  -0.116  -7.252  1.00 49.26 ? 1310 HOH A O   1 
HETATM 1320 O O   . HOH B 2 .   ? 8.636   18.557  -0.079  1.00 46.82 ? 1311 HOH A O   1 
HETATM 1321 O O   . HOH B 2 .   ? -5.119  -1.754  -14.181 1.00 58.69 ? 1312 HOH A O   1 
HETATM 1322 O O   . HOH B 2 .   ? 11.948  10.197  -7.469  1.00 55.32 ? 1313 HOH A O   1 
HETATM 1323 O O   . HOH B 2 .   ? -9.868  9.031   -12.907 1.00 65.11 ? 1314 HOH A O   1 
HETATM 1324 O O   . HOH B 2 .   ? -1.912  2.097   13.458  1.00 53.18 ? 1315 HOH A O   1 
HETATM 1325 O O   . HOH B 2 .   ? -7.350  5.283   12.375  1.00 46.41 ? 1316 HOH A O   1 
HETATM 1326 O O   . HOH B 2 .   ? 6.293   16.988  2.910   1.00 47.13 ? 1317 HOH A O   1 
HETATM 1327 O O   . HOH B 2 .   ? 11.035  13.424  -1.681  1.00 47.03 ? 1318 HOH A O   1 
HETATM 1328 O O   . HOH B 2 .   ? 1.405   7.561   -12.344 1.00 45.81 ? 1319 HOH A O   1 
HETATM 1329 O O   . HOH B 2 .   ? 1.132   -20.395 2.761   1.00 61.99 ? 1320 HOH A O   1 
HETATM 1330 O O   . HOH B 2 .   ? -9.709  6.780   -11.277 1.00 50.09 ? 1321 HOH A O   1 
HETATM 1331 O O   . HOH B 2 .   ? 2.140   9.447   -14.111 1.00 54.07 ? 1322 HOH A O   1 
HETATM 1332 O O   . HOH B 2 .   ? 17.116  5.902   -0.197  1.00 52.70 ? 1323 HOH A O   1 
HETATM 1333 O O   . HOH B 2 .   ? 13.168  8.782   -5.703  1.00 53.27 ? 1324 HOH A O   1 
HETATM 1334 O O   . HOH B 2 .   ? 2.582   15.050  -8.601  1.00 43.93 ? 1325 HOH A O   1 
HETATM 1335 O O   . HOH B 2 .   ? -4.309  -7.159  11.584  1.00 54.53 ? 1326 HOH A O   1 
HETATM 1336 O O   . HOH B 2 .   ? 4.649   15.599  6.865   1.00 51.95 ? 1327 HOH A O   1 
HETATM 1337 O O   . HOH B 2 .   ? 5.324   -21.790 -0.280  1.00 60.31 ? 1328 HOH A O   1 
HETATM 1338 O O   . HOH B 2 .   ? 11.311  2.241   5.866   1.00 41.01 ? 1329 HOH A O   1 
HETATM 1339 O O   . HOH B 2 .   ? -14.608 10.238  9.935   1.00 46.90 ? 1330 HOH A O   1 
HETATM 1340 O O   . HOH B 2 .   ? -4.536  -7.210  7.343   1.00 42.99 ? 1331 HOH A O   1 
HETATM 1341 O O   . HOH B 2 .   ? 17.220  -9.913  0.516   1.00 53.68 ? 1332 HOH A O   1 
HETATM 1342 O O   . HOH B 2 .   ? -2.988  10.774  12.099  1.00 48.70 ? 1333 HOH A O   1 
HETATM 1343 O O   . HOH B 2 .   ? -1.134  -15.831 3.508   1.00 36.81 ? 1334 HOH A O   1 
HETATM 1344 O O   . HOH B 2 .   ? 7.727   7.366   19.532  1.00 49.35 ? 1335 HOH A O   1 
HETATM 1345 O O   . HOH B 2 .   ? -7.003  -5.562  10.200  1.00 54.59 ? 1336 HOH A O   1 
HETATM 1346 O O   . HOH B 2 .   ? -12.856 -4.928  4.994   1.00 46.25 ? 1337 HOH A O   1 
# 
